data_6S54
#
_entry.id   6S54
#
_cell.length_a   92.022
_cell.length_b   94.544
_cell.length_c   242.218
_cell.angle_alpha   90.000
_cell.angle_beta   90.000
_cell.angle_gamma   90.000
#
_symmetry.space_group_name_H-M   'P 21 21 21'
#
loop_
_entity.id
_entity.type
_entity.pdbx_description
1 polymer 'Aspartate aminotransferase family protein'
2 non-polymer "PYRIDOXAL-5'-PHOSPHATE"
3 non-polymer GLYCEROL
4 non-polymer 'SULFATE ION'
5 water water
#
_entity_poly.entity_id   1
_entity_poly.type   'polypeptide(L)'
_entity_poly.pdbx_seq_one_letter_code
;MGSSHHHHHHSSGLVPRGSHMEFKRSNSNNKAWLKEHNTVHMMHPMQDPKALHEQRPLIIQSGKGVHITDVDGRRFIDCQ
GGLWCVNAGYGRREIIDAVTRQMEELAYYSLFPGSTNAPAIALSQKLTEVAAEEGMVKASFGLGGSDAVETALKIARQYW
KLEGQPDKVKFVSLYNGYHGLNFGGMSACGGNAWKSSYEPLMPGFFQVESPHLYRNPFTNDPEELAEICAQILERQIEMQ
APGTVAALIAEPIQGAGGVIVPPASYWPRLRQICDKYDILLIADEVITGLGRSGSLFGSRGWGVKPDIMCLAKGISSGYV
PLSATLVNSRVARAWERDAGFTSVYMHGYTYSGHPVSCAAALAAIDIVLQENLAENARVVGDYFLEKLLILKDKHRAIGD
VRGKGLMLAVELVKERATKEPFGPADAYPLAISEACVNNGVMIRTIVNKLIISPPLTFTTEHVDEVIEVLDRAFVANPW
;
_entity_poly.pdbx_strand_id   A,B,C,D
#
# COMPACT_ATOMS: atom_id res chain seq x y z
N ASN A 27 -0.14 -37.05 30.02
CA ASN A 27 0.61 -37.02 28.77
C ASN A 27 1.77 -36.06 28.88
N SER A 28 1.58 -34.97 29.62
CA SER A 28 2.65 -34.03 29.91
C SER A 28 3.68 -34.59 30.88
N ASN A 29 3.46 -35.81 31.39
CA ASN A 29 4.39 -36.52 32.25
C ASN A 29 4.84 -37.85 31.66
N ASN A 30 4.62 -38.05 30.36
CA ASN A 30 4.91 -39.30 29.67
C ASN A 30 6.04 -39.06 28.68
N LYS A 31 7.26 -39.43 29.08
CA LYS A 31 8.45 -39.12 28.28
C LYS A 31 8.39 -39.70 26.87
N ALA A 32 8.12 -41.01 26.74
CA ALA A 32 8.17 -41.62 25.40
C ALA A 32 7.08 -41.04 24.49
N TRP A 33 5.90 -40.75 25.05
CA TRP A 33 4.86 -40.06 24.28
C TRP A 33 5.35 -38.69 23.83
N LEU A 34 5.90 -37.89 24.76
CA LEU A 34 6.41 -36.56 24.41
C LEU A 34 7.41 -36.65 23.26
N LYS A 35 8.29 -37.66 23.33
CA LYS A 35 9.34 -37.81 22.33
C LYS A 35 8.77 -38.19 20.97
N GLU A 36 7.77 -39.07 20.96
CA GLU A 36 7.18 -39.48 19.69
C GLU A 36 6.29 -38.40 19.07
N HIS A 37 5.68 -37.53 19.87
CA HIS A 37 4.85 -36.47 19.27
C HIS A 37 5.59 -35.13 19.14
N ASN A 38 6.83 -35.02 19.63
CA ASN A 38 7.66 -33.82 19.50
C ASN A 38 7.71 -33.34 18.05
N THR A 39 7.14 -32.16 17.77
CA THR A 39 7.15 -31.44 16.49
C THR A 39 6.12 -31.98 15.50
N VAL A 40 5.50 -33.13 15.76
CA VAL A 40 4.73 -33.82 14.73
C VAL A 40 3.51 -33.02 14.36
N HIS A 41 2.86 -32.42 15.37
CA HIS A 41 1.61 -31.70 15.17
C HIS A 41 1.80 -30.18 15.27
N MET A 42 3.03 -29.68 15.15
CA MET A 42 3.28 -28.29 15.52
C MET A 42 4.03 -27.54 14.42
N MET A 43 3.69 -26.24 14.25
CA MET A 43 4.44 -25.33 13.37
C MET A 43 5.42 -24.53 14.24
N HIS A 44 6.67 -25.02 14.32
CA HIS A 44 7.70 -24.42 15.17
C HIS A 44 8.20 -23.06 14.65
N PRO A 45 8.32 -22.07 15.52
CA PRO A 45 8.82 -20.75 15.07
C PRO A 45 10.23 -20.80 14.46
N MET A 46 10.40 -20.09 13.34
CA MET A 46 11.68 -19.75 12.75
C MET A 46 12.40 -20.97 12.15
N GLN A 47 11.66 -22.02 11.79
CA GLN A 47 12.31 -23.27 11.42
C GLN A 47 11.65 -23.88 10.18
N ASP A 48 12.45 -24.62 9.43
CA ASP A 48 11.97 -25.47 8.34
C ASP A 48 11.49 -26.80 8.89
N PRO A 49 10.22 -27.16 8.70
CA PRO A 49 9.73 -28.44 9.25
C PRO A 49 10.48 -29.64 8.71
N LYS A 50 11.09 -29.52 7.53
CA LYS A 50 11.85 -30.64 6.97
C LYS A 50 12.97 -31.04 7.92
N ALA A 51 13.58 -30.05 8.57
CA ALA A 51 14.74 -30.29 9.42
C ALA A 51 14.38 -31.07 10.68
N LEU A 52 13.14 -30.98 11.14
CA LEU A 52 12.72 -31.45 12.46
C LEU A 52 12.35 -32.94 12.50
N HIS A 53 12.18 -33.59 11.34
CA HIS A 53 11.93 -35.04 11.35
C HIS A 53 13.07 -35.78 12.04
N GLU A 54 14.32 -35.43 11.73
CA GLU A 54 15.51 -36.06 12.32
C GLU A 54 16.15 -35.22 13.43
N GLN A 55 16.16 -33.88 13.34
CA GLN A 55 16.83 -33.05 14.35
C GLN A 55 15.75 -32.52 15.28
N ARG A 56 15.49 -33.27 16.31
CA ARG A 56 14.42 -33.00 17.23
C ARG A 56 14.90 -32.08 18.34
N PRO A 57 14.12 -31.06 18.66
CA PRO A 57 14.53 -30.12 19.71
C PRO A 57 14.46 -30.81 21.06
N LEU A 58 15.22 -30.28 22.01
CA LEU A 58 15.19 -30.78 23.37
C LEU A 58 13.88 -30.42 24.06
N ILE A 59 13.28 -31.40 24.71
CA ILE A 59 12.06 -31.18 25.46
C ILE A 59 12.47 -30.76 26.86
N ILE A 60 12.37 -29.45 27.13
CA ILE A 60 12.74 -28.91 28.43
C ILE A 60 11.61 -29.15 29.42
N GLN A 61 11.94 -29.78 30.52
CA GLN A 61 10.95 -30.29 31.46
C GLN A 61 10.85 -29.41 32.70
N SER A 62 11.97 -28.95 33.25
CA SER A 62 11.89 -28.17 34.49
C SER A 62 12.97 -27.09 34.50
N GLY A 63 12.77 -26.10 35.38
CA GLY A 63 13.76 -25.07 35.57
C GLY A 63 13.88 -24.73 37.05
N LYS A 64 15.09 -24.46 37.52
CA LYS A 64 15.31 -23.97 38.87
C LYS A 64 16.49 -23.00 38.89
N GLY A 65 16.23 -21.75 39.30
CA GLY A 65 17.30 -20.75 39.44
C GLY A 65 17.72 -20.34 38.06
N VAL A 66 18.99 -20.58 37.69
CA VAL A 66 19.41 -20.29 36.33
C VAL A 66 19.59 -21.57 35.52
N HIS A 67 19.18 -22.73 36.06
CA HIS A 67 19.33 -24.00 35.39
C HIS A 67 18.00 -24.48 34.86
N ILE A 68 18.06 -25.27 33.77
CA ILE A 68 16.92 -25.99 33.22
C ILE A 68 17.31 -27.45 33.02
N THR A 69 16.32 -28.33 33.03
CA THR A 69 16.49 -29.77 32.91
C THR A 69 15.55 -30.34 31.86
N ASP A 70 16.09 -31.17 30.96
CA ASP A 70 15.28 -31.75 29.90
C ASP A 70 14.62 -33.06 30.37
N VAL A 71 13.79 -33.66 29.51
CA VAL A 71 13.00 -34.84 29.93
C VAL A 71 13.88 -36.02 30.31
N ASP A 72 15.12 -36.05 29.84
CA ASP A 72 16.09 -37.10 30.11
C ASP A 72 16.96 -36.82 31.33
N GLY A 73 16.71 -35.73 32.06
CA GLY A 73 17.44 -35.38 33.27
C GLY A 73 18.74 -34.62 33.06
N ARG A 74 19.06 -34.24 31.83
CA ARG A 74 20.20 -33.41 31.50
C ARG A 74 19.98 -31.99 32.02
N ARG A 75 20.96 -31.47 32.75
CA ARG A 75 20.89 -30.16 33.38
C ARG A 75 21.76 -29.18 32.62
N PHE A 76 21.26 -27.95 32.43
CA PHE A 76 21.99 -26.92 31.71
C PHE A 76 21.92 -25.60 32.45
N ILE A 77 22.99 -24.82 32.38
CA ILE A 77 22.86 -23.40 32.62
C ILE A 77 22.12 -22.76 31.45
N ASP A 78 21.02 -22.07 31.74
CA ASP A 78 20.20 -21.54 30.67
C ASP A 78 20.71 -20.17 30.29
N CYS A 79 21.65 -20.13 29.35
CA CYS A 79 22.16 -18.84 28.87
C CYS A 79 21.19 -18.13 27.96
N GLN A 80 20.10 -18.79 27.53
CA GLN A 80 19.06 -18.13 26.74
C GLN A 80 18.12 -17.31 27.62
N GLY A 81 18.11 -17.56 28.93
CA GLY A 81 17.18 -16.91 29.81
C GLY A 81 15.76 -17.06 29.29
N GLY A 82 15.42 -18.33 28.97
CA GLY A 82 14.20 -18.64 28.26
C GLY A 82 14.30 -18.14 26.84
N LEU A 83 13.86 -16.91 26.63
CA LEU A 83 14.07 -16.29 25.34
C LEU A 83 14.15 -14.80 25.69
N TRP A 84 15.23 -14.45 26.38
CA TRP A 84 15.48 -13.10 26.89
C TRP A 84 14.41 -12.67 27.88
N CYS A 85 13.74 -13.59 28.59
CA CYS A 85 12.59 -13.12 29.35
C CYS A 85 12.45 -13.66 30.77
N VAL A 86 13.08 -14.78 31.13
CA VAL A 86 12.98 -15.27 32.50
C VAL A 86 13.99 -14.46 33.32
N ASN A 87 13.70 -13.16 33.50
CA ASN A 87 14.69 -12.28 34.06
C ASN A 87 14.89 -12.53 35.55
N ALA A 88 13.87 -13.02 36.24
CA ALA A 88 13.97 -13.22 37.68
C ALA A 88 14.42 -14.61 38.06
N GLY A 89 14.68 -15.49 37.09
CA GLY A 89 14.99 -16.88 37.32
C GLY A 89 13.74 -17.77 37.42
N TYR A 90 14.00 -19.09 37.40
CA TYR A 90 12.95 -20.10 37.46
C TYR A 90 12.63 -20.40 38.91
N GLY A 91 11.42 -20.87 39.16
CA GLY A 91 11.04 -21.37 40.47
C GLY A 91 10.76 -20.30 41.50
N ARG A 92 10.46 -19.06 41.09
CA ARG A 92 10.22 -17.96 42.03
C ARG A 92 8.86 -18.12 42.71
N ARG A 93 8.87 -18.48 44.01
CA ARG A 93 7.61 -18.65 44.76
C ARG A 93 6.77 -17.38 44.73
N GLU A 94 7.42 -16.21 44.76
CA GLU A 94 6.67 -14.95 44.79
C GLU A 94 5.70 -14.86 43.62
N ILE A 95 6.18 -15.24 42.43
CA ILE A 95 5.36 -15.12 41.23
C ILE A 95 4.34 -16.26 41.19
N ILE A 96 4.78 -17.46 41.53
CA ILE A 96 3.87 -18.61 41.51
C ILE A 96 2.68 -18.34 42.43
N ASP A 97 2.97 -17.88 43.65
CA ASP A 97 1.90 -17.67 44.63
C ASP A 97 0.99 -16.53 44.21
N ALA A 98 1.56 -15.42 43.71
CA ALA A 98 0.72 -14.34 43.20
C ALA A 98 -0.25 -14.87 42.15
N VAL A 99 0.27 -15.71 41.25
CA VAL A 99 -0.55 -16.22 40.16
C VAL A 99 -1.68 -17.08 40.71
N THR A 100 -1.32 -18.05 41.55
CA THR A 100 -2.32 -18.94 42.14
C THR A 100 -3.42 -18.16 42.86
N ARG A 101 -3.03 -17.23 43.73
CA ARG A 101 -4.01 -16.51 44.55
C ARG A 101 -4.96 -15.69 43.68
N GLN A 102 -4.40 -15.02 42.67
CA GLN A 102 -5.26 -14.22 41.79
C GLN A 102 -6.19 -15.13 41.00
N MET A 103 -5.68 -16.28 40.54
CA MET A 103 -6.51 -17.18 39.75
C MET A 103 -7.62 -17.81 40.60
N GLU A 104 -7.36 -18.01 41.90
CA GLU A 104 -8.39 -18.50 42.81
C GLU A 104 -9.47 -17.43 43.00
N GLU A 105 -9.08 -16.15 43.05
CA GLU A 105 -10.03 -15.08 43.32
C GLU A 105 -10.83 -14.73 42.08
N LEU A 106 -10.14 -14.41 40.99
CA LEU A 106 -10.78 -14.01 39.73
C LEU A 106 -9.82 -14.36 38.60
N ALA A 107 -10.18 -15.38 37.82
CA ALA A 107 -9.32 -15.85 36.73
C ALA A 107 -9.20 -14.79 35.63
N TYR A 108 -10.29 -14.09 35.33
CA TYR A 108 -10.31 -13.13 34.24
C TYR A 108 -11.52 -12.19 34.37
N TYR A 109 -11.31 -10.89 34.11
CA TYR A 109 -12.38 -10.02 33.62
C TYR A 109 -11.76 -8.87 32.85
N SER A 110 -12.50 -8.35 31.88
CA SER A 110 -11.95 -7.43 30.92
C SER A 110 -11.92 -5.97 31.43
N LEU A 111 -11.21 -5.15 30.66
CA LEU A 111 -11.19 -3.70 30.80
C LEU A 111 -12.10 -3.03 29.78
N PHE A 112 -12.99 -3.80 29.16
CA PHE A 112 -13.90 -3.32 28.12
C PHE A 112 -15.02 -2.49 28.74
N PRO A 113 -15.77 -1.72 27.92
CA PRO A 113 -16.77 -0.80 28.51
C PRO A 113 -17.57 -1.40 29.66
N GLY A 114 -17.50 -0.76 30.84
CA GLY A 114 -18.27 -1.16 31.99
C GLY A 114 -17.49 -1.84 33.09
N SER A 115 -16.28 -2.34 32.81
CA SER A 115 -15.56 -3.10 33.82
C SER A 115 -14.06 -2.84 33.80
N THR A 116 -13.43 -3.21 34.92
CA THR A 116 -11.99 -3.24 35.07
C THR A 116 -11.67 -4.27 36.15
N ASN A 117 -10.38 -4.46 36.43
CA ASN A 117 -10.01 -5.36 37.52
C ASN A 117 -8.86 -4.74 38.33
N ALA A 118 -8.70 -5.26 39.54
CA ALA A 118 -7.79 -4.64 40.51
C ALA A 118 -6.31 -4.84 40.14
N PRO A 119 -5.84 -6.05 39.81
CA PRO A 119 -4.42 -6.15 39.44
C PRO A 119 -4.07 -5.25 38.27
N ALA A 120 -4.98 -5.08 37.30
CA ALA A 120 -4.71 -4.19 36.17
C ALA A 120 -4.53 -2.73 36.64
N ILE A 121 -5.38 -2.26 37.56
CA ILE A 121 -5.24 -0.91 38.09
C ILE A 121 -3.90 -0.78 38.79
N ALA A 122 -3.59 -1.76 39.66
CA ALA A 122 -2.35 -1.74 40.43
C ALA A 122 -1.12 -1.73 39.52
N LEU A 123 -1.11 -2.58 38.50
CA LEU A 123 0.04 -2.68 37.59
C LEU A 123 0.19 -1.42 36.75
N SER A 124 -0.93 -0.83 36.32
CA SER A 124 -0.86 0.44 35.59
C SER A 124 -0.19 1.50 36.45
N GLN A 125 -0.56 1.54 37.74
CA GLN A 125 0.06 2.56 38.58
C GLN A 125 1.55 2.23 38.82
N LYS A 126 1.87 0.94 39.04
CA LYS A 126 3.25 0.54 39.28
C LYS A 126 4.15 0.87 38.09
N LEU A 127 3.65 0.66 36.86
CA LEU A 127 4.49 0.89 35.69
C LEU A 127 4.73 2.37 35.50
N THR A 128 3.70 3.19 35.72
CA THR A 128 3.93 4.64 35.60
C THR A 128 4.85 5.14 36.70
N GLU A 129 4.82 4.51 37.86
CA GLU A 129 5.77 4.88 38.91
C GLU A 129 7.19 4.51 38.50
N VAL A 130 7.40 3.27 38.03
CA VAL A 130 8.74 2.78 37.73
C VAL A 130 9.33 3.55 36.56
N ALA A 131 8.49 3.97 35.60
CA ALA A 131 8.97 4.77 34.48
C ALA A 131 8.65 6.26 34.68
N ALA A 132 8.57 6.75 35.92
CA ALA A 132 8.37 8.19 36.15
C ALA A 132 9.46 9.01 35.48
N GLU A 133 10.72 8.56 35.56
CA GLU A 133 11.84 9.28 34.97
C GLU A 133 11.61 9.58 33.50
N GLU A 134 11.02 8.64 32.76
CA GLU A 134 10.76 8.82 31.34
C GLU A 134 9.46 9.61 31.13
N GLY A 135 8.70 9.87 32.19
CA GLY A 135 7.49 10.66 32.02
C GLY A 135 6.27 9.87 31.58
N MET A 136 6.23 8.56 31.84
CA MET A 136 5.14 7.73 31.36
C MET A 136 3.93 7.89 32.26
N VAL A 137 2.78 8.16 31.68
CA VAL A 137 1.58 8.37 32.47
C VAL A 137 0.47 7.38 32.15
N LYS A 138 0.47 6.74 30.97
CA LYS A 138 -0.58 5.77 30.71
C LYS A 138 -0.01 4.49 30.13
N ALA A 139 -0.69 3.39 30.44
CA ALA A 139 -0.35 2.03 29.99
C ALA A 139 -1.50 1.44 29.19
N SER A 140 -1.17 0.88 28.02
CA SER A 140 -2.06 0.07 27.22
C SER A 140 -1.53 -1.37 27.26
N PHE A 141 -2.33 -2.31 27.77
CA PHE A 141 -1.83 -3.66 27.99
C PHE A 141 -2.07 -4.55 26.78
N GLY A 142 -1.15 -5.50 26.61
CA GLY A 142 -1.25 -6.55 25.63
C GLY A 142 -0.62 -7.82 26.17
N LEU A 143 -0.18 -8.70 25.28
CA LEU A 143 0.23 -10.02 25.73
C LEU A 143 1.66 -10.38 25.39
N GLY A 144 2.28 -9.73 24.41
CA GLY A 144 3.67 -9.97 24.05
C GLY A 144 4.22 -8.78 23.31
N GLY A 145 5.47 -8.90 22.91
CA GLY A 145 6.16 -7.75 22.33
C GLY A 145 5.55 -7.29 21.02
N SER A 146 5.13 -8.24 20.19
CA SER A 146 4.51 -7.89 18.91
C SER A 146 3.25 -7.06 19.14
N ASP A 147 2.49 -7.39 20.20
CA ASP A 147 1.32 -6.58 20.53
C ASP A 147 1.75 -5.20 21.01
N ALA A 148 2.83 -5.13 21.81
CA ALA A 148 3.29 -3.84 22.32
C ALA A 148 3.67 -2.92 21.17
N VAL A 149 4.33 -3.48 20.16
CA VAL A 149 4.77 -2.69 19.02
C VAL A 149 3.58 -2.24 18.20
N GLU A 150 2.70 -3.18 17.87
CA GLU A 150 1.51 -2.83 17.13
C GLU A 150 0.72 -1.75 17.86
N THR A 151 0.59 -1.88 19.17
CA THR A 151 -0.10 -0.87 19.96
C THR A 151 0.57 0.50 19.82
N ALA A 152 1.91 0.54 19.94
CA ALA A 152 2.64 1.79 19.81
C ALA A 152 2.35 2.45 18.47
N LEU A 153 2.37 1.66 17.40
CA LEU A 153 2.15 2.17 16.04
C LEU A 153 0.72 2.72 15.88
N LYS A 154 -0.25 2.00 16.44
CA LYS A 154 -1.63 2.45 16.39
C LYS A 154 -1.82 3.74 17.20
N ILE A 155 -1.21 3.81 18.39
CA ILE A 155 -1.29 5.00 19.22
C ILE A 155 -0.70 6.20 18.46
N ALA A 156 0.45 6.00 17.80
CA ALA A 156 1.09 7.12 17.06
C ALA A 156 0.18 7.64 15.95
N ARG A 157 -0.42 6.73 15.17
CA ARG A 157 -1.26 7.18 14.06
C ARG A 157 -2.49 7.93 14.58
N GLN A 158 -3.14 7.38 15.61
CA GLN A 158 -4.32 8.04 16.17
C GLN A 158 -3.92 9.38 16.80
N TYR A 159 -2.78 9.41 17.51
CA TYR A 159 -2.23 10.63 18.08
C TYR A 159 -2.16 11.72 17.02
N TRP A 160 -1.57 11.42 15.87
CA TRP A 160 -1.42 12.49 14.89
C TRP A 160 -2.76 12.84 14.24
N LYS A 161 -3.71 11.90 14.16
CA LYS A 161 -5.04 12.32 13.70
C LYS A 161 -5.67 13.26 14.72
N LEU A 162 -5.48 12.97 16.02
CA LEU A 162 -6.05 13.80 17.07
C LEU A 162 -5.49 15.22 17.05
N GLU A 163 -4.21 15.35 16.75
CA GLU A 163 -3.51 16.62 16.71
C GLU A 163 -3.75 17.36 15.41
N GLY A 164 -4.66 16.90 14.58
CA GLY A 164 -4.96 17.58 13.34
C GLY A 164 -3.88 17.47 12.27
N GLN A 165 -3.09 16.40 12.28
CA GLN A 165 -2.11 16.14 11.23
C GLN A 165 -2.24 14.69 10.76
N PRO A 166 -3.35 14.36 10.10
CA PRO A 166 -3.58 12.96 9.73
C PRO A 166 -2.69 12.46 8.60
N ASP A 167 -1.95 13.33 7.90
CA ASP A 167 -0.99 12.84 6.91
C ASP A 167 0.23 12.20 7.56
N LYS A 168 0.47 12.42 8.85
CA LYS A 168 1.63 11.83 9.53
C LYS A 168 1.34 10.36 9.82
N VAL A 169 1.78 9.50 8.90
CA VAL A 169 1.42 8.07 8.93
C VAL A 169 2.62 7.16 8.77
N LYS A 170 3.77 7.66 8.33
CA LYS A 170 4.94 6.87 8.03
C LYS A 170 5.77 6.58 9.27
N PHE A 171 6.46 5.44 9.24
CA PHE A 171 7.34 5.02 10.32
C PHE A 171 8.75 4.79 9.81
N VAL A 172 9.72 5.31 10.54
CA VAL A 172 11.13 5.07 10.25
C VAL A 172 11.67 4.21 11.37
N SER A 173 12.50 3.23 10.98
CA SER A 173 13.19 2.33 11.91
C SER A 173 14.61 2.07 11.39
N LEU A 174 15.33 1.21 12.08
CA LEU A 174 16.78 1.03 11.84
C LEU A 174 17.08 -0.32 11.19
N TYR A 175 18.13 -0.34 10.35
CA TYR A 175 18.75 -1.60 9.95
C TYR A 175 19.04 -2.45 11.19
N ASN A 176 18.73 -3.75 11.10
CA ASN A 176 18.88 -4.80 12.10
C ASN A 176 17.84 -4.66 13.20
N GLY A 177 16.92 -3.69 13.09
CA GLY A 177 15.87 -3.57 14.08
C GLY A 177 14.90 -4.74 14.04
N TYR A 178 14.49 -5.19 15.22
CA TYR A 178 13.46 -6.23 15.34
C TYR A 178 12.33 -5.72 16.23
N HIS A 179 11.12 -5.71 15.68
CA HIS A 179 9.95 -5.14 16.34
C HIS A 179 8.75 -6.08 16.29
N GLY A 180 9.02 -7.40 16.29
CA GLY A 180 7.97 -8.40 16.35
C GLY A 180 7.34 -8.67 15.00
N LEU A 181 6.24 -9.43 15.04
CA LEU A 181 5.87 -10.22 13.89
C LEU A 181 4.47 -9.97 13.36
N ASN A 182 3.67 -9.13 14.01
CA ASN A 182 2.43 -8.73 13.37
C ASN A 182 2.77 -7.83 12.19
N PHE A 183 1.78 -7.57 11.35
CA PHE A 183 2.10 -6.92 10.09
C PHE A 183 2.76 -5.56 10.29
N GLY A 184 2.34 -4.79 11.30
CA GLY A 184 2.93 -3.50 11.58
C GLY A 184 4.37 -3.63 12.02
N GLY A 185 4.56 -4.39 13.10
CA GLY A 185 5.90 -4.63 13.61
C GLY A 185 6.80 -5.27 12.58
N MET A 186 6.28 -6.24 11.84
CA MET A 186 7.08 -6.90 10.81
C MET A 186 7.51 -5.89 9.75
N SER A 187 6.59 -4.98 9.39
CA SER A 187 6.92 -3.93 8.41
C SER A 187 8.00 -3.01 8.94
N ALA A 188 8.09 -2.86 10.27
CA ALA A 188 9.12 -2.01 10.86
C ALA A 188 10.47 -2.72 11.05
N CYS A 189 10.55 -4.06 10.87
CA CYS A 189 11.80 -4.77 11.06
C CYS A 189 12.86 -4.33 10.06
N GLY A 190 14.12 -4.35 10.50
CA GLY A 190 15.24 -3.95 9.65
C GLY A 190 16.07 -5.12 9.14
N GLY A 191 15.51 -6.33 9.13
CA GLY A 191 16.15 -7.45 8.49
C GLY A 191 15.15 -8.21 7.64
N ASN A 192 15.47 -8.49 6.37
CA ASN A 192 14.46 -9.07 5.48
C ASN A 192 14.08 -10.51 5.84
N ALA A 193 14.87 -11.22 6.66
CA ALA A 193 14.54 -12.62 6.95
C ALA A 193 13.13 -12.74 7.51
N TRP A 194 12.68 -11.76 8.30
CA TRP A 194 11.37 -11.81 8.92
C TRP A 194 10.24 -11.35 7.98
N LYS A 195 10.58 -10.80 6.81
CA LYS A 195 9.69 -10.02 5.97
C LYS A 195 9.37 -10.68 4.64
N SER A 196 10.37 -11.31 3.99
CA SER A 196 10.26 -11.63 2.56
C SER A 196 9.13 -12.62 2.27
N SER A 197 8.91 -13.60 3.16
CA SER A 197 7.87 -14.60 2.87
C SER A 197 6.46 -14.03 3.02
N TYR A 198 6.29 -12.81 3.54
CA TYR A 198 4.96 -12.32 3.82
C TYR A 198 4.63 -11.06 3.03
N GLU A 199 5.52 -10.63 2.12
CA GLU A 199 5.32 -9.43 1.31
C GLU A 199 4.07 -9.57 0.45
N PRO A 200 3.44 -8.44 0.03
CA PRO A 200 3.83 -7.05 0.32
C PRO A 200 3.41 -6.60 1.72
N LEU A 201 4.33 -5.96 2.42
CA LEU A 201 4.10 -5.49 3.78
C LEU A 201 3.50 -4.09 3.72
N MET A 202 3.35 -3.45 4.87
CA MET A 202 2.66 -2.18 4.96
C MET A 202 3.39 -1.10 4.17
N PRO A 203 2.67 -0.27 3.42
CA PRO A 203 3.26 0.98 2.89
C PRO A 203 3.69 1.94 3.99
N GLY A 204 4.67 2.78 3.68
CA GLY A 204 5.05 3.86 4.57
C GLY A 204 6.00 3.48 5.68
N PHE A 205 6.70 2.34 5.58
CA PHE A 205 7.71 1.94 6.55
C PHE A 205 9.08 1.96 5.90
N PHE A 206 9.99 2.74 6.48
CA PHE A 206 11.31 2.97 5.90
C PHE A 206 12.36 2.67 6.95
N GLN A 207 13.43 2.01 6.53
CA GLN A 207 14.54 1.66 7.40
C GLN A 207 15.82 2.30 6.91
N VAL A 208 16.65 2.75 7.84
CA VAL A 208 17.86 3.51 7.54
C VAL A 208 19.08 2.89 8.20
N GLU A 209 20.26 3.28 7.67
CA GLU A 209 21.57 2.99 8.23
C GLU A 209 21.55 3.13 9.74
N SER A 210 22.14 2.14 10.43
CA SER A 210 22.22 2.15 11.88
C SER A 210 23.69 2.05 12.30
N PRO A 211 24.03 2.53 13.49
CA PRO A 211 25.45 2.54 13.87
C PRO A 211 25.94 1.18 14.37
N HIS A 212 26.17 0.29 13.42
CA HIS A 212 26.74 -1.01 13.71
C HIS A 212 28.25 -0.93 13.50
N LEU A 213 29.02 -0.72 14.58
CA LEU A 213 30.44 -0.40 14.39
C LEU A 213 31.18 -1.50 13.62
N TYR A 214 30.94 -2.77 13.98
CA TYR A 214 31.66 -3.90 13.39
C TYR A 214 31.38 -4.07 11.90
N ARG A 215 30.18 -3.67 11.41
CA ARG A 215 29.84 -3.79 9.98
C ARG A 215 29.16 -2.51 9.49
N ASN A 216 29.96 -1.56 9.01
CA ASN A 216 29.42 -0.33 8.48
C ASN A 216 30.34 0.18 7.39
N PRO A 217 29.82 0.86 6.37
CA PRO A 217 30.67 1.34 5.28
C PRO A 217 31.35 2.69 5.51
N PHE A 218 31.28 3.25 6.71
CA PHE A 218 31.64 4.66 6.92
C PHE A 218 32.96 4.85 7.65
N THR A 219 33.16 4.18 8.79
CA THR A 219 34.20 4.59 9.71
C THR A 219 34.38 3.55 10.79
N ASN A 220 35.56 3.55 11.41
CA ASN A 220 35.84 2.75 12.59
C ASN A 220 35.72 3.56 13.87
N ASP A 221 35.34 4.84 13.77
CA ASP A 221 35.16 5.70 14.93
C ASP A 221 33.70 5.72 15.34
N PRO A 222 33.36 5.29 16.55
CA PRO A 222 31.94 5.19 16.92
C PRO A 222 31.21 6.53 16.96
N GLU A 223 31.86 7.61 17.42
CA GLU A 223 31.18 8.92 17.47
C GLU A 223 30.93 9.46 16.06
N GLU A 224 31.92 9.29 15.17
CA GLU A 224 31.71 9.68 13.78
C GLU A 224 30.57 8.87 13.17
N LEU A 225 30.50 7.57 13.51
CA LEU A 225 29.46 6.70 12.98
C LEU A 225 28.09 7.17 13.46
N ALA A 226 27.94 7.45 14.77
CA ALA A 226 26.67 7.98 15.27
C ALA A 226 26.26 9.23 14.54
N GLU A 227 27.20 10.17 14.32
CA GLU A 227 26.81 11.42 13.71
C GLU A 227 26.39 11.21 12.26
N ILE A 228 27.15 10.41 11.51
CA ILE A 228 26.79 10.17 10.11
C ILE A 228 25.45 9.44 10.01
N CYS A 229 25.19 8.47 10.90
CA CYS A 229 23.92 7.77 10.84
C CYS A 229 22.78 8.72 11.21
N ALA A 230 23.00 9.61 12.18
CA ALA A 230 21.99 10.61 12.53
C ALA A 230 21.68 11.47 11.33
N GLN A 231 22.73 11.92 10.62
CA GLN A 231 22.50 12.80 9.49
C GLN A 231 21.77 12.08 8.38
N ILE A 232 22.09 10.79 8.19
CA ILE A 232 21.39 9.99 7.18
C ILE A 232 19.91 9.88 7.53
N LEU A 233 19.61 9.61 8.81
CA LEU A 233 18.23 9.54 9.25
C LEU A 233 17.50 10.84 8.95
N GLU A 234 18.10 11.97 9.37
CA GLU A 234 17.51 13.27 9.13
C GLU A 234 17.20 13.45 7.65
N ARG A 235 18.15 13.05 6.79
CA ARG A 235 17.96 13.29 5.36
C ARG A 235 16.85 12.40 4.79
N GLN A 236 16.68 11.18 5.32
CA GLN A 236 15.55 10.38 4.86
C GLN A 236 14.23 10.97 5.36
N ILE A 237 14.19 11.44 6.61
CA ILE A 237 12.96 12.07 7.10
C ILE A 237 12.61 13.28 6.24
N GLU A 238 13.59 14.13 5.95
CA GLU A 238 13.35 15.28 5.08
C GLU A 238 12.87 14.85 3.71
N MET A 239 13.41 13.74 3.19
CA MET A 239 12.98 13.25 1.88
C MET A 239 11.51 12.85 1.91
N GLN A 240 11.07 12.17 2.99
CA GLN A 240 9.68 11.75 3.10
C GLN A 240 8.75 12.94 3.28
N ALA A 241 9.28 14.08 3.76
CA ALA A 241 8.61 15.28 4.25
C ALA A 241 8.14 14.99 5.67
N PRO A 242 8.66 15.72 6.67
CA PRO A 242 8.30 15.41 8.07
C PRO A 242 6.81 15.38 8.34
N GLY A 243 6.03 16.17 7.60
CA GLY A 243 4.60 16.23 7.77
C GLY A 243 3.88 14.95 7.38
N THR A 244 4.59 13.96 6.84
CA THR A 244 4.00 12.67 6.55
C THR A 244 4.52 11.57 7.46
N VAL A 245 5.41 11.90 8.41
CA VAL A 245 6.05 10.91 9.27
C VAL A 245 5.47 11.02 10.69
N ALA A 246 5.04 9.88 11.24
CA ALA A 246 4.46 9.80 12.57
C ALA A 246 5.50 9.52 13.64
N ALA A 247 6.43 8.58 13.40
CA ALA A 247 7.28 8.15 14.51
C ALA A 247 8.52 7.44 14.00
N LEU A 248 9.55 7.48 14.83
CA LEU A 248 10.75 6.65 14.74
C LEU A 248 10.65 5.56 15.80
N ILE A 249 10.94 4.30 15.43
CA ILE A 249 10.98 3.24 16.42
C ILE A 249 12.37 2.59 16.44
N ALA A 250 12.93 2.42 17.63
CA ALA A 250 14.26 1.85 17.73
C ALA A 250 14.45 1.22 19.09
N GLU A 251 15.27 0.20 19.13
CA GLU A 251 15.69 -0.51 20.34
C GLU A 251 16.89 0.20 20.96
N PRO A 252 16.89 0.46 22.26
CA PRO A 252 18.08 1.05 22.89
C PRO A 252 19.32 0.20 22.70
N ILE A 253 19.18 -1.12 22.79
CA ILE A 253 20.19 -2.06 22.34
C ILE A 253 19.51 -3.11 21.51
N GLN A 254 19.97 -3.27 20.28
CA GLN A 254 19.31 -4.17 19.34
C GLN A 254 19.56 -5.61 19.77
N GLY A 255 18.49 -6.37 19.93
CA GLY A 255 18.62 -7.71 20.45
C GLY A 255 18.76 -8.74 19.35
N ALA A 256 17.64 -9.11 18.75
CA ALA A 256 17.65 -10.17 17.75
C ALA A 256 18.49 -9.81 16.55
N GLY A 257 18.67 -8.51 16.30
CA GLY A 257 19.58 -8.13 15.23
C GLY A 257 21.02 -8.51 15.51
N GLY A 258 21.33 -8.95 16.72
CA GLY A 258 22.62 -9.50 17.04
C GLY A 258 23.39 -8.77 18.11
N VAL A 259 22.67 -8.26 19.10
CA VAL A 259 23.22 -7.54 20.26
C VAL A 259 24.14 -6.42 19.78
N ILE A 260 23.56 -5.39 19.16
CA ILE A 260 24.31 -4.26 18.63
C ILE A 260 24.08 -3.07 19.54
N VAL A 261 25.14 -2.68 20.24
CA VAL A 261 25.11 -1.59 21.19
C VAL A 261 25.46 -0.31 20.46
N PRO A 262 24.59 0.67 20.40
CA PRO A 262 24.91 1.94 19.69
C PRO A 262 25.93 2.75 20.48
N PRO A 263 26.67 3.64 19.82
CA PRO A 263 27.48 4.63 20.56
C PRO A 263 26.61 5.49 21.47
N ALA A 264 27.18 5.92 22.59
CA ALA A 264 26.38 6.64 23.59
C ALA A 264 25.72 7.89 23.03
N SER A 265 26.32 8.55 22.03
CA SER A 265 25.74 9.81 21.54
C SER A 265 24.52 9.60 20.66
N TYR A 266 24.27 8.36 20.22
CA TYR A 266 23.30 8.12 19.16
C TYR A 266 21.88 8.44 19.62
N TRP A 267 21.49 7.87 20.76
CA TRP A 267 20.12 8.03 21.23
C TRP A 267 19.84 9.48 21.59
N PRO A 268 20.74 10.23 22.24
CA PRO A 268 20.49 11.68 22.37
C PRO A 268 20.29 12.36 21.02
N ARG A 269 21.04 11.97 19.98
CA ARG A 269 20.76 12.53 18.66
C ARG A 269 19.35 12.10 18.17
N LEU A 270 18.93 10.85 18.45
CA LEU A 270 17.59 10.42 18.04
C LEU A 270 16.51 11.28 18.68
N ARG A 271 16.65 11.55 20.00
CA ARG A 271 15.69 12.43 20.67
C ARG A 271 15.69 13.82 20.03
N GLN A 272 16.89 14.35 19.74
CA GLN A 272 16.96 15.66 19.10
C GLN A 272 16.31 15.65 17.73
N ILE A 273 16.57 14.62 16.94
CA ILE A 273 16.01 14.54 15.59
C ILE A 273 14.48 14.49 15.66
N CYS A 274 13.94 13.71 16.60
CA CYS A 274 12.49 13.63 16.77
C CYS A 274 11.88 14.97 17.20
N ASP A 275 12.57 15.69 18.09
CA ASP A 275 12.10 17.02 18.48
C ASP A 275 12.12 17.97 17.28
N LYS A 276 13.22 17.95 16.51
CA LYS A 276 13.37 18.84 15.37
C LYS A 276 12.28 18.60 14.33
N TYR A 277 12.02 17.33 13.99
CA TYR A 277 11.07 17.05 12.91
C TYR A 277 9.66 16.80 13.41
N ASP A 278 9.43 16.88 14.73
CA ASP A 278 8.11 16.71 15.31
C ASP A 278 7.53 15.34 14.95
N ILE A 279 8.31 14.29 15.24
CA ILE A 279 7.83 12.92 15.16
C ILE A 279 8.01 12.30 16.53
N LEU A 280 7.20 11.27 16.83
CA LEU A 280 7.30 10.58 18.10
C LEU A 280 8.52 9.64 18.11
N LEU A 281 9.17 9.51 19.28
CA LEU A 281 10.22 8.53 19.51
C LEU A 281 9.63 7.33 20.25
N ILE A 282 9.53 6.19 19.57
CA ILE A 282 9.09 4.94 20.18
C ILE A 282 10.32 4.13 20.55
N ALA A 283 10.49 3.89 21.84
CA ALA A 283 11.55 3.05 22.31
C ALA A 283 10.98 1.65 22.43
N ASP A 284 11.49 0.74 21.64
CA ASP A 284 11.13 -0.66 21.78
C ASP A 284 12.00 -1.26 22.88
N GLU A 285 11.45 -1.35 24.10
CA GLU A 285 12.17 -1.87 25.26
C GLU A 285 11.75 -3.31 25.60
N VAL A 286 11.30 -4.10 24.61
CA VAL A 286 10.81 -5.43 24.92
C VAL A 286 11.92 -6.28 25.56
N ILE A 287 13.14 -6.18 25.05
CA ILE A 287 14.25 -6.83 25.75
C ILE A 287 14.85 -5.92 26.82
N THR A 288 15.08 -4.63 26.53
CA THR A 288 15.88 -3.85 27.49
C THR A 288 15.09 -3.35 28.68
N GLY A 289 13.76 -3.42 28.64
CA GLY A 289 12.93 -2.96 29.74
C GLY A 289 13.09 -3.73 31.03
N LEU A 290 13.26 -3.01 32.15
CA LEU A 290 13.30 -3.59 33.49
C LEU A 290 14.58 -4.42 33.72
N GLY A 291 15.70 -3.99 33.14
CA GLY A 291 17.00 -4.23 33.75
C GLY A 291 18.08 -4.87 32.90
N ARG A 292 17.77 -5.57 31.80
CA ARG A 292 18.79 -6.47 31.23
C ARG A 292 20.07 -5.73 30.85
N SER A 293 19.95 -4.52 30.28
CA SER A 293 21.14 -3.86 29.75
C SER A 293 21.95 -3.12 30.82
N GLY A 294 21.55 -3.25 32.10
CA GLY A 294 22.28 -2.67 33.20
C GLY A 294 21.72 -1.36 33.69
N SER A 295 20.65 -0.87 33.07
CA SER A 295 19.83 0.22 33.57
C SER A 295 18.38 -0.26 33.57
N LEU A 296 17.54 0.37 34.40
CA LEU A 296 16.16 -0.07 34.47
C LEU A 296 15.47 0.04 33.12
N PHE A 297 15.89 1.00 32.28
CA PHE A 297 15.43 1.03 30.89
C PHE A 297 16.62 1.35 29.98
N GLY A 298 16.61 0.78 28.78
CA GLY A 298 17.69 1.08 27.83
C GLY A 298 17.80 2.56 27.52
N SER A 299 16.65 3.19 27.27
CA SER A 299 16.64 4.61 26.97
C SER A 299 17.19 5.41 28.14
N ARG A 300 16.78 5.06 29.37
CA ARG A 300 17.33 5.71 30.55
C ARG A 300 18.84 5.53 30.58
N GLY A 301 19.31 4.32 30.25
CA GLY A 301 20.73 4.09 30.14
C GLY A 301 21.43 5.08 29.21
N TRP A 302 20.72 5.58 28.20
CA TRP A 302 21.30 6.59 27.33
C TRP A 302 20.90 8.02 27.72
N GLY A 303 20.19 8.20 28.84
CA GLY A 303 19.73 9.52 29.29
C GLY A 303 18.67 10.12 28.38
N VAL A 304 17.79 9.30 27.81
CA VAL A 304 16.80 9.74 26.83
C VAL A 304 15.40 9.35 27.31
N LYS A 305 14.45 10.28 27.15
CA LYS A 305 13.05 10.06 27.51
C LYS A 305 12.25 9.85 26.25
N PRO A 306 11.85 8.62 25.94
CA PRO A 306 11.03 8.40 24.75
C PRO A 306 9.63 8.95 24.95
N ASP A 307 8.90 9.06 23.84
CA ASP A 307 7.47 9.36 23.91
C ASP A 307 6.61 8.14 24.22
N ILE A 308 7.00 6.96 23.67
CA ILE A 308 6.29 5.70 23.87
C ILE A 308 7.31 4.60 24.15
N MET A 309 7.01 3.74 25.12
CA MET A 309 7.86 2.60 25.47
C MET A 309 7.10 1.26 25.35
N CYS A 310 7.66 0.32 24.60
CA CYS A 310 7.07 -1.02 24.42
C CYS A 310 7.75 -2.00 25.37
N LEU A 311 6.97 -2.65 26.24
CA LEU A 311 7.50 -3.58 27.22
C LEU A 311 6.83 -4.93 27.06
N ALA A 312 7.60 -5.99 27.23
CA ALA A 312 7.06 -7.36 27.29
C ALA A 312 8.13 -8.24 27.91
N LYS A 313 8.22 -9.49 27.46
CA LYS A 313 9.21 -10.48 27.88
C LYS A 313 9.42 -10.44 29.39
N GLY A 314 10.52 -9.80 29.84
CA GLY A 314 10.91 -9.79 31.25
C GLY A 314 9.92 -9.10 32.19
N ILE A 315 8.97 -8.30 31.67
CA ILE A 315 8.01 -7.59 32.51
C ILE A 315 7.28 -8.54 33.45
N SER A 316 7.10 -9.80 33.03
CA SER A 316 6.52 -10.84 33.86
C SER A 316 7.53 -11.96 34.13
N SER A 317 8.82 -11.73 33.84
CA SER A 317 9.84 -12.79 33.98
C SER A 317 9.47 -14.05 33.17
N GLY A 318 8.66 -13.85 32.13
CA GLY A 318 8.21 -14.96 31.29
C GLY A 318 7.23 -15.93 31.93
N TYR A 319 6.78 -15.67 33.15
CA TYR A 319 5.92 -16.64 33.83
C TYR A 319 4.49 -16.65 33.28
N VAL A 320 3.95 -15.52 32.80
CA VAL A 320 2.62 -15.40 32.20
C VAL A 320 2.72 -14.36 31.09
N PRO A 321 2.18 -14.58 29.89
CA PRO A 321 2.32 -13.58 28.82
C PRO A 321 1.74 -12.24 29.27
N LEU A 322 2.51 -11.18 29.06
CA LEU A 322 2.09 -9.81 29.40
C LEU A 322 2.94 -8.84 28.61
N SER A 323 2.33 -7.76 28.12
CA SER A 323 3.06 -6.62 27.59
C SER A 323 2.37 -5.33 28.00
N ALA A 324 3.13 -4.22 27.95
CA ALA A 324 2.58 -2.89 28.23
C ALA A 324 3.19 -1.89 27.27
N THR A 325 2.37 -1.03 26.70
CA THR A 325 2.86 0.10 25.92
C THR A 325 2.55 1.36 26.72
N LEU A 326 3.59 2.08 27.13
CA LEU A 326 3.50 3.27 27.98
C LEU A 326 3.61 4.53 27.15
N VAL A 327 2.87 5.56 27.53
CA VAL A 327 2.94 6.85 26.86
C VAL A 327 3.14 7.95 27.90
N ASN A 328 3.73 9.06 27.44
CA ASN A 328 3.98 10.23 28.27
C ASN A 328 2.75 11.15 28.19
N SER A 329 2.80 12.28 28.90
CA SER A 329 1.68 13.23 28.88
C SER A 329 1.45 13.82 27.51
N ARG A 330 2.53 14.13 26.80
CA ARG A 330 2.41 14.72 25.48
C ARG A 330 1.46 13.89 24.64
N VAL A 331 1.65 12.56 24.64
CA VAL A 331 0.81 11.67 23.84
C VAL A 331 -0.58 11.53 24.45
N ALA A 332 -0.67 11.16 25.73
CA ALA A 332 -1.97 10.86 26.33
C ALA A 332 -2.95 12.04 26.18
N ARG A 333 -2.45 13.28 26.33
CA ARG A 333 -3.37 14.42 26.34
C ARG A 333 -4.02 14.66 24.98
N ALA A 334 -3.50 14.08 23.89
CA ALA A 334 -4.18 14.25 22.60
C ALA A 334 -5.60 13.66 22.63
N TRP A 335 -5.88 12.69 23.50
CA TRP A 335 -7.22 12.15 23.60
C TRP A 335 -8.14 13.05 24.42
N GLU A 336 -7.59 14.01 25.16
CA GLU A 336 -8.35 14.88 26.04
C GLU A 336 -8.84 16.13 25.28
N ARG A 337 -9.50 15.91 24.13
CA ARG A 337 -10.02 16.96 23.27
C ARG A 337 -11.37 16.52 22.75
N ASP A 338 -12.22 17.48 22.39
CA ASP A 338 -13.46 17.16 21.69
C ASP A 338 -13.15 16.93 20.22
N ALA A 339 -12.85 15.69 19.87
CA ALA A 339 -12.50 15.33 18.51
C ALA A 339 -13.50 14.33 17.94
N GLY A 340 -14.65 14.19 18.59
CA GLY A 340 -15.67 13.22 18.19
C GLY A 340 -15.14 11.80 18.25
N PHE A 341 -15.47 11.00 17.23
CA PHE A 341 -15.15 9.58 17.28
C PHE A 341 -13.64 9.33 17.24
N THR A 342 -12.88 10.27 16.66
CA THR A 342 -11.43 10.16 16.62
C THR A 342 -10.80 10.05 18.01
N SER A 343 -11.51 10.47 19.07
CA SER A 343 -10.93 10.33 20.41
C SER A 343 -11.37 9.04 21.11
N VAL A 344 -12.10 8.16 20.43
CA VAL A 344 -12.36 6.82 20.97
C VAL A 344 -11.15 5.95 20.67
N TYR A 345 -10.51 5.44 21.72
CA TYR A 345 -9.41 4.50 21.56
C TYR A 345 -9.98 3.13 21.15
N MET A 346 -10.03 2.83 19.84
CA MET A 346 -10.64 1.58 19.35
C MET A 346 -9.61 0.45 19.22
N HIS A 347 -8.79 0.28 20.25
CA HIS A 347 -7.74 -0.72 20.30
C HIS A 347 -7.80 -1.37 21.67
N GLY A 348 -7.08 -2.47 21.83
CA GLY A 348 -7.19 -3.19 23.09
C GLY A 348 -7.66 -4.62 22.89
N TYR A 349 -6.96 -5.53 23.50
CA TYR A 349 -7.17 -6.93 23.29
C TYR A 349 -8.08 -7.50 24.36
N THR A 350 -8.80 -8.57 24.01
CA THR A 350 -9.63 -9.25 24.99
C THR A 350 -8.87 -9.41 26.27
N TYR A 351 -7.63 -9.90 26.19
CA TYR A 351 -6.87 -10.17 27.40
C TYR A 351 -6.01 -8.97 27.85
N SER A 352 -6.22 -7.79 27.26
CA SER A 352 -5.67 -6.55 27.82
C SER A 352 -6.05 -6.43 29.27
N GLY A 353 -5.03 -6.38 30.12
CA GLY A 353 -5.19 -6.24 31.54
C GLY A 353 -5.53 -7.49 32.29
N HIS A 354 -5.25 -8.67 31.71
CA HIS A 354 -5.58 -9.96 32.32
C HIS A 354 -5.14 -9.97 33.78
N PRO A 355 -6.05 -10.24 34.72
CA PRO A 355 -5.67 -10.07 36.14
C PRO A 355 -4.55 -11.02 36.57
N VAL A 356 -4.44 -12.21 35.98
CA VAL A 356 -3.38 -13.16 36.34
C VAL A 356 -2.04 -12.71 35.77
N SER A 357 -2.00 -12.34 34.49
CA SER A 357 -0.81 -11.73 33.92
C SER A 357 -0.33 -10.56 34.77
N CYS A 358 -1.25 -9.66 35.12
CA CYS A 358 -0.86 -8.48 35.87
C CYS A 358 -0.38 -8.86 37.26
N ALA A 359 -1.02 -9.85 37.89
CA ALA A 359 -0.49 -10.28 39.18
C ALA A 359 0.94 -10.77 39.03
N ALA A 360 1.22 -11.54 37.97
CA ALA A 360 2.58 -12.05 37.78
C ALA A 360 3.55 -10.89 37.60
N ALA A 361 3.20 -9.93 36.73
CA ALA A 361 4.06 -8.79 36.47
C ALA A 361 4.32 -7.98 37.74
N LEU A 362 3.30 -7.78 38.58
CA LEU A 362 3.56 -7.07 39.83
C LEU A 362 4.62 -7.79 40.65
N ALA A 363 4.51 -9.13 40.76
CA ALA A 363 5.49 -9.87 41.57
C ALA A 363 6.90 -9.83 40.95
N ALA A 364 7.00 -9.94 39.61
CA ALA A 364 8.30 -9.90 38.96
C ALA A 364 8.94 -8.53 39.10
N ILE A 365 8.15 -7.46 38.98
CA ILE A 365 8.69 -6.13 39.11
C ILE A 365 9.21 -5.90 40.53
N ASP A 366 8.46 -6.36 41.55
CA ASP A 366 8.98 -6.27 42.91
C ASP A 366 10.30 -7.00 43.02
N ILE A 367 10.42 -8.17 42.41
CA ILE A 367 11.71 -8.85 42.46
C ILE A 367 12.79 -8.00 41.82
N VAL A 368 12.54 -7.48 40.61
CA VAL A 368 13.54 -6.67 39.91
C VAL A 368 14.01 -5.51 40.78
N LEU A 369 13.06 -4.83 41.42
CA LEU A 369 13.44 -3.64 42.19
C LEU A 369 14.17 -4.02 43.49
N GLN A 370 13.61 -4.96 44.25
CA GLN A 370 14.16 -5.29 45.55
C GLN A 370 15.52 -5.98 45.46
N GLU A 371 15.77 -6.77 44.43
CA GLU A 371 17.06 -7.44 44.31
C GLU A 371 18.02 -6.67 43.40
N ASN A 372 17.64 -5.46 43.02
CA ASN A 372 18.42 -4.59 42.15
C ASN A 372 19.04 -5.38 41.00
N LEU A 373 18.15 -6.00 40.22
CA LEU A 373 18.61 -6.81 39.10
C LEU A 373 19.18 -5.95 37.97
N ALA A 374 18.79 -4.66 37.86
CA ALA A 374 19.44 -3.79 36.88
C ALA A 374 20.92 -3.60 37.20
N GLU A 375 21.24 -3.40 38.47
CA GLU A 375 22.64 -3.25 38.86
C GLU A 375 23.42 -4.56 38.70
N ASN A 376 22.81 -5.69 39.09
CA ASN A 376 23.47 -6.98 38.91
C ASN A 376 23.71 -7.25 37.43
N ALA A 377 22.74 -6.94 36.58
CA ALA A 377 22.96 -7.12 35.15
C ALA A 377 24.15 -6.27 34.71
N ARG A 378 24.22 -5.02 35.19
CA ARG A 378 25.30 -4.13 34.79
C ARG A 378 26.67 -4.72 35.14
N VAL A 379 26.83 -5.13 36.39
CA VAL A 379 28.12 -5.55 36.91
C VAL A 379 28.53 -6.91 36.35
N VAL A 380 27.64 -7.91 36.46
CA VAL A 380 27.97 -9.24 35.99
C VAL A 380 28.10 -9.23 34.48
N GLY A 381 27.35 -8.38 33.79
CA GLY A 381 27.51 -8.24 32.35
C GLY A 381 28.83 -7.64 31.94
N ASP A 382 29.29 -6.59 32.64
CA ASP A 382 30.62 -6.04 32.38
C ASP A 382 31.67 -7.15 32.49
N TYR A 383 31.57 -7.93 33.57
CA TYR A 383 32.49 -9.04 33.79
C TYR A 383 32.42 -10.07 32.65
N PHE A 384 31.19 -10.44 32.27
CA PHE A 384 30.98 -11.40 31.17
C PHE A 384 31.66 -10.90 29.90
N LEU A 385 31.48 -9.62 29.58
CA LEU A 385 32.04 -9.09 28.35
C LEU A 385 33.58 -9.15 28.36
N GLU A 386 34.19 -8.84 29.52
CA GLU A 386 35.65 -8.96 29.67
C GLU A 386 36.12 -10.39 29.37
N LYS A 387 35.41 -11.37 29.94
CA LYS A 387 35.77 -12.77 29.71
C LYS A 387 35.60 -13.15 28.24
N LEU A 388 34.59 -12.61 27.58
CA LEU A 388 34.40 -12.87 26.15
C LEU A 388 35.58 -12.32 25.34
N LEU A 389 36.17 -11.21 25.78
CA LEU A 389 37.34 -10.68 25.05
C LEU A 389 38.52 -11.63 25.18
N ILE A 390 38.64 -12.29 26.34
CA ILE A 390 39.70 -13.30 26.42
C ILE A 390 39.43 -14.41 25.39
N LEU A 391 38.17 -14.87 25.30
CA LEU A 391 37.86 -15.90 24.30
C LEU A 391 38.21 -15.42 22.89
N LYS A 392 37.90 -14.15 22.57
CA LYS A 392 38.24 -13.63 21.24
C LYS A 392 39.74 -13.71 20.98
N ASP A 393 40.55 -13.39 22.01
CA ASP A 393 42.01 -13.45 21.87
C ASP A 393 42.50 -14.84 21.52
N LYS A 394 41.85 -15.89 22.07
CA LYS A 394 42.36 -17.24 21.87
C LYS A 394 41.91 -17.87 20.53
N HIS A 395 40.68 -17.58 20.07
CA HIS A 395 40.02 -18.42 19.06
C HIS A 395 39.73 -17.64 17.78
N ARG A 396 40.33 -18.07 16.68
CA ARG A 396 40.37 -17.27 15.45
C ARG A 396 38.98 -17.01 14.88
N ALA A 397 38.03 -17.92 15.09
CA ALA A 397 36.69 -17.77 14.51
C ALA A 397 35.90 -16.61 15.12
N ILE A 398 36.23 -16.17 16.32
CA ILE A 398 35.51 -15.08 16.96
C ILE A 398 35.93 -13.77 16.30
N GLY A 399 35.02 -13.15 15.56
CA GLY A 399 35.30 -11.90 14.88
C GLY A 399 35.00 -10.70 15.76
N ASP A 400 33.97 -10.82 16.59
CA ASP A 400 33.53 -9.70 17.40
C ASP A 400 32.79 -10.22 18.62
N VAL A 401 32.96 -9.55 19.76
CA VAL A 401 32.17 -9.81 20.96
C VAL A 401 31.53 -8.49 21.39
N ARG A 402 30.25 -8.56 21.76
CA ARG A 402 29.48 -7.35 22.04
C ARG A 402 28.67 -7.59 23.30
N GLY A 403 28.43 -6.50 24.04
CA GLY A 403 27.54 -6.62 25.16
C GLY A 403 27.14 -5.31 25.81
N LYS A 404 25.97 -5.31 26.45
CA LYS A 404 25.64 -4.32 27.47
C LYS A 404 24.78 -4.98 28.53
N GLY A 405 25.21 -4.85 29.78
CA GLY A 405 24.57 -5.61 30.84
C GLY A 405 24.55 -7.08 30.45
N LEU A 406 23.43 -7.77 30.71
CA LEU A 406 23.38 -9.19 30.46
C LEU A 406 22.74 -9.50 29.11
N MET A 407 23.06 -8.71 28.08
CA MET A 407 22.86 -9.15 26.70
C MET A 407 24.20 -9.09 25.96
N LEU A 408 24.68 -10.27 25.52
CA LEU A 408 25.98 -10.38 24.88
C LEU A 408 25.86 -11.26 23.62
N ALA A 409 26.73 -11.01 22.66
CA ALA A 409 26.85 -11.83 21.45
C ALA A 409 28.33 -12.12 21.16
N VAL A 410 28.59 -13.34 20.67
CA VAL A 410 29.88 -13.73 20.10
C VAL A 410 29.68 -13.94 18.60
N GLU A 411 30.17 -13.04 17.76
CA GLU A 411 30.02 -13.16 16.33
C GLU A 411 31.21 -13.89 15.70
N LEU A 412 30.88 -15.00 15.03
CA LEU A 412 31.82 -15.92 14.38
C LEU A 412 31.95 -15.56 12.90
N VAL A 413 33.19 -15.56 12.40
CA VAL A 413 33.47 -15.22 11.00
C VAL A 413 34.46 -16.22 10.44
N LYS A 414 34.38 -16.44 9.12
CA LYS A 414 35.27 -17.40 8.47
C LYS A 414 36.69 -16.84 8.33
N GLU A 415 36.81 -15.52 8.25
CA GLU A 415 38.09 -14.84 8.13
C GLU A 415 37.96 -13.46 8.74
N ARG A 416 38.85 -13.14 9.69
CA ARG A 416 38.69 -11.88 10.41
C ARG A 416 39.02 -10.68 9.53
N ALA A 417 40.02 -10.78 8.66
CA ALA A 417 40.43 -9.62 7.87
C ALA A 417 39.29 -9.12 7.00
N THR A 418 38.46 -10.02 6.48
CA THR A 418 37.35 -9.63 5.63
C THR A 418 36.03 -9.60 6.38
N LYS A 419 35.97 -10.20 7.57
CA LYS A 419 34.76 -10.35 8.37
C LYS A 419 33.70 -11.20 7.68
N GLU A 420 34.11 -12.06 6.73
CA GLU A 420 33.20 -12.97 6.04
C GLU A 420 32.46 -13.83 7.06
N PRO A 421 31.13 -13.75 7.12
CA PRO A 421 30.40 -14.52 8.12
C PRO A 421 30.18 -15.97 7.72
N PHE A 422 30.03 -16.80 8.73
CA PHE A 422 29.39 -18.09 8.56
C PHE A 422 27.93 -17.87 8.15
N GLY A 423 27.45 -18.71 7.23
CA GLY A 423 26.08 -18.67 6.77
C GLY A 423 25.19 -19.54 7.63
N PRO A 424 23.87 -19.41 7.45
CA PRO A 424 22.95 -20.27 8.22
C PRO A 424 23.21 -21.74 7.97
N ALA A 425 23.71 -22.08 6.77
CA ALA A 425 23.94 -23.46 6.37
C ALA A 425 25.23 -24.03 6.93
N ASP A 426 26.16 -23.20 7.39
CA ASP A 426 27.49 -23.66 7.80
C ASP A 426 27.41 -24.38 9.14
N ALA A 427 28.41 -25.24 9.37
CA ALA A 427 28.40 -26.16 10.50
C ALA A 427 29.11 -25.63 11.74
N TYR A 428 30.07 -24.71 11.56
CA TYR A 428 30.90 -24.30 12.70
C TYR A 428 30.09 -23.66 13.84
N PRO A 429 29.24 -22.64 13.62
CA PRO A 429 28.48 -22.08 14.74
C PRO A 429 27.67 -23.11 15.48
N LEU A 430 27.03 -24.01 14.73
CA LEU A 430 26.21 -25.04 15.36
C LEU A 430 27.07 -26.00 16.16
N ALA A 431 28.27 -26.35 15.64
CA ALA A 431 29.17 -27.22 16.40
C ALA A 431 29.54 -26.59 17.73
N ILE A 432 29.87 -25.29 17.73
CA ILE A 432 30.22 -24.65 19.00
C ILE A 432 29.04 -24.73 19.97
N SER A 433 27.84 -24.41 19.45
CA SER A 433 26.63 -24.48 20.27
C SER A 433 26.40 -25.89 20.85
N GLU A 434 26.48 -26.91 20.01
CA GLU A 434 26.23 -28.27 20.48
C GLU A 434 27.29 -28.70 21.49
N ALA A 435 28.56 -28.30 21.30
CA ALA A 435 29.58 -28.64 22.29
C ALA A 435 29.25 -28.03 23.66
N CYS A 436 28.66 -26.82 23.65
CA CYS A 436 28.19 -26.21 24.89
C CYS A 436 27.00 -26.97 25.46
N VAL A 437 25.97 -27.23 24.62
CA VAL A 437 24.78 -27.90 25.11
C VAL A 437 25.13 -29.26 25.70
N ASN A 438 25.99 -30.01 24.99
CA ASN A 438 26.40 -31.32 25.46
C ASN A 438 27.29 -31.24 26.68
N ASN A 439 27.85 -30.05 27.01
CA ASN A 439 28.60 -29.94 28.27
C ASN A 439 27.90 -29.03 29.28
N GLY A 440 26.57 -28.91 29.19
CA GLY A 440 25.77 -28.32 30.26
C GLY A 440 25.55 -26.83 30.14
N VAL A 441 25.71 -26.25 28.96
CA VAL A 441 25.52 -24.83 28.78
C VAL A 441 24.60 -24.59 27.59
N MET A 442 23.40 -24.09 27.85
CA MET A 442 22.39 -23.85 26.81
C MET A 442 22.68 -22.51 26.15
N ILE A 443 23.40 -22.54 25.03
CA ILE A 443 23.68 -21.36 24.22
C ILE A 443 23.33 -21.70 22.79
N ARG A 444 22.47 -20.92 22.16
CA ARG A 444 22.09 -21.16 20.78
C ARG A 444 22.57 -20.01 19.92
N THR A 445 22.36 -20.13 18.61
CA THR A 445 22.85 -19.15 17.65
C THR A 445 21.69 -18.41 17.02
N ILE A 446 21.96 -17.20 16.54
CA ILE A 446 21.21 -16.56 15.45
C ILE A 446 22.20 -16.42 14.30
N VAL A 447 22.10 -17.28 13.30
CA VAL A 447 23.03 -17.34 12.18
C VAL A 447 24.45 -17.52 12.72
N ASN A 448 25.31 -16.51 12.55
CA ASN A 448 26.71 -16.69 12.92
C ASN A 448 27.03 -16.14 14.30
N LYS A 449 26.03 -15.81 15.12
CA LYS A 449 26.24 -15.20 16.41
C LYS A 449 25.78 -16.14 17.51
N LEU A 450 26.64 -16.43 18.48
CA LEU A 450 26.20 -17.07 19.72
C LEU A 450 25.59 -16.00 20.63
N ILE A 451 24.33 -16.20 21.04
CA ILE A 451 23.58 -15.22 21.82
C ILE A 451 23.61 -15.65 23.29
N ILE A 452 23.88 -14.69 24.20
CA ILE A 452 23.91 -14.89 25.65
C ILE A 452 22.94 -13.89 26.30
N SER A 453 21.91 -14.39 26.97
CA SER A 453 20.92 -13.54 27.63
C SER A 453 20.33 -14.29 28.82
N PRO A 454 21.15 -14.59 29.81
CA PRO A 454 20.70 -15.40 30.96
C PRO A 454 19.76 -14.62 31.85
N PRO A 455 19.16 -15.28 32.85
CA PRO A 455 18.42 -14.54 33.87
C PRO A 455 19.31 -13.49 34.52
N LEU A 456 18.67 -12.41 34.99
CA LEU A 456 19.43 -11.29 35.51
C LEU A 456 19.96 -11.55 36.91
N THR A 457 19.62 -12.68 37.49
CA THR A 457 20.17 -13.12 38.76
C THR A 457 21.49 -13.88 38.57
N PHE A 458 22.02 -13.91 37.35
CA PHE A 458 23.30 -14.56 37.05
C PHE A 458 24.44 -14.02 37.95
N THR A 459 25.38 -14.89 38.34
CA THR A 459 26.53 -14.50 39.15
C THR A 459 27.82 -14.55 38.34
N THR A 460 28.86 -13.91 38.88
CA THR A 460 30.19 -14.02 38.26
C THR A 460 30.70 -15.46 38.21
N GLU A 461 30.36 -16.28 39.22
CA GLU A 461 30.73 -17.70 39.19
C GLU A 461 30.05 -18.43 38.03
N HIS A 462 28.75 -18.12 37.78
CA HIS A 462 28.05 -18.66 36.59
C HIS A 462 28.79 -18.27 35.33
N VAL A 463 29.25 -17.00 35.28
CA VAL A 463 30.00 -16.51 34.14
C VAL A 463 31.20 -17.40 33.89
N ASP A 464 31.97 -17.72 34.94
CA ASP A 464 33.21 -18.47 34.71
C ASP A 464 32.90 -19.91 34.30
N GLU A 465 31.87 -20.52 34.89
CA GLU A 465 31.44 -21.85 34.44
C GLU A 465 31.15 -21.85 32.95
N VAL A 466 30.37 -20.87 32.49
CA VAL A 466 29.99 -20.85 31.09
C VAL A 466 31.22 -20.61 30.23
N ILE A 467 32.10 -19.67 30.63
CA ILE A 467 33.29 -19.36 29.84
C ILE A 467 34.20 -20.58 29.73
N GLU A 468 34.37 -21.34 30.82
CA GLU A 468 35.18 -22.56 30.74
C GLU A 468 34.60 -23.54 29.73
N VAL A 469 33.27 -23.73 29.76
CA VAL A 469 32.64 -24.67 28.81
C VAL A 469 32.81 -24.15 27.38
N LEU A 470 32.60 -22.85 27.19
CA LEU A 470 32.71 -22.22 25.87
C LEU A 470 34.12 -22.34 25.30
N ASP A 471 35.12 -22.04 26.14
CA ASP A 471 36.52 -22.22 25.78
C ASP A 471 36.78 -23.67 25.33
N ARG A 472 36.34 -24.65 26.13
CA ARG A 472 36.54 -26.06 25.73
C ARG A 472 35.85 -26.39 24.41
N ALA A 473 34.66 -25.81 24.17
CA ALA A 473 34.00 -25.99 22.87
C ALA A 473 34.89 -25.48 21.74
N PHE A 474 35.48 -24.29 21.91
CA PHE A 474 36.32 -23.74 20.85
C PHE A 474 37.60 -24.56 20.68
N VAL A 475 38.19 -25.05 21.78
CA VAL A 475 39.39 -25.89 21.69
C VAL A 475 39.09 -27.16 20.91
N ALA A 476 37.93 -27.79 21.18
CA ALA A 476 37.54 -29.01 20.48
C ALA A 476 37.20 -28.76 19.02
N ASN A 477 37.02 -27.50 18.61
CA ASN A 477 36.58 -27.16 17.26
C ASN A 477 37.46 -26.08 16.66
N PRO A 478 38.72 -26.40 16.38
CA PRO A 478 39.64 -25.36 15.89
C PRO A 478 39.20 -24.80 14.55
N TRP A 479 39.57 -23.54 14.32
CA TRP A 479 39.29 -22.87 13.06
C TRP A 479 40.56 -22.23 12.54
N ASN B 30 -5.99 -1.55 48.84
CA ASN B 30 -7.37 -1.74 49.29
C ASN B 30 -8.38 -1.03 48.41
N LYS B 31 -9.62 -1.02 48.90
CA LYS B 31 -10.75 -0.60 48.08
C LYS B 31 -10.65 0.88 47.73
N ALA B 32 -10.36 1.73 48.71
CA ALA B 32 -10.34 3.16 48.42
C ALA B 32 -9.24 3.52 47.43
N TRP B 33 -8.04 2.95 47.62
CA TRP B 33 -6.94 3.16 46.67
C TRP B 33 -7.34 2.74 45.25
N LEU B 34 -7.89 1.53 45.10
CA LEU B 34 -8.33 1.03 43.79
C LEU B 34 -9.35 1.97 43.16
N LYS B 35 -10.33 2.43 43.96
CA LYS B 35 -11.34 3.34 43.41
C LYS B 35 -10.71 4.66 42.99
N GLU B 36 -9.72 5.12 43.74
CA GLU B 36 -9.09 6.39 43.44
C GLU B 36 -8.30 6.27 42.15
N HIS B 37 -7.67 5.12 41.91
CA HIS B 37 -6.77 4.94 40.79
C HIS B 37 -7.41 4.29 39.57
N ASN B 38 -8.64 3.81 39.67
CA ASN B 38 -9.42 3.25 38.57
C ASN B 38 -9.38 4.16 37.33
N THR B 39 -8.78 3.67 36.23
CA THR B 39 -8.71 4.28 34.89
C THR B 39 -7.61 5.35 34.74
N VAL B 40 -7.01 5.85 35.82
CA VAL B 40 -6.25 7.10 35.67
C VAL B 40 -4.96 6.87 34.87
N HIS B 41 -4.33 5.70 35.04
CA HIS B 41 -3.11 5.32 34.34
C HIS B 41 -3.36 4.28 33.23
N MET B 42 -4.59 4.24 32.67
CA MET B 42 -5.01 3.16 31.76
C MET B 42 -5.53 3.71 30.44
N MET B 43 -5.22 3.02 29.34
CA MET B 43 -5.94 3.27 28.08
C MET B 43 -6.95 2.15 27.88
N HIS B 44 -8.18 2.38 28.37
CA HIS B 44 -9.19 1.32 28.35
C HIS B 44 -9.59 1.03 26.91
N PRO B 45 -9.67 -0.25 26.55
CA PRO B 45 -10.08 -0.63 25.18
C PRO B 45 -11.45 -0.06 24.83
N MET B 46 -11.57 0.40 23.59
CA MET B 46 -12.86 0.71 22.95
C MET B 46 -13.56 1.92 23.56
N GLN B 47 -12.85 2.77 24.28
CA GLN B 47 -13.51 3.87 25.02
C GLN B 47 -12.80 5.21 24.83
N ASP B 48 -13.52 6.30 25.02
CA ASP B 48 -12.98 7.67 24.97
C ASP B 48 -12.55 7.96 26.40
N PRO B 49 -11.28 8.27 26.68
CA PRO B 49 -10.86 8.54 28.03
C PRO B 49 -11.60 9.70 28.69
N LYS B 50 -12.12 10.62 27.89
CA LYS B 50 -12.86 11.71 28.52
C LYS B 50 -14.04 11.17 29.30
N ALA B 51 -14.71 10.13 28.77
CA ALA B 51 -15.92 9.62 29.40
C ALA B 51 -15.61 8.97 30.73
N LEU B 52 -14.37 8.50 30.93
CA LEU B 52 -14.04 7.72 32.11
C LEU B 52 -13.73 8.55 33.33
N HIS B 53 -13.47 9.87 33.17
CA HIS B 53 -13.22 10.74 34.32
C HIS B 53 -14.38 10.72 35.29
N GLU B 54 -15.60 10.76 34.76
CA GLU B 54 -16.84 10.80 35.53
C GLU B 54 -17.57 9.46 35.57
N GLN B 55 -17.55 8.66 34.47
CA GLN B 55 -18.24 7.36 34.42
C GLN B 55 -17.22 6.24 34.62
N ARG B 56 -17.03 5.83 35.87
CA ARG B 56 -16.00 4.83 36.18
C ARG B 56 -16.53 3.40 36.03
N PRO B 57 -15.74 2.50 35.47
CA PRO B 57 -16.18 1.10 35.34
C PRO B 57 -16.19 0.43 36.70
N LEU B 58 -16.99 -0.63 36.81
CA LEU B 58 -17.04 -1.48 37.99
C LEU B 58 -15.76 -2.27 38.13
N ILE B 59 -15.23 -2.32 39.35
CA ILE B 59 -14.02 -3.08 39.63
C ILE B 59 -14.46 -4.46 40.06
N ILE B 60 -14.34 -5.41 39.14
CA ILE B 60 -14.76 -6.77 39.40
C ILE B 60 -13.69 -7.46 40.24
N GLN B 61 -14.10 -8.01 41.37
CA GLN B 61 -13.18 -8.54 42.37
C GLN B 61 -13.08 -10.05 42.33
N SER B 62 -14.20 -10.77 42.13
CA SER B 62 -14.15 -12.23 42.22
C SER B 62 -15.20 -12.86 41.31
N GLY B 63 -15.01 -14.16 41.02
CA GLY B 63 -15.97 -14.91 40.24
C GLY B 63 -16.18 -16.28 40.83
N LYS B 64 -17.41 -16.80 40.73
CA LYS B 64 -17.68 -18.19 41.09
C LYS B 64 -18.85 -18.70 40.26
N GLY B 65 -18.64 -19.83 39.59
CA GLY B 65 -19.68 -20.42 38.77
C GLY B 65 -19.91 -19.53 37.57
N VAL B 66 -21.14 -19.00 37.45
CA VAL B 66 -21.46 -18.04 36.40
C VAL B 66 -21.65 -16.63 36.96
N HIS B 67 -21.30 -16.41 38.23
CA HIS B 67 -21.50 -15.12 38.88
C HIS B 67 -20.16 -14.39 39.08
N ILE B 68 -20.22 -13.07 39.06
CA ILE B 68 -19.07 -12.23 39.41
C ILE B 68 -19.51 -11.29 40.53
N THR B 69 -18.54 -10.82 41.29
CA THR B 69 -18.79 -9.90 42.40
C THR B 69 -17.78 -8.76 42.33
N ASP B 70 -18.26 -7.53 42.47
CA ASP B 70 -17.39 -6.35 42.42
C ASP B 70 -16.84 -6.09 43.81
N VAL B 71 -15.94 -5.10 43.91
CA VAL B 71 -15.27 -4.78 45.17
C VAL B 71 -16.26 -4.33 46.25
N ASP B 72 -17.45 -3.86 45.88
CA ASP B 72 -18.42 -3.45 46.88
C ASP B 72 -19.36 -4.57 47.26
N GLY B 73 -19.13 -5.78 46.73
CA GLY B 73 -19.97 -6.91 47.05
C GLY B 73 -21.21 -7.05 46.22
N ARG B 74 -21.39 -6.23 45.20
CA ARG B 74 -22.49 -6.42 44.26
C ARG B 74 -22.24 -7.66 43.42
N ARG B 75 -23.22 -8.56 43.38
CA ARG B 75 -23.12 -9.87 42.72
C ARG B 75 -23.97 -9.88 41.45
N PHE B 76 -23.46 -10.48 40.38
CA PHE B 76 -24.15 -10.51 39.10
C PHE B 76 -24.05 -11.90 38.46
N ILE B 77 -25.11 -12.28 37.74
CA ILE B 77 -25.01 -13.29 36.69
C ILE B 77 -24.24 -12.66 35.53
N ASP B 78 -23.12 -13.28 35.16
CA ASP B 78 -22.24 -12.69 34.15
C ASP B 78 -22.68 -13.12 32.75
N CYS B 79 -23.60 -12.35 32.17
CA CYS B 79 -24.04 -12.66 30.81
C CYS B 79 -23.00 -12.31 29.77
N GLN B 80 -21.91 -11.64 30.14
CA GLN B 80 -20.83 -11.40 29.20
C GLN B 80 -19.89 -12.60 29.06
N GLY B 81 -19.88 -13.48 30.07
CA GLY B 81 -18.97 -14.61 30.14
C GLY B 81 -17.52 -14.19 30.06
N GLY B 82 -17.15 -13.22 30.91
CA GLY B 82 -15.91 -12.47 30.84
C GLY B 82 -15.97 -11.52 29.68
N LEU B 83 -15.56 -12.02 28.53
CA LEU B 83 -15.68 -11.32 27.26
C LEU B 83 -15.68 -12.44 26.22
N TRP B 84 -16.78 -13.20 26.19
CA TRP B 84 -16.97 -14.37 25.33
C TRP B 84 -15.95 -15.46 25.63
N CYS B 85 -15.39 -15.58 26.83
CA CYS B 85 -14.25 -16.46 26.95
C CYS B 85 -14.20 -17.31 28.21
N VAL B 86 -14.94 -16.97 29.27
CA VAL B 86 -14.85 -17.80 30.47
C VAL B 86 -15.85 -18.96 30.31
N ASN B 87 -15.60 -19.81 29.30
CA ASN B 87 -16.59 -20.76 28.81
C ASN B 87 -16.85 -21.89 29.79
N ALA B 88 -15.90 -22.20 30.66
CA ALA B 88 -16.03 -23.27 31.63
C ALA B 88 -16.53 -22.77 32.98
N GLY B 89 -16.80 -21.45 33.12
CA GLY B 89 -17.19 -20.85 34.38
C GLY B 89 -16.00 -20.45 35.25
N TYR B 90 -16.31 -19.72 36.32
CA TYR B 90 -15.30 -19.19 37.24
C TYR B 90 -14.98 -20.22 38.32
N GLY B 91 -13.71 -20.19 38.76
CA GLY B 91 -13.29 -20.98 39.90
C GLY B 91 -13.06 -22.44 39.62
N ARG B 92 -12.76 -22.81 38.39
CA ARG B 92 -12.55 -24.22 38.07
C ARG B 92 -11.22 -24.70 38.66
N ARG B 93 -11.30 -25.49 39.75
CA ARG B 93 -10.10 -26.02 40.38
C ARG B 93 -9.23 -26.76 39.39
N GLU B 94 -9.83 -27.46 38.41
CA GLU B 94 -9.04 -28.23 37.44
C GLU B 94 -8.01 -27.34 36.74
N ILE B 95 -8.42 -26.14 36.32
CA ILE B 95 -7.55 -25.27 35.54
C ILE B 95 -6.54 -24.61 36.47
N ILE B 96 -7.00 -24.14 37.62
CA ILE B 96 -6.12 -23.50 38.60
C ILE B 96 -4.98 -24.46 38.94
N ASP B 97 -5.31 -25.72 39.22
CA ASP B 97 -4.33 -26.71 39.62
C ASP B 97 -3.39 -27.03 38.48
N ALA B 98 -3.91 -27.16 37.26
CA ALA B 98 -3.01 -27.37 36.13
C ALA B 98 -2.00 -26.22 36.03
N VAL B 99 -2.48 -24.98 36.19
CA VAL B 99 -1.63 -23.81 36.02
C VAL B 99 -0.56 -23.77 37.11
N THR B 100 -0.98 -23.90 38.37
CA THR B 100 -0.02 -23.94 39.47
C THR B 100 1.04 -25.02 39.27
N ARG B 101 0.61 -26.26 38.98
CA ARG B 101 1.59 -27.34 38.90
C ARG B 101 2.58 -27.07 37.77
N GLN B 102 2.09 -26.64 36.61
CA GLN B 102 3.02 -26.41 35.51
C GLN B 102 4.00 -25.28 35.88
N MET B 103 3.49 -24.20 36.47
CA MET B 103 4.37 -23.07 36.78
C MET B 103 5.39 -23.44 37.84
N GLU B 104 5.03 -24.33 38.76
CA GLU B 104 5.99 -24.81 39.74
C GLU B 104 7.07 -25.64 39.06
N GLU B 105 6.70 -26.39 38.02
CA GLU B 105 7.69 -27.25 37.39
C GLU B 105 8.54 -26.49 36.37
N LEU B 106 7.89 -25.80 35.43
CA LEU B 106 8.62 -25.05 34.41
C LEU B 106 7.74 -23.91 33.95
N ALA B 107 8.07 -22.69 34.40
CA ALA B 107 7.25 -21.51 34.12
C ALA B 107 7.28 -21.16 32.63
N TYR B 108 8.40 -21.37 31.96
CA TYR B 108 8.49 -20.98 30.55
C TYR B 108 9.67 -21.70 29.92
N TYR B 109 9.47 -22.13 28.67
CA TYR B 109 10.58 -22.30 27.74
C TYR B 109 10.02 -22.23 26.32
N SER B 110 10.84 -21.79 25.38
CA SER B 110 10.32 -21.49 24.05
C SER B 110 10.24 -22.75 23.18
N LEU B 111 9.59 -22.58 22.03
CA LEU B 111 9.63 -23.55 20.94
C LEU B 111 10.55 -23.10 19.80
N PHE B 112 11.42 -22.11 20.07
CA PHE B 112 12.37 -21.56 19.10
C PHE B 112 13.51 -22.57 18.90
N PRO B 113 14.29 -22.42 17.82
CA PRO B 113 15.32 -23.43 17.47
C PRO B 113 16.08 -24.04 18.64
N GLY B 114 15.94 -25.37 18.79
CA GLY B 114 16.63 -26.14 19.80
C GLY B 114 15.76 -26.62 20.93
N SER B 115 14.59 -26.03 21.13
CA SER B 115 13.79 -26.40 22.29
C SER B 115 12.29 -26.50 21.95
N THR B 116 11.59 -27.12 22.89
CA THR B 116 10.15 -27.21 22.95
C THR B 116 9.80 -27.51 24.40
N ASN B 117 8.52 -27.65 24.68
CA ASN B 117 8.12 -27.99 26.03
C ASN B 117 6.95 -28.97 25.97
N ALA B 118 6.67 -29.62 27.11
CA ALA B 118 5.71 -30.72 27.10
C ALA B 118 4.27 -30.23 26.93
N PRO B 119 3.77 -29.26 27.70
CA PRO B 119 2.37 -28.84 27.49
C PRO B 119 2.08 -28.39 26.06
N ALA B 120 3.03 -27.72 25.39
CA ALA B 120 2.78 -27.32 24.00
C ALA B 120 2.63 -28.55 23.12
N ILE B 121 3.52 -29.55 23.27
CA ILE B 121 3.36 -30.79 22.48
C ILE B 121 1.99 -31.42 22.75
N ALA B 122 1.64 -31.57 24.04
CA ALA B 122 0.36 -32.23 24.38
C ALA B 122 -0.81 -31.50 23.73
N LEU B 123 -0.82 -30.17 23.84
CA LEU B 123 -1.91 -29.36 23.33
C LEU B 123 -1.96 -29.42 21.81
N SER B 124 -0.81 -29.45 21.15
CA SER B 124 -0.81 -29.58 19.70
C SER B 124 -1.51 -30.87 19.26
N GLN B 125 -1.20 -31.99 19.93
CA GLN B 125 -1.82 -33.26 19.54
C GLN B 125 -3.31 -33.26 19.88
N LYS B 126 -3.66 -32.76 21.06
CA LYS B 126 -5.06 -32.66 21.45
C LYS B 126 -5.84 -31.86 20.41
N LEU B 127 -5.27 -30.76 19.92
CA LEU B 127 -6.02 -29.93 18.97
C LEU B 127 -6.20 -30.63 17.63
N THR B 128 -5.18 -31.34 17.16
CA THR B 128 -5.33 -32.06 15.89
C THR B 128 -6.31 -33.23 16.03
N GLU B 129 -6.43 -33.76 17.25
CA GLU B 129 -7.40 -34.80 17.54
C GLU B 129 -8.82 -34.21 17.53
N VAL B 130 -9.04 -33.13 18.30
CA VAL B 130 -10.37 -32.55 18.49
C VAL B 130 -10.88 -31.96 17.18
N ALA B 131 -9.99 -31.40 16.37
CA ALA B 131 -10.37 -30.84 15.07
C ALA B 131 -10.06 -31.80 13.94
N ALA B 132 -10.05 -33.12 14.22
CA ALA B 132 -9.80 -34.11 13.17
C ALA B 132 -10.86 -34.01 12.07
N GLU B 133 -12.14 -33.88 12.46
CA GLU B 133 -13.23 -33.79 11.48
C GLU B 133 -12.97 -32.71 10.45
N GLU B 134 -12.36 -31.57 10.87
CA GLU B 134 -12.13 -30.47 9.95
C GLU B 134 -10.88 -30.67 9.11
N GLY B 135 -10.09 -31.69 9.43
CA GLY B 135 -8.86 -31.97 8.72
C GLY B 135 -7.66 -31.20 9.25
N MET B 136 -7.70 -30.76 10.49
CA MET B 136 -6.59 -30.01 11.02
C MET B 136 -5.46 -30.96 11.44
N VAL B 137 -4.25 -30.68 10.94
CA VAL B 137 -3.09 -31.52 11.20
C VAL B 137 -1.95 -30.77 11.88
N LYS B 138 -1.94 -29.42 11.86
CA LYS B 138 -0.88 -28.69 12.59
C LYS B 138 -1.44 -27.49 13.35
N ALA B 139 -0.77 -27.16 14.46
CA ALA B 139 -1.09 -25.99 15.27
C ALA B 139 0.09 -25.01 15.32
N SER B 140 -0.22 -23.73 15.11
CA SER B 140 0.69 -22.61 15.39
C SER B 140 0.12 -21.81 16.54
N PHE B 141 0.87 -21.69 17.64
CA PHE B 141 0.32 -21.08 18.83
C PHE B 141 0.59 -19.57 18.89
N GLY B 142 -0.32 -18.87 19.57
CA GLY B 142 -0.16 -17.46 19.86
C GLY B 142 -0.81 -17.17 21.21
N LEU B 143 -1.23 -15.92 21.44
CA LEU B 143 -1.69 -15.52 22.76
C LEU B 143 -3.09 -14.97 22.78
N GLY B 144 -3.61 -14.49 21.66
CA GLY B 144 -5.00 -14.06 21.62
C GLY B 144 -5.49 -14.12 20.19
N GLY B 145 -6.77 -13.73 20.02
CA GLY B 145 -7.41 -13.93 18.72
C GLY B 145 -6.79 -13.10 17.62
N SER B 146 -6.35 -11.88 17.96
CA SER B 146 -5.72 -11.03 16.96
C SER B 146 -4.46 -11.68 16.42
N ASP B 147 -3.66 -12.31 17.27
CA ASP B 147 -2.49 -12.98 16.70
C ASP B 147 -2.87 -14.31 16.03
N ALA B 148 -3.94 -14.99 16.49
CA ALA B 148 -4.40 -16.18 15.74
C ALA B 148 -4.74 -15.79 14.31
N VAL B 149 -5.39 -14.63 14.14
CA VAL B 149 -5.77 -14.16 12.81
C VAL B 149 -4.53 -13.75 12.03
N GLU B 150 -3.66 -12.95 12.67
CA GLU B 150 -2.42 -12.53 12.01
C GLU B 150 -1.63 -13.73 11.52
N THR B 151 -1.49 -14.75 12.37
CA THR B 151 -0.79 -15.98 12.00
C THR B 151 -1.44 -16.60 10.78
N ALA B 152 -2.79 -16.69 10.77
CA ALA B 152 -3.52 -17.24 9.63
C ALA B 152 -3.21 -16.48 8.33
N LEU B 153 -3.22 -15.15 8.37
CA LEU B 153 -2.96 -14.35 7.17
C LEU B 153 -1.53 -14.55 6.66
N LYS B 154 -0.56 -14.59 7.58
CA LYS B 154 0.85 -14.83 7.21
C LYS B 154 1.01 -16.23 6.63
N ILE B 155 0.38 -17.22 7.26
CA ILE B 155 0.42 -18.59 6.76
C ILE B 155 -0.11 -18.62 5.33
N ALA B 156 -1.24 -17.95 5.07
CA ALA B 156 -1.83 -18.00 3.73
C ALA B 156 -0.89 -17.41 2.69
N ARG B 157 -0.26 -16.28 3.03
CA ARG B 157 0.67 -15.66 2.08
C ARG B 157 1.87 -16.56 1.81
N GLN B 158 2.44 -17.14 2.88
CA GLN B 158 3.63 -17.98 2.69
C GLN B 158 3.25 -19.23 1.91
N TYR B 159 2.08 -19.81 2.23
CA TYR B 159 1.55 -20.96 1.50
C TYR B 159 1.58 -20.70 0.00
N TRP B 160 1.01 -19.57 -0.42
CA TRP B 160 0.97 -19.35 -1.86
C TRP B 160 2.35 -19.07 -2.44
N LYS B 161 3.26 -18.47 -1.66
CA LYS B 161 4.61 -18.31 -2.22
C LYS B 161 5.27 -19.67 -2.41
N LEU B 162 5.09 -20.57 -1.45
CA LEU B 162 5.60 -21.93 -1.54
C LEU B 162 5.01 -22.66 -2.73
N GLU B 163 3.73 -22.38 -3.03
CA GLU B 163 3.04 -23.05 -4.14
C GLU B 163 3.34 -22.41 -5.48
N GLY B 164 4.31 -21.49 -5.52
CA GLY B 164 4.72 -20.87 -6.77
C GLY B 164 3.69 -19.91 -7.33
N GLN B 165 2.85 -19.33 -6.48
CA GLN B 165 1.90 -18.30 -6.89
C GLN B 165 2.01 -17.09 -5.98
N PRO B 166 3.15 -16.40 -5.98
CA PRO B 166 3.35 -15.30 -5.01
C PRO B 166 2.49 -14.07 -5.27
N ASP B 167 1.79 -13.99 -6.42
CA ASP B 167 0.84 -12.88 -6.64
C ASP B 167 -0.43 -13.01 -5.80
N LYS B 168 -0.71 -14.18 -5.24
CA LYS B 168 -1.90 -14.41 -4.42
C LYS B 168 -1.62 -13.81 -3.03
N VAL B 169 -2.04 -12.56 -2.86
CA VAL B 169 -1.71 -11.79 -1.64
C VAL B 169 -2.93 -11.13 -1.02
N LYS B 170 -4.03 -10.96 -1.74
CA LYS B 170 -5.17 -10.19 -1.28
C LYS B 170 -6.03 -11.00 -0.33
N PHE B 171 -6.76 -10.31 0.55
CA PHE B 171 -7.69 -10.98 1.44
C PHE B 171 -9.09 -10.40 1.27
N VAL B 172 -10.07 -11.30 1.21
CA VAL B 172 -11.48 -10.93 1.18
C VAL B 172 -12.09 -11.38 2.50
N SER B 173 -12.96 -10.54 3.03
CA SER B 173 -13.73 -10.81 4.22
C SER B 173 -15.10 -10.17 4.04
N LEU B 174 -15.90 -10.21 5.10
CA LEU B 174 -17.32 -9.86 5.07
C LEU B 174 -17.64 -8.59 5.86
N TYR B 175 -18.64 -7.84 5.37
CA TYR B 175 -19.32 -6.82 6.17
C TYR B 175 -19.69 -7.40 7.54
N ASN B 176 -19.43 -6.62 8.59
CA ASN B 176 -19.71 -6.95 9.99
C ASN B 176 -18.73 -8.00 10.52
N GLY B 177 -17.76 -8.47 9.72
CA GLY B 177 -16.74 -9.33 10.26
C GLY B 177 -15.85 -8.57 11.24
N TYR B 178 -15.45 -9.25 12.31
CA TYR B 178 -14.45 -8.73 13.24
C TYR B 178 -13.34 -9.77 13.38
N HIS B 179 -12.12 -9.36 13.06
CA HIS B 179 -10.94 -10.26 13.02
C HIS B 179 -9.76 -9.74 13.87
N GLY B 180 -10.04 -9.03 14.95
CA GLY B 180 -8.95 -8.52 15.80
C GLY B 180 -8.31 -7.23 15.35
N LEU B 181 -7.35 -6.80 16.15
CA LEU B 181 -6.80 -5.43 16.16
C LEU B 181 -5.39 -5.22 15.67
N ASN B 182 -4.57 -6.30 15.25
CA ASN B 182 -3.29 -6.01 14.65
C ASN B 182 -3.54 -5.57 13.21
N PHE B 183 -2.53 -5.04 12.55
CA PHE B 183 -2.82 -4.33 11.31
C PHE B 183 -3.48 -5.25 10.29
N GLY B 184 -3.07 -6.52 10.25
CA GLY B 184 -3.68 -7.51 9.36
C GLY B 184 -5.13 -7.75 9.70
N GLY B 185 -5.42 -8.22 10.93
CA GLY B 185 -6.81 -8.48 11.29
C GLY B 185 -7.68 -7.23 11.16
N MET B 186 -7.14 -6.08 11.59
CA MET B 186 -7.87 -4.81 11.49
C MET B 186 -8.20 -4.46 10.04
N SER B 187 -7.24 -4.68 9.13
CA SER B 187 -7.51 -4.48 7.71
C SER B 187 -8.57 -5.47 7.23
N ALA B 188 -8.71 -6.62 7.89
CA ALA B 188 -9.73 -7.58 7.46
C ALA B 188 -11.11 -7.30 8.08
N CYS B 189 -11.21 -6.39 9.06
CA CYS B 189 -12.47 -6.12 9.74
C CYS B 189 -13.52 -5.56 8.77
N GLY B 190 -14.78 -5.86 9.06
CA GLY B 190 -15.84 -5.40 8.16
C GLY B 190 -16.72 -4.28 8.68
N GLY B 191 -16.24 -3.58 9.70
CA GLY B 191 -16.85 -2.38 10.23
C GLY B 191 -15.80 -1.29 10.41
N ASN B 192 -16.08 -0.06 9.95
CA ASN B 192 -15.06 0.98 9.98
C ASN B 192 -14.72 1.47 11.39
N ALA B 193 -15.54 1.17 12.41
CA ALA B 193 -15.30 1.70 13.75
C ALA B 193 -13.91 1.34 14.26
N TRP B 194 -13.40 0.15 13.88
CA TRP B 194 -12.10 -0.36 14.32
C TRP B 194 -10.95 0.11 13.46
N LYS B 195 -11.24 0.77 12.34
CA LYS B 195 -10.27 1.00 11.26
C LYS B 195 -9.89 2.47 11.11
N SER B 196 -10.87 3.38 11.18
CA SER B 196 -10.69 4.72 10.62
C SER B 196 -9.57 5.50 11.29
N SER B 197 -9.44 5.38 12.62
CA SER B 197 -8.40 6.17 13.31
C SER B 197 -6.99 5.69 13.04
N TYR B 198 -6.79 4.55 12.38
CA TYR B 198 -5.44 4.00 12.22
C TYR B 198 -5.06 3.89 10.76
N GLU B 199 -5.92 4.43 9.86
CA GLU B 199 -5.69 4.44 8.42
C GLU B 199 -4.41 5.22 8.10
N PRO B 200 -3.75 4.93 6.97
CA PRO B 200 -4.18 3.92 6.00
C PRO B 200 -3.78 2.51 6.45
N LEU B 201 -4.71 1.56 6.26
CA LEU B 201 -4.50 0.17 6.61
C LEU B 201 -3.88 -0.56 5.42
N MET B 202 -3.73 -1.91 5.54
CA MET B 202 -3.01 -2.71 4.54
C MET B 202 -3.67 -2.69 3.17
N PRO B 203 -2.90 -2.53 2.11
CA PRO B 203 -3.42 -2.78 0.75
C PRO B 203 -3.88 -4.22 0.57
N GLY B 204 -4.80 -4.43 -0.37
CA GLY B 204 -5.19 -5.77 -0.74
C GLY B 204 -6.21 -6.43 0.16
N PHE B 205 -6.94 -5.67 0.99
CA PHE B 205 -7.99 -6.20 1.83
C PHE B 205 -9.33 -5.66 1.38
N PHE B 206 -10.27 -6.55 1.06
CA PHE B 206 -11.55 -6.16 0.50
C PHE B 206 -12.67 -6.83 1.28
N GLN B 207 -13.74 -6.08 1.52
CA GLN B 207 -14.89 -6.58 2.24
C GLN B 207 -16.12 -6.54 1.32
N VAL B 208 -16.96 -7.56 1.44
CA VAL B 208 -18.12 -7.68 0.56
C VAL B 208 -19.39 -7.85 1.39
N GLU B 209 -20.52 -7.55 0.73
CA GLU B 209 -21.87 -7.80 1.24
C GLU B 209 -21.97 -9.15 1.93
N SER B 210 -22.57 -9.19 3.11
CA SER B 210 -22.74 -10.42 3.88
C SER B 210 -24.22 -10.69 4.12
N PRO B 211 -24.61 -11.95 4.36
CA PRO B 211 -26.07 -12.24 4.52
C PRO B 211 -26.60 -11.93 5.90
N HIS B 212 -26.77 -10.64 6.15
CA HIS B 212 -27.40 -10.12 7.36
C HIS B 212 -28.87 -9.87 7.04
N LEU B 213 -29.74 -10.82 7.41
CA LEU B 213 -31.12 -10.79 6.93
C LEU B 213 -31.82 -9.51 7.38
N TYR B 214 -31.64 -9.15 8.66
CA TYR B 214 -32.39 -8.06 9.24
C TYR B 214 -32.08 -6.72 8.56
N ARG B 215 -30.86 -6.53 8.06
CA ARG B 215 -30.48 -5.26 7.40
C ARG B 215 -29.77 -5.59 6.09
N ASN B 216 -30.53 -5.69 5.01
CA ASN B 216 -29.91 -5.92 3.71
C ASN B 216 -30.76 -5.26 2.64
N PRO B 217 -30.14 -4.85 1.52
CA PRO B 217 -30.90 -4.19 0.45
C PRO B 217 -31.54 -5.11 -0.57
N PHE B 218 -31.49 -6.43 -0.39
CA PHE B 218 -31.79 -7.37 -1.47
C PHE B 218 -33.14 -8.05 -1.36
N THR B 219 -33.46 -8.65 -0.21
CA THR B 219 -34.56 -9.58 -0.08
C THR B 219 -34.79 -9.87 1.40
N ASN B 220 -36.02 -10.30 1.71
CA ASN B 220 -36.38 -10.84 3.02
C ASN B 220 -36.31 -12.37 3.06
N ASP B 221 -35.87 -13.01 1.98
CA ASP B 221 -35.69 -14.46 1.95
C ASP B 221 -34.24 -14.84 2.24
N PRO B 222 -33.96 -15.57 3.32
CA PRO B 222 -32.57 -15.88 3.65
C PRO B 222 -31.85 -16.73 2.61
N GLU B 223 -32.51 -17.70 1.95
CA GLU B 223 -31.81 -18.49 0.95
C GLU B 223 -31.44 -17.65 -0.28
N GLU B 224 -32.36 -16.78 -0.70
CA GLU B 224 -32.03 -15.85 -1.78
C GLU B 224 -30.90 -14.91 -1.35
N LEU B 225 -30.91 -14.50 -0.08
CA LEU B 225 -29.86 -13.60 0.41
C LEU B 225 -28.50 -14.32 0.40
N ALA B 226 -28.47 -15.57 0.87
CA ALA B 226 -27.23 -16.36 0.83
C ALA B 226 -26.69 -16.45 -0.58
N GLU B 227 -27.56 -16.72 -1.54
CA GLU B 227 -27.09 -16.93 -2.91
C GLU B 227 -26.62 -15.62 -3.53
N ILE B 228 -27.35 -14.53 -3.31
CA ILE B 228 -26.93 -13.24 -3.87
C ILE B 228 -25.61 -12.79 -3.25
N CYS B 229 -25.44 -13.00 -1.94
CA CYS B 229 -24.17 -12.64 -1.31
C CYS B 229 -23.03 -13.50 -1.84
N ALA B 230 -23.28 -14.81 -2.07
CA ALA B 230 -22.24 -15.66 -2.65
C ALA B 230 -21.84 -15.15 -4.03
N GLN B 231 -22.82 -14.81 -4.86
CA GLN B 231 -22.50 -14.37 -6.21
C GLN B 231 -21.78 -13.02 -6.20
N ILE B 232 -22.14 -12.14 -5.26
CA ILE B 232 -21.42 -10.87 -5.14
C ILE B 232 -19.97 -11.14 -4.80
N LEU B 233 -19.75 -12.06 -3.85
CA LEU B 233 -18.40 -12.46 -3.46
C LEU B 233 -17.62 -12.99 -4.66
N GLU B 234 -18.22 -13.93 -5.42
CA GLU B 234 -17.58 -14.49 -6.61
C GLU B 234 -17.19 -13.39 -7.59
N ARG B 235 -18.10 -12.43 -7.81
CA ARG B 235 -17.83 -11.40 -8.81
C ARG B 235 -16.76 -10.41 -8.32
N GLN B 236 -16.69 -10.14 -7.01
CA GLN B 236 -15.58 -9.32 -6.51
C GLN B 236 -14.26 -10.07 -6.64
N ILE B 237 -14.25 -11.38 -6.34
CA ILE B 237 -13.05 -12.18 -6.52
C ILE B 237 -12.60 -12.14 -7.97
N GLU B 238 -13.55 -12.32 -8.90
CA GLU B 238 -13.26 -12.25 -10.33
C GLU B 238 -12.73 -10.88 -10.71
N MET B 239 -13.29 -9.84 -10.08
CA MET B 239 -12.82 -8.48 -10.34
C MET B 239 -11.36 -8.32 -9.93
N GLN B 240 -10.99 -8.87 -8.76
CA GLN B 240 -9.62 -8.75 -8.26
C GLN B 240 -8.62 -9.55 -9.09
N ALA B 241 -9.10 -10.60 -9.80
CA ALA B 241 -8.37 -11.66 -10.48
C ALA B 241 -8.01 -12.75 -9.46
N PRO B 242 -8.55 -13.97 -9.58
CA PRO B 242 -8.29 -15.00 -8.55
C PRO B 242 -6.80 -15.24 -8.31
N GLY B 243 -5.96 -15.04 -9.32
CA GLY B 243 -4.54 -15.23 -9.18
C GLY B 243 -3.88 -14.22 -8.28
N THR B 244 -4.62 -13.23 -7.81
CA THR B 244 -4.11 -12.26 -6.87
C THR B 244 -4.71 -12.38 -5.48
N VAL B 245 -5.59 -13.37 -5.25
CA VAL B 245 -6.30 -13.48 -3.99
C VAL B 245 -5.78 -14.69 -3.22
N ALA B 246 -5.42 -14.48 -1.96
CA ALA B 246 -4.90 -15.54 -1.11
C ALA B 246 -6.00 -16.32 -0.40
N ALA B 247 -7.00 -15.63 0.17
CA ALA B 247 -7.92 -16.30 1.09
C ALA B 247 -9.16 -15.45 1.34
N LEU B 248 -10.20 -16.14 1.76
CA LEU B 248 -11.40 -15.58 2.37
C LEU B 248 -11.34 -15.86 3.86
N ILE B 249 -11.65 -14.85 4.68
CA ILE B 249 -11.76 -15.06 6.13
C ILE B 249 -13.16 -14.68 6.56
N ALA B 250 -13.78 -15.52 7.40
CA ALA B 250 -15.15 -15.26 7.83
C ALA B 250 -15.41 -15.97 9.16
N GLU B 251 -16.26 -15.38 9.97
CA GLU B 251 -16.70 -16.06 11.18
C GLU B 251 -17.88 -16.99 10.85
N PRO B 252 -17.93 -18.22 11.38
CA PRO B 252 -19.14 -19.03 11.16
C PRO B 252 -20.40 -18.36 11.68
N ILE B 253 -20.31 -17.65 12.82
CA ILE B 253 -21.35 -16.75 13.27
C ILE B 253 -20.65 -15.45 13.70
N GLN B 254 -21.08 -14.31 13.15
CA GLN B 254 -20.39 -13.05 13.48
C GLN B 254 -20.72 -12.62 14.90
N GLY B 255 -19.67 -12.44 15.70
CA GLY B 255 -19.83 -12.15 17.11
C GLY B 255 -19.91 -10.67 17.37
N ALA B 256 -18.76 -9.99 17.36
CA ALA B 256 -18.72 -8.57 17.72
C ALA B 256 -19.52 -7.71 16.75
N GLY B 257 -19.74 -8.19 15.53
CA GLY B 257 -20.63 -7.51 14.59
C GLY B 257 -22.09 -7.56 14.99
N GLY B 258 -22.43 -8.30 16.04
CA GLY B 258 -23.76 -8.24 16.58
C GLY B 258 -24.55 -9.55 16.48
N VAL B 259 -23.86 -10.69 16.61
CA VAL B 259 -24.43 -12.05 16.59
C VAL B 259 -25.26 -12.26 15.34
N ILE B 260 -24.62 -12.32 14.18
CA ILE B 260 -25.34 -12.49 12.93
C ILE B 260 -25.15 -13.93 12.47
N VAL B 261 -26.22 -14.72 12.52
CA VAL B 261 -26.20 -16.12 12.11
C VAL B 261 -26.49 -16.19 10.61
N PRO B 262 -25.58 -16.65 9.77
CA PRO B 262 -25.83 -16.68 8.33
C PRO B 262 -26.83 -17.79 8.01
N PRO B 263 -27.49 -17.74 6.85
CA PRO B 263 -28.27 -18.91 6.41
C PRO B 263 -27.41 -20.16 6.31
N ALA B 264 -28.02 -21.33 6.60
CA ALA B 264 -27.27 -22.58 6.60
C ALA B 264 -26.62 -22.87 5.25
N SER B 265 -27.21 -22.41 4.14
CA SER B 265 -26.57 -22.71 2.86
C SER B 265 -25.31 -21.89 2.62
N TYR B 266 -25.09 -20.84 3.42
CA TYR B 266 -24.08 -19.85 3.06
C TYR B 266 -22.67 -20.42 3.18
N TRP B 267 -22.34 -21.03 4.30
CA TRP B 267 -20.96 -21.52 4.44
C TRP B 267 -20.61 -22.62 3.44
N PRO B 268 -21.50 -23.58 3.14
CA PRO B 268 -21.19 -24.53 2.05
C PRO B 268 -20.88 -23.83 0.75
N ARG B 269 -21.60 -22.75 0.46
CA ARG B 269 -21.27 -21.98 -0.74
C ARG B 269 -19.87 -21.38 -0.61
N LEU B 270 -19.49 -20.90 0.59
CA LEU B 270 -18.15 -20.33 0.76
C LEU B 270 -17.09 -21.37 0.45
N ARG B 271 -17.27 -22.60 0.95
CA ARG B 271 -16.33 -23.67 0.65
C ARG B 271 -16.24 -23.93 -0.83
N GLN B 272 -17.40 -23.95 -1.51
CA GLN B 272 -17.44 -24.14 -2.96
C GLN B 272 -16.72 -23.02 -3.69
N ILE B 273 -16.93 -21.77 -3.26
CA ILE B 273 -16.31 -20.61 -3.91
C ILE B 273 -14.80 -20.68 -3.76
N CYS B 274 -14.35 -21.02 -2.55
CA CYS B 274 -12.91 -21.12 -2.32
C CYS B 274 -12.31 -22.25 -3.16
N ASP B 275 -13.02 -23.37 -3.28
CA ASP B 275 -12.55 -24.45 -4.16
C ASP B 275 -12.49 -23.98 -5.60
N LYS B 276 -13.53 -23.29 -6.04
CA LYS B 276 -13.68 -22.85 -7.44
C LYS B 276 -12.57 -21.90 -7.84
N TYR B 277 -12.27 -20.90 -7.01
CA TYR B 277 -11.28 -19.88 -7.35
C TYR B 277 -9.90 -20.20 -6.78
N ASP B 278 -9.77 -21.32 -6.08
CA ASP B 278 -8.50 -21.75 -5.53
C ASP B 278 -7.91 -20.67 -4.60
N ILE B 279 -8.70 -20.34 -3.58
CA ILE B 279 -8.27 -19.52 -2.46
C ILE B 279 -8.54 -20.31 -1.18
N LEU B 280 -7.79 -19.99 -0.12
CA LEU B 280 -7.97 -20.64 1.17
C LEU B 280 -9.22 -20.10 1.88
N LEU B 281 -9.88 -20.97 2.64
CA LEU B 281 -10.97 -20.60 3.53
C LEU B 281 -10.40 -20.58 4.94
N ILE B 282 -10.32 -19.38 5.53
CA ILE B 282 -9.91 -19.20 6.92
C ILE B 282 -11.17 -19.05 7.76
N ALA B 283 -11.40 -19.98 8.68
CA ALA B 283 -12.51 -19.84 9.63
C ALA B 283 -12.01 -19.14 10.90
N ASP B 284 -12.54 -17.95 11.15
CA ASP B 284 -12.25 -17.26 12.41
C ASP B 284 -13.20 -17.80 13.48
N GLU B 285 -12.70 -18.78 14.23
CA GLU B 285 -13.44 -19.46 15.28
C GLU B 285 -13.05 -18.98 16.65
N VAL B 286 -12.57 -17.73 16.77
CA VAL B 286 -12.12 -17.27 18.08
C VAL B 286 -13.28 -17.30 19.07
N ILE B 287 -14.48 -16.94 18.64
CA ILE B 287 -15.62 -17.08 19.52
C ILE B 287 -16.27 -18.45 19.38
N THR B 288 -16.50 -18.92 18.16
CA THR B 288 -17.30 -20.15 18.00
C THR B 288 -16.50 -21.42 18.23
N GLY B 289 -15.16 -21.34 18.29
CA GLY B 289 -14.34 -22.51 18.53
C GLY B 289 -14.61 -23.11 19.90
N LEU B 290 -14.78 -24.43 19.93
CA LEU B 290 -14.90 -25.22 21.15
C LEU B 290 -16.21 -24.95 21.91
N GLY B 291 -17.29 -24.74 21.17
CA GLY B 291 -18.61 -25.10 21.65
C GLY B 291 -19.69 -24.04 21.68
N ARG B 292 -19.39 -22.74 21.68
CA ARG B 292 -20.40 -21.75 22.10
C ARG B 292 -21.70 -21.83 21.28
N SER B 293 -21.59 -22.00 19.97
CA SER B 293 -22.75 -21.96 19.08
C SER B 293 -23.49 -23.28 19.07
N GLY B 294 -23.11 -24.22 19.93
CA GLY B 294 -23.82 -25.45 20.11
C GLY B 294 -23.27 -26.62 19.30
N SER B 295 -22.23 -26.38 18.51
CA SER B 295 -21.42 -27.40 17.86
C SER B 295 -19.98 -27.18 18.29
N LEU B 296 -19.16 -28.25 18.29
CA LEU B 296 -17.79 -28.10 18.75
C LEU B 296 -17.04 -27.06 17.93
N PHE B 297 -17.36 -26.92 16.66
CA PHE B 297 -16.89 -25.77 15.88
C PHE B 297 -18.04 -25.22 15.04
N GLY B 298 -18.06 -23.89 14.86
CA GLY B 298 -19.06 -23.26 14.01
C GLY B 298 -19.03 -23.79 12.59
N SER B 299 -17.83 -24.01 12.05
CA SER B 299 -17.72 -24.62 10.73
C SER B 299 -18.38 -25.99 10.74
N ARG B 300 -18.10 -26.77 11.79
CA ARG B 300 -18.70 -28.10 11.88
C ARG B 300 -20.21 -27.97 11.90
N GLY B 301 -20.73 -26.98 12.66
CA GLY B 301 -22.14 -26.67 12.67
C GLY B 301 -22.73 -26.41 11.30
N TRP B 302 -21.93 -25.89 10.37
CA TRP B 302 -22.45 -25.75 9.01
C TRP B 302 -22.04 -26.91 8.10
N GLY B 303 -21.35 -27.92 8.64
CA GLY B 303 -20.80 -29.04 7.89
C GLY B 303 -19.71 -28.68 6.89
N VAL B 304 -18.84 -27.70 7.23
CA VAL B 304 -17.81 -27.20 6.33
C VAL B 304 -16.42 -27.41 6.95
N LYS B 305 -15.45 -27.77 6.11
CA LYS B 305 -14.07 -27.96 6.54
C LYS B 305 -13.20 -26.83 6.01
N PRO B 306 -12.81 -25.87 6.85
CA PRO B 306 -11.92 -24.81 6.39
C PRO B 306 -10.52 -25.35 6.18
N ASP B 307 -9.69 -24.55 5.51
CA ASP B 307 -8.26 -24.82 5.37
C ASP B 307 -7.49 -24.43 6.64
N ILE B 308 -7.88 -23.31 7.28
CA ILE B 308 -7.21 -22.72 8.44
C ILE B 308 -8.26 -22.30 9.47
N MET B 309 -8.02 -22.58 10.75
CA MET B 309 -8.95 -22.22 11.83
C MET B 309 -8.22 -21.40 12.91
N CYS B 310 -8.81 -20.27 13.30
CA CYS B 310 -8.27 -19.40 14.36
C CYS B 310 -9.06 -19.62 15.64
N LEU B 311 -8.38 -19.97 16.73
CA LEU B 311 -9.00 -20.25 18.02
C LEU B 311 -8.34 -19.36 19.07
N ALA B 312 -9.14 -18.88 20.03
CA ALA B 312 -8.60 -18.10 21.16
C ALA B 312 -9.66 -18.09 22.23
N LYS B 313 -9.75 -16.98 22.98
CA LYS B 313 -10.76 -16.75 24.00
C LYS B 313 -11.04 -17.99 24.83
N GLY B 314 -12.14 -18.67 24.50
CA GLY B 314 -12.64 -19.79 25.29
C GLY B 314 -11.76 -21.01 25.33
N ILE B 315 -10.83 -21.16 24.37
CA ILE B 315 -9.96 -22.33 24.32
C ILE B 315 -9.25 -22.55 25.65
N SER B 316 -9.00 -21.49 26.42
CA SER B 316 -8.38 -21.60 27.73
C SER B 316 -9.35 -21.19 28.83
N SER B 317 -10.64 -21.04 28.52
CA SER B 317 -11.63 -20.52 29.46
C SER B 317 -11.21 -19.14 30.04
N GLY B 318 -10.37 -18.41 29.30
CA GLY B 318 -9.89 -17.12 29.76
C GLY B 318 -8.96 -17.18 30.95
N TYR B 319 -8.53 -18.35 31.42
CA TYR B 319 -7.74 -18.39 32.65
C TYR B 319 -6.30 -17.92 32.39
N VAL B 320 -5.77 -18.18 31.20
CA VAL B 320 -4.44 -17.78 30.79
C VAL B 320 -4.51 -17.48 29.30
N PRO B 321 -3.94 -16.38 28.81
CA PRO B 321 -4.00 -16.13 27.36
C PRO B 321 -3.37 -17.26 26.54
N LEU B 322 -4.11 -17.72 25.54
CA LEU B 322 -3.65 -18.71 24.57
C LEU B 322 -4.48 -18.58 23.30
N SER B 323 -3.81 -18.66 22.17
CA SER B 323 -4.52 -18.80 20.91
C SER B 323 -3.88 -19.94 20.12
N ALA B 324 -4.62 -20.47 19.16
CA ALA B 324 -4.07 -21.50 18.28
C ALA B 324 -4.62 -21.31 16.87
N THR B 325 -3.75 -21.34 15.86
CA THR B 325 -4.15 -21.34 14.46
C THR B 325 -3.87 -22.74 13.89
N LEU B 326 -4.92 -23.43 13.43
CA LEU B 326 -4.82 -24.80 12.92
C LEU B 326 -4.81 -24.81 11.40
N VAL B 327 -4.01 -25.72 10.81
CA VAL B 327 -4.01 -25.86 9.36
C VAL B 327 -4.21 -27.32 8.97
N ASN B 328 -4.76 -27.50 7.76
CA ASN B 328 -4.99 -28.84 7.19
C ASN B 328 -3.74 -29.29 6.43
N SER B 329 -3.78 -30.54 5.93
CA SER B 329 -2.65 -31.12 5.21
C SER B 329 -2.37 -30.36 3.93
N ARG B 330 -3.40 -29.92 3.24
CA ARG B 330 -3.17 -29.18 2.01
C ARG B 330 -2.22 -28.01 2.29
N VAL B 331 -2.50 -27.26 3.35
CA VAL B 331 -1.66 -26.12 3.71
C VAL B 331 -0.31 -26.61 4.24
N ALA B 332 -0.31 -27.49 5.25
CA ALA B 332 0.94 -27.91 5.89
C ALA B 332 1.96 -28.46 4.89
N ARG B 333 1.51 -29.23 3.88
CA ARG B 333 2.47 -29.90 3.01
C ARG B 333 3.30 -28.93 2.15
N ALA B 334 2.87 -27.66 2.00
CA ALA B 334 3.64 -26.71 1.20
C ALA B 334 5.04 -26.48 1.76
N TRP B 335 5.20 -26.62 3.08
CA TRP B 335 6.49 -26.41 3.70
C TRP B 335 7.40 -27.62 3.48
N GLU B 336 6.84 -28.74 2.98
CA GLU B 336 7.65 -29.90 2.64
C GLU B 336 8.22 -29.80 1.24
N ARG B 337 8.07 -28.66 0.57
CA ARG B 337 8.70 -28.50 -0.71
C ARG B 337 10.15 -28.08 -0.50
N ASP B 338 10.99 -28.45 -1.46
CA ASP B 338 12.37 -28.03 -1.52
C ASP B 338 12.39 -26.60 -2.06
N ALA B 339 12.13 -25.64 -1.17
CA ALA B 339 11.93 -24.25 -1.55
C ALA B 339 12.95 -23.29 -0.94
N GLY B 340 14.03 -23.82 -0.38
CA GLY B 340 15.05 -22.99 0.28
C GLY B 340 14.49 -22.18 1.43
N PHE B 341 14.85 -20.88 1.47
CA PHE B 341 14.48 -20.05 2.61
C PHE B 341 12.96 -19.84 2.69
N THR B 342 12.27 -19.90 1.54
CA THR B 342 10.82 -19.78 1.51
C THR B 342 10.14 -20.86 2.34
N SER B 343 10.81 -21.99 2.59
CA SER B 343 10.17 -23.01 3.42
C SER B 343 10.52 -22.85 4.90
N VAL B 344 11.26 -21.81 5.27
CA VAL B 344 11.44 -21.50 6.69
C VAL B 344 10.23 -20.73 7.19
N TYR B 345 9.53 -21.30 8.18
CA TYR B 345 8.43 -20.60 8.84
C TYR B 345 8.97 -19.49 9.75
N MET B 346 9.10 -18.26 9.25
CA MET B 346 9.69 -17.13 9.99
C MET B 346 8.66 -16.33 10.79
N HIS B 347 7.81 -17.03 11.54
CA HIS B 347 6.78 -16.44 12.38
C HIS B 347 6.74 -17.18 13.71
N GLY B 348 6.03 -16.63 14.67
CA GLY B 348 5.98 -17.27 15.96
C GLY B 348 6.46 -16.34 17.02
N TYR B 349 5.72 -16.28 18.10
CA TYR B 349 5.95 -15.31 19.14
C TYR B 349 6.74 -15.93 20.27
N THR B 350 7.45 -15.09 21.03
CA THR B 350 8.18 -15.56 22.20
C THR B 350 7.33 -16.49 23.05
N TYR B 351 6.07 -16.13 23.29
CA TYR B 351 5.24 -16.94 24.16
C TYR B 351 4.41 -17.96 23.41
N SER B 352 4.66 -18.17 22.11
CA SER B 352 4.07 -19.28 21.38
C SER B 352 4.36 -20.58 22.10
N GLY B 353 3.31 -21.29 22.48
CA GLY B 353 3.47 -22.54 23.18
C GLY B 353 3.82 -22.39 24.64
N HIS B 354 3.54 -21.22 25.23
CA HIS B 354 3.85 -20.97 26.63
C HIS B 354 3.31 -22.13 27.47
N PRO B 355 4.16 -22.84 28.21
CA PRO B 355 3.69 -24.06 28.89
C PRO B 355 2.56 -23.81 29.87
N VAL B 356 2.49 -22.63 30.51
CA VAL B 356 1.39 -22.36 31.45
C VAL B 356 0.10 -22.14 30.68
N SER B 357 0.17 -21.35 29.61
CA SER B 357 -0.98 -21.22 28.72
C SER B 357 -1.48 -22.57 28.24
N CYS B 358 -0.55 -23.42 27.77
CA CYS B 358 -0.93 -24.72 27.23
C CYS B 358 -1.50 -25.61 28.33
N ALA B 359 -0.95 -25.56 29.55
CA ALA B 359 -1.56 -26.34 30.62
C ALA B 359 -3.01 -25.92 30.85
N ALA B 360 -3.24 -24.60 30.90
CA ALA B 360 -4.60 -24.10 31.13
C ALA B 360 -5.53 -24.53 30.01
N ALA B 361 -5.08 -24.38 28.77
CA ALA B 361 -5.91 -24.75 27.63
C ALA B 361 -6.24 -26.25 27.68
N LEU B 362 -5.26 -27.10 28.03
CA LEU B 362 -5.54 -28.53 28.13
C LEU B 362 -6.62 -28.83 29.14
N ALA B 363 -6.53 -28.20 30.33
CA ALA B 363 -7.56 -28.49 31.33
C ALA B 363 -8.93 -28.01 30.85
N ALA B 364 -8.97 -26.85 30.20
CA ALA B 364 -10.25 -26.28 29.76
C ALA B 364 -10.90 -27.14 28.67
N ILE B 365 -10.11 -27.64 27.72
CA ILE B 365 -10.65 -28.47 26.65
C ILE B 365 -11.18 -29.77 27.24
N ASP B 366 -10.46 -30.33 28.23
CA ASP B 366 -10.97 -31.50 28.90
C ASP B 366 -12.31 -31.24 29.54
N ILE B 367 -12.48 -30.07 30.16
CA ILE B 367 -13.77 -29.76 30.76
C ILE B 367 -14.85 -29.68 29.67
N VAL B 368 -14.55 -28.96 28.59
CA VAL B 368 -15.50 -28.81 27.48
C VAL B 368 -15.98 -30.18 27.00
N LEU B 369 -15.06 -31.13 26.85
CA LEU B 369 -15.40 -32.46 26.33
C LEU B 369 -16.13 -33.32 27.36
N GLN B 370 -15.60 -33.37 28.59
CA GLN B 370 -16.14 -34.25 29.62
C GLN B 370 -17.56 -33.84 30.02
N GLU B 371 -17.84 -32.53 30.04
CA GLU B 371 -19.14 -32.03 30.43
C GLU B 371 -20.03 -31.70 29.24
N ASN B 372 -19.61 -32.06 28.04
CA ASN B 372 -20.33 -31.83 26.79
C ASN B 372 -20.98 -30.44 26.78
N LEU B 373 -20.12 -29.43 26.93
CA LEU B 373 -20.60 -28.06 26.97
C LEU B 373 -21.08 -27.63 25.60
N ALA B 374 -20.63 -28.25 24.50
CA ALA B 374 -21.19 -27.89 23.21
C ALA B 374 -22.68 -28.23 23.16
N GLU B 375 -23.04 -29.41 23.70
CA GLU B 375 -24.44 -29.80 23.75
C GLU B 375 -25.23 -28.95 24.74
N ASN B 376 -24.63 -28.64 25.90
CA ASN B 376 -25.29 -27.75 26.86
C ASN B 376 -25.51 -26.39 26.25
N ALA B 377 -24.53 -25.88 25.51
CA ALA B 377 -24.72 -24.62 24.81
C ALA B 377 -25.87 -24.77 23.80
N ARG B 378 -25.95 -25.90 23.09
CA ARG B 378 -27.02 -26.07 22.10
C ARG B 378 -28.39 -25.99 22.78
N VAL B 379 -28.57 -26.74 23.87
CA VAL B 379 -29.89 -26.86 24.47
C VAL B 379 -30.27 -25.59 25.21
N VAL B 380 -29.39 -25.14 26.13
CA VAL B 380 -29.70 -23.97 26.93
C VAL B 380 -29.76 -22.75 26.02
N GLY B 381 -28.95 -22.71 24.96
CA GLY B 381 -29.04 -21.65 23.98
C GLY B 381 -30.36 -21.64 23.24
N ASP B 382 -30.86 -22.83 22.84
CA ASP B 382 -32.17 -22.97 22.21
C ASP B 382 -33.28 -22.40 23.09
N TYR B 383 -33.29 -22.79 24.37
CA TYR B 383 -34.27 -22.31 25.33
C TYR B 383 -34.19 -20.79 25.47
N PHE B 384 -32.96 -20.27 25.64
CA PHE B 384 -32.71 -18.85 25.77
C PHE B 384 -33.27 -18.12 24.57
N LEU B 385 -32.99 -18.62 23.37
CA LEU B 385 -33.47 -17.96 22.17
C LEU B 385 -35.00 -17.94 22.11
N GLU B 386 -35.64 -19.06 22.50
CA GLU B 386 -37.11 -19.15 22.50
C GLU B 386 -37.71 -18.09 23.43
N LYS B 387 -37.16 -17.99 24.64
CA LYS B 387 -37.68 -17.01 25.60
C LYS B 387 -37.48 -15.59 25.10
N LEU B 388 -36.35 -15.32 24.44
CA LEU B 388 -36.15 -13.98 23.88
C LEU B 388 -37.18 -13.69 22.79
N LEU B 389 -37.59 -14.67 22.02
CA LEU B 389 -38.59 -14.43 20.95
C LEU B 389 -39.95 -14.07 21.54
N ILE B 390 -40.31 -14.69 22.67
CA ILE B 390 -41.53 -14.28 23.36
C ILE B 390 -41.37 -12.83 23.87
N LEU B 391 -40.22 -12.54 24.47
CA LEU B 391 -39.94 -11.20 24.96
C LEU B 391 -40.04 -10.18 23.81
N LYS B 392 -39.55 -10.54 22.62
CA LYS B 392 -39.63 -9.61 21.49
C LYS B 392 -41.08 -9.25 21.20
N ASP B 393 -41.96 -10.27 21.12
CA ASP B 393 -43.36 -9.91 20.88
C ASP B 393 -43.90 -8.96 21.94
N LYS B 394 -43.36 -9.03 23.17
CA LYS B 394 -43.91 -8.22 24.25
C LYS B 394 -43.46 -6.75 24.24
N HIS B 395 -42.23 -6.42 23.82
CA HIS B 395 -41.66 -5.09 24.03
C HIS B 395 -41.29 -4.41 22.71
N ARG B 396 -41.95 -3.29 22.40
CA ARG B 396 -41.91 -2.72 21.05
C ARG B 396 -40.52 -2.23 20.66
N ALA B 397 -39.66 -1.88 21.63
CA ALA B 397 -38.30 -1.47 21.30
C ALA B 397 -37.44 -2.61 20.71
N ILE B 398 -37.83 -3.88 20.88
CA ILE B 398 -37.06 -5.01 20.34
C ILE B 398 -37.37 -5.18 18.86
N GLY B 399 -36.41 -4.83 18.00
CA GLY B 399 -36.52 -4.98 16.56
C GLY B 399 -36.08 -6.36 16.08
N ASP B 400 -35.10 -6.97 16.75
CA ASP B 400 -34.62 -8.26 16.24
C ASP B 400 -34.01 -9.06 17.37
N VAL B 401 -34.18 -10.37 17.32
CA VAL B 401 -33.49 -11.25 18.24
C VAL B 401 -32.81 -12.32 17.41
N ARG B 402 -31.55 -12.58 17.74
CA ARG B 402 -30.75 -13.51 16.96
C ARG B 402 -29.99 -14.37 17.94
N GLY B 403 -29.73 -15.61 17.56
CA GLY B 403 -28.89 -16.41 18.42
C GLY B 403 -28.53 -17.76 17.83
N LYS B 404 -27.39 -18.33 18.22
CA LYS B 404 -27.09 -19.74 18.01
C LYS B 404 -26.32 -20.25 19.21
N GLY B 405 -26.83 -21.32 19.81
CA GLY B 405 -26.27 -21.74 21.07
C GLY B 405 -26.21 -20.55 22.01
N LEU B 406 -25.11 -20.41 22.75
CA LEU B 406 -25.03 -19.35 23.76
C LEU B 406 -24.30 -18.10 23.23
N MET B 407 -24.56 -17.75 21.97
CA MET B 407 -24.30 -16.40 21.50
C MET B 407 -25.63 -15.82 21.00
N LEU B 408 -26.12 -14.79 21.70
CA LEU B 408 -27.40 -14.17 21.38
C LEU B 408 -27.28 -12.66 21.41
N ALA B 409 -28.12 -12.01 20.62
CA ALA B 409 -28.21 -10.55 20.67
C ALA B 409 -29.68 -10.13 20.58
N VAL B 410 -30.02 -9.08 21.34
CA VAL B 410 -31.30 -8.38 21.26
C VAL B 410 -31.07 -6.99 20.69
N GLU B 411 -31.53 -6.75 19.45
CA GLU B 411 -31.34 -5.48 18.76
C GLU B 411 -32.55 -4.56 18.97
N LEU B 412 -32.27 -3.39 19.52
CA LEU B 412 -33.24 -2.36 19.89
C LEU B 412 -33.36 -1.31 18.80
N VAL B 413 -34.58 -0.99 18.44
CA VAL B 413 -34.83 0.02 17.41
C VAL B 413 -35.87 1.04 17.91
N LYS B 414 -35.76 2.26 17.38
CA LYS B 414 -36.69 3.34 17.72
C LYS B 414 -38.05 3.13 17.04
N GLU B 415 -38.06 2.43 15.91
CA GLU B 415 -39.27 2.16 15.16
C GLU B 415 -39.10 0.87 14.38
N ARG B 416 -40.01 -0.09 14.61
CA ARG B 416 -39.91 -1.41 13.99
C ARG B 416 -40.11 -1.36 12.48
N ALA B 417 -41.02 -0.49 12.02
CA ALA B 417 -41.37 -0.42 10.60
C ALA B 417 -40.17 -0.02 9.74
N THR B 418 -39.35 0.91 10.25
CA THR B 418 -38.21 1.43 9.51
C THR B 418 -36.91 0.79 9.95
N LYS B 419 -36.91 0.12 11.11
CA LYS B 419 -35.73 -0.47 11.72
C LYS B 419 -34.67 0.57 12.08
N GLU B 420 -35.09 1.81 12.29
CA GLU B 420 -34.19 2.89 12.72
C GLU B 420 -33.50 2.52 14.02
N PRO B 421 -32.17 2.43 14.06
CA PRO B 421 -31.49 2.04 15.30
C PRO B 421 -31.38 3.18 16.30
N PHE B 422 -31.28 2.81 17.58
CA PHE B 422 -30.75 3.71 18.58
C PHE B 422 -29.28 3.96 18.29
N GLY B 423 -28.87 5.22 18.44
CA GLY B 423 -27.49 5.58 18.21
C GLY B 423 -26.66 5.37 19.45
N PRO B 424 -25.33 5.44 19.32
CA PRO B 424 -24.47 5.35 20.50
C PRO B 424 -24.81 6.43 21.51
N ALA B 425 -25.34 7.56 21.04
CA ALA B 425 -25.65 8.70 21.89
C ALA B 425 -26.97 8.54 22.65
N ASP B 426 -27.85 7.65 22.21
CA ASP B 426 -29.19 7.52 22.78
C ASP B 426 -29.15 6.83 24.14
N ALA B 427 -30.18 7.09 24.95
CA ALA B 427 -30.15 6.65 26.34
C ALA B 427 -30.80 5.28 26.56
N TYR B 428 -31.76 4.89 25.70
CA TYR B 428 -32.61 3.73 25.96
C TYR B 428 -31.81 2.42 26.09
N PRO B 429 -30.92 2.05 25.16
CA PRO B 429 -30.14 0.80 25.36
C PRO B 429 -29.40 0.79 26.69
N LEU B 430 -28.78 1.93 27.05
CA LEU B 430 -28.04 2.05 28.29
C LEU B 430 -28.97 1.94 29.50
N ALA B 431 -30.20 2.45 29.37
CA ALA B 431 -31.19 2.30 30.44
C ALA B 431 -31.54 0.84 30.69
N ILE B 432 -31.80 0.10 29.61
CA ILE B 432 -32.12 -1.33 29.75
C ILE B 432 -30.94 -2.06 30.37
N SER B 433 -29.74 -1.80 29.85
CA SER B 433 -28.53 -2.43 30.37
C SER B 433 -28.37 -2.16 31.86
N GLU B 434 -28.49 -0.88 32.26
CA GLU B 434 -28.33 -0.48 33.66
C GLU B 434 -29.42 -1.06 34.56
N ALA B 435 -30.67 -1.14 34.08
CA ALA B 435 -31.70 -1.80 34.88
C ALA B 435 -31.36 -3.28 35.13
N CYS B 436 -30.79 -3.94 34.12
CA CYS B 436 -30.33 -5.31 34.36
C CYS B 436 -29.18 -5.30 35.36
N VAL B 437 -28.14 -4.47 35.12
CA VAL B 437 -26.95 -4.49 35.98
C VAL B 437 -27.33 -4.18 37.41
N ASN B 438 -28.19 -3.18 37.63
CA ASN B 438 -28.64 -2.83 38.96
C ASN B 438 -29.56 -3.87 39.56
N ASN B 439 -30.00 -4.85 38.77
CA ASN B 439 -30.78 -5.94 39.36
C ASN B 439 -30.04 -7.27 39.22
N GLY B 440 -28.71 -7.23 39.15
CA GLY B 440 -27.88 -8.40 39.34
C GLY B 440 -27.62 -9.21 38.10
N VAL B 441 -27.77 -8.61 36.92
CA VAL B 441 -27.59 -9.30 35.65
C VAL B 441 -26.65 -8.43 34.83
N MET B 442 -25.45 -8.94 34.58
CA MET B 442 -24.42 -8.21 33.87
C MET B 442 -24.64 -8.37 32.37
N ILE B 443 -25.35 -7.41 31.79
CA ILE B 443 -25.54 -7.38 30.35
C ILE B 443 -25.15 -5.98 29.86
N ARG B 444 -24.22 -5.92 28.91
CA ARG B 444 -23.82 -4.64 28.34
C ARG B 444 -24.26 -4.60 26.87
N THR B 445 -23.95 -3.48 26.23
CA THR B 445 -24.38 -3.21 24.87
C THR B 445 -23.20 -3.09 23.92
N ILE B 446 -23.46 -3.38 22.67
CA ILE B 446 -22.68 -2.86 21.55
C ILE B 446 -23.64 -1.96 20.77
N VAL B 447 -23.52 -0.64 20.98
CA VAL B 447 -24.42 0.34 20.40
C VAL B 447 -25.87 -0.01 20.78
N ASN B 448 -26.66 -0.44 19.80
CA ASN B 448 -28.09 -0.68 20.04
C ASN B 448 -28.42 -2.15 20.30
N LYS B 449 -27.41 -2.99 20.55
CA LYS B 449 -27.61 -4.43 20.69
C LYS B 449 -27.21 -4.85 22.10
N LEU B 450 -28.12 -5.52 22.81
CA LEU B 450 -27.77 -6.21 24.04
C LEU B 450 -27.12 -7.54 23.67
N ILE B 451 -25.90 -7.77 24.14
CA ILE B 451 -25.15 -8.96 23.78
C ILE B 451 -25.21 -9.96 24.93
N ILE B 452 -25.51 -11.21 24.62
CA ILE B 452 -25.56 -12.27 25.60
C ILE B 452 -24.56 -13.36 25.19
N SER B 453 -23.58 -13.63 26.06
CA SER B 453 -22.57 -14.65 25.80
C SER B 453 -22.06 -15.22 27.13
N PRO B 454 -22.91 -15.91 27.90
CA PRO B 454 -22.52 -16.38 29.25
C PRO B 454 -21.56 -17.55 29.16
N PRO B 455 -21.02 -18.00 30.29
CA PRO B 455 -20.31 -19.28 30.28
C PRO B 455 -21.18 -20.40 29.73
N LEU B 456 -20.52 -21.41 29.14
CA LEU B 456 -21.21 -22.52 28.51
C LEU B 456 -21.77 -23.48 29.53
N THR B 457 -21.53 -23.24 30.82
CA THR B 457 -22.17 -24.01 31.89
C THR B 457 -23.51 -23.41 32.32
N PHE B 458 -24.00 -22.39 31.63
CA PHE B 458 -25.30 -21.78 31.95
C PHE B 458 -26.40 -22.85 31.98
N THR B 459 -27.37 -22.68 32.89
CA THR B 459 -28.53 -23.56 33.02
C THR B 459 -29.80 -22.85 32.55
N THR B 460 -30.86 -23.63 32.32
CA THR B 460 -32.16 -23.04 32.04
C THR B 460 -32.64 -22.17 33.21
N GLU B 461 -32.27 -22.51 34.44
CA GLU B 461 -32.64 -21.67 35.59
C GLU B 461 -31.97 -20.30 35.52
N HIS B 462 -30.68 -20.27 35.14
CA HIS B 462 -30.01 -18.98 34.92
C HIS B 462 -30.74 -18.20 33.84
N VAL B 463 -31.13 -18.90 32.77
CA VAL B 463 -31.89 -18.25 31.71
C VAL B 463 -33.16 -17.63 32.28
N ASP B 464 -33.90 -18.37 33.11
CA ASP B 464 -35.17 -17.83 33.58
C ASP B 464 -34.92 -16.60 34.45
N GLU B 465 -33.86 -16.64 35.27
CA GLU B 465 -33.51 -15.44 36.06
C GLU B 465 -33.25 -14.24 35.16
N VAL B 466 -32.43 -14.44 34.13
CA VAL B 466 -32.05 -13.32 33.27
C VAL B 466 -33.29 -12.79 32.54
N ILE B 467 -34.14 -13.69 32.04
CA ILE B 467 -35.35 -13.29 31.32
C ILE B 467 -36.28 -12.49 32.24
N GLU B 468 -36.41 -12.91 33.49
CA GLU B 468 -37.22 -12.15 34.44
C GLU B 468 -36.68 -10.74 34.60
N VAL B 469 -35.36 -10.61 34.79
CA VAL B 469 -34.77 -9.28 35.00
C VAL B 469 -34.90 -8.41 33.76
N LEU B 470 -34.64 -8.97 32.58
CA LEU B 470 -34.78 -8.24 31.32
C LEU B 470 -36.23 -7.78 31.11
N ASP B 471 -37.18 -8.66 31.39
CA ASP B 471 -38.58 -8.29 31.28
C ASP B 471 -38.88 -7.08 32.15
N ARG B 472 -38.50 -7.16 33.43
CA ARG B 472 -38.71 -6.05 34.35
C ARG B 472 -38.04 -4.78 33.84
N ALA B 473 -36.82 -4.91 33.29
CA ALA B 473 -36.11 -3.77 32.72
C ALA B 473 -36.93 -3.08 31.62
N PHE B 474 -37.50 -3.87 30.71
CA PHE B 474 -38.32 -3.30 29.64
C PHE B 474 -39.62 -2.70 30.18
N VAL B 475 -40.24 -3.35 31.17
CA VAL B 475 -41.47 -2.83 31.74
C VAL B 475 -41.22 -1.47 32.38
N ALA B 476 -40.11 -1.34 33.11
CA ALA B 476 -39.76 -0.08 33.76
C ALA B 476 -39.34 1.00 32.78
N ASN B 477 -39.08 0.64 31.52
CA ASN B 477 -38.59 1.58 30.51
C ASN B 477 -39.43 1.41 29.25
N PRO B 478 -40.70 1.82 29.30
CA PRO B 478 -41.57 1.64 28.13
C PRO B 478 -41.09 2.48 26.96
N TRP B 479 -41.31 1.95 25.77
CA TRP B 479 -41.02 2.61 24.50
C TRP B 479 -42.24 2.56 23.60
N TRP C 33 11.01 -0.50 -46.42
CA TRP C 33 11.40 -0.69 -45.02
C TRP C 33 10.17 -0.58 -44.13
N LEU C 34 9.01 -0.98 -44.65
CA LEU C 34 7.77 -0.88 -43.89
C LEU C 34 7.17 -2.24 -43.58
N LYS C 35 6.95 -3.08 -44.60
CA LYS C 35 6.44 -4.42 -44.36
C LYS C 35 7.50 -5.29 -43.68
N GLU C 36 8.79 -5.07 -44.03
CA GLU C 36 9.87 -5.86 -43.46
C GLU C 36 10.11 -5.52 -41.99
N HIS C 37 9.86 -4.27 -41.58
CA HIS C 37 10.10 -3.79 -40.21
C HIS C 37 8.83 -3.70 -39.36
N ASN C 38 7.64 -3.92 -39.94
CA ASN C 38 6.36 -3.93 -39.24
C ASN C 38 6.39 -4.85 -38.01
N THR C 39 6.25 -4.29 -36.81
CA THR C 39 6.17 -4.91 -35.50
C THR C 39 7.54 -5.30 -34.96
N VAL C 40 8.60 -5.24 -35.79
CA VAL C 40 9.87 -5.87 -35.42
C VAL C 40 10.52 -5.13 -34.27
N HIS C 41 10.44 -3.80 -34.28
CA HIS C 41 11.06 -2.96 -33.27
C HIS C 41 10.02 -2.33 -32.35
N MET C 42 8.89 -3.00 -32.16
CA MET C 42 7.71 -2.44 -31.53
C MET C 42 7.18 -3.30 -30.40
N MET C 43 6.75 -2.64 -29.32
CA MET C 43 5.89 -3.25 -28.31
C MET C 43 4.48 -2.71 -28.55
N HIS C 44 3.71 -3.44 -29.35
CA HIS C 44 2.39 -3.01 -29.78
C HIS C 44 1.42 -2.95 -28.59
N PRO C 45 0.68 -1.84 -28.43
CA PRO C 45 -0.29 -1.74 -27.32
C PRO C 45 -1.35 -2.83 -27.33
N MET C 46 -1.65 -3.36 -26.14
CA MET C 46 -2.82 -4.19 -25.86
C MET C 46 -2.76 -5.55 -26.54
N GLN C 47 -1.56 -6.06 -26.82
CA GLN C 47 -1.42 -7.26 -27.64
C GLN C 47 -0.35 -8.18 -27.10
N ASP C 48 -0.56 -9.47 -27.34
CA ASP C 48 0.44 -10.51 -27.08
C ASP C 48 1.47 -10.51 -28.20
N PRO C 49 2.75 -10.32 -27.93
CA PRO C 49 3.74 -10.32 -29.03
C PRO C 49 3.80 -11.63 -29.78
N LYS C 50 3.39 -12.74 -29.15
CA LYS C 50 3.37 -14.03 -29.85
C LYS C 50 2.45 -13.98 -31.07
N ALA C 51 1.33 -13.25 -30.98
CA ALA C 51 0.35 -13.18 -32.07
C ALA C 51 0.88 -12.40 -33.27
N LEU C 52 1.82 -11.46 -33.06
CA LEU C 52 2.21 -10.53 -34.12
C LEU C 52 3.22 -11.12 -35.08
N HIS C 53 3.94 -12.14 -34.63
CA HIS C 53 4.81 -12.93 -35.50
C HIS C 53 3.99 -13.70 -36.53
N GLU C 54 2.80 -14.17 -36.12
CA GLU C 54 2.02 -15.04 -36.99
C GLU C 54 1.17 -14.25 -37.99
N GLN C 55 0.58 -13.12 -37.58
CA GLN C 55 -0.14 -12.27 -38.53
C GLN C 55 0.06 -10.82 -38.14
N ARG C 56 0.66 -10.09 -39.06
CA ARG C 56 1.11 -8.71 -39.00
C ARG C 56 -0.07 -7.77 -39.27
N PRO C 57 -0.12 -6.64 -38.56
CA PRO C 57 -1.22 -5.70 -38.76
C PRO C 57 -1.12 -5.00 -40.10
N LEU C 58 -2.30 -4.54 -40.56
CA LEU C 58 -2.39 -3.78 -41.80
C LEU C 58 -1.69 -2.43 -41.60
N ILE C 59 -0.83 -2.05 -42.54
CA ILE C 59 -0.15 -0.76 -42.47
C ILE C 59 -1.06 0.24 -43.18
N ILE C 60 -1.82 1.01 -42.41
CA ILE C 60 -2.74 1.97 -42.98
C ILE C 60 -1.98 3.22 -43.37
N GLN C 61 -2.16 3.65 -44.61
CA GLN C 61 -1.34 4.69 -45.24
C GLN C 61 -2.02 6.05 -45.27
N SER C 62 -3.32 6.12 -45.56
CA SER C 62 -3.97 7.41 -45.74
C SER C 62 -5.40 7.35 -45.26
N GLY C 63 -5.98 8.53 -45.04
CA GLY C 63 -7.37 8.66 -44.68
C GLY C 63 -8.08 9.82 -45.36
N LYS C 64 -9.36 9.63 -45.68
CA LYS C 64 -10.17 10.68 -46.27
C LYS C 64 -11.63 10.46 -45.89
N GLY C 65 -12.28 11.51 -45.39
CA GLY C 65 -13.66 11.41 -44.94
C GLY C 65 -13.77 10.41 -43.81
N VAL C 66 -14.53 9.34 -44.04
CA VAL C 66 -14.66 8.25 -43.07
C VAL C 66 -13.95 6.99 -43.55
N HIS C 67 -13.15 7.10 -44.60
CA HIS C 67 -12.44 5.98 -45.19
C HIS C 67 -10.96 6.05 -44.87
N ILE C 68 -10.34 4.86 -44.81
CA ILE C 68 -8.90 4.71 -44.68
C ILE C 68 -8.40 3.79 -45.79
N THR C 69 -7.13 3.95 -46.12
CA THR C 69 -6.45 3.19 -47.17
C THR C 69 -5.10 2.71 -46.66
N ASP C 70 -4.79 1.44 -46.89
CA ASP C 70 -3.51 0.87 -46.49
C ASP C 70 -2.47 0.98 -47.61
N VAL C 71 -1.26 0.51 -47.33
CA VAL C 71 -0.14 0.63 -48.26
C VAL C 71 -0.37 -0.13 -49.56
N ASP C 72 -1.26 -1.12 -49.59
CA ASP C 72 -1.55 -1.87 -50.83
C ASP C 72 -2.72 -1.31 -51.61
N GLY C 73 -3.29 -0.18 -51.17
CA GLY C 73 -4.43 0.46 -51.82
C GLY C 73 -5.77 -0.08 -51.39
N ARG C 74 -5.81 -0.96 -50.38
CA ARG C 74 -7.08 -1.46 -49.84
C ARG C 74 -7.82 -0.35 -49.09
N ARG C 75 -9.09 -0.13 -49.46
CA ARG C 75 -9.89 0.95 -48.90
C ARG C 75 -10.97 0.38 -47.98
N PHE C 76 -11.18 1.04 -46.84
CA PHE C 76 -12.12 0.62 -45.81
C PHE C 76 -12.92 1.79 -45.26
N ILE C 77 -14.19 1.55 -44.95
CA ILE C 77 -14.94 2.41 -44.03
C ILE C 77 -14.40 2.19 -42.62
N ASP C 78 -13.98 3.28 -41.97
CA ASP C 78 -13.34 3.17 -40.65
C ASP C 78 -14.40 3.25 -39.55
N CYS C 79 -14.94 2.09 -39.18
CA CYS C 79 -15.88 2.03 -38.06
C CYS C 79 -15.16 2.14 -36.72
N GLN C 80 -13.83 2.11 -36.69
CA GLN C 80 -13.12 2.34 -35.44
C GLN C 80 -13.00 3.82 -35.10
N GLY C 81 -13.18 4.71 -36.07
CA GLY C 81 -12.93 6.13 -35.90
C GLY C 81 -11.53 6.37 -35.38
N GLY C 82 -10.55 5.72 -36.00
CA GLY C 82 -9.21 5.66 -35.46
C GLY C 82 -9.18 4.79 -34.23
N LEU C 83 -9.49 5.40 -33.08
CA LEU C 83 -9.69 4.72 -31.81
C LEU C 83 -10.61 5.56 -30.94
N TRP C 84 -11.89 5.65 -31.33
CA TRP C 84 -12.91 6.49 -30.71
C TRP C 84 -12.53 7.96 -30.79
N CYS C 85 -11.71 8.37 -31.77
CA CYS C 85 -11.11 9.70 -31.64
C CYS C 85 -11.11 10.56 -32.89
N VAL C 86 -11.21 9.99 -34.10
CA VAL C 86 -11.19 10.81 -35.30
C VAL C 86 -12.62 11.30 -35.53
N ASN C 87 -13.11 12.14 -34.62
CA ASN C 87 -14.53 12.43 -34.56
C ASN C 87 -14.98 13.33 -35.70
N ALA C 88 -14.08 14.18 -36.23
CA ALA C 88 -14.41 15.10 -37.31
C ALA C 88 -14.13 14.52 -38.70
N GLY C 89 -13.62 13.30 -38.77
CA GLY C 89 -13.24 12.68 -40.02
C GLY C 89 -11.81 13.04 -40.43
N TYR C 90 -11.35 12.33 -41.45
CA TYR C 90 -9.99 12.48 -41.95
C TYR C 90 -9.91 13.60 -42.98
N GLY C 91 -8.75 14.25 -43.03
CA GLY C 91 -8.46 15.20 -44.08
C GLY C 91 -9.11 16.56 -43.91
N ARG C 92 -9.44 16.94 -42.68
CA ARG C 92 -10.09 18.23 -42.42
C ARG C 92 -9.06 19.36 -42.56
N ARG C 93 -9.18 20.13 -43.66
CA ARG C 93 -8.31 21.27 -43.91
C ARG C 93 -8.34 22.24 -42.72
N GLU C 94 -9.50 22.35 -42.07
CA GLU C 94 -9.63 23.27 -40.96
C GLU C 94 -8.56 22.99 -39.90
N ILE C 95 -8.44 21.73 -39.52
CA ILE C 95 -7.53 21.33 -38.45
C ILE C 95 -6.09 21.32 -38.96
N ILE C 96 -5.88 20.77 -40.15
CA ILE C 96 -4.52 20.72 -40.72
C ILE C 96 -3.93 22.12 -40.82
N ASP C 97 -4.73 23.08 -41.32
CA ASP C 97 -4.22 24.44 -41.47
C ASP C 97 -4.01 25.09 -40.10
N ALA C 98 -4.92 24.87 -39.15
CA ALA C 98 -4.67 25.41 -37.82
C ALA C 98 -3.33 24.92 -37.30
N VAL C 99 -3.04 23.63 -37.50
CA VAL C 99 -1.81 23.02 -36.98
C VAL C 99 -0.59 23.60 -37.67
N THR C 100 -0.59 23.58 -39.01
CA THR C 100 0.53 24.13 -39.76
C THR C 100 0.80 25.57 -39.36
N ARG C 101 -0.25 26.40 -39.34
CA ARG C 101 -0.06 27.82 -39.04
C ARG C 101 0.53 28.01 -37.65
N GLN C 102 0.05 27.25 -36.66
CA GLN C 102 0.59 27.41 -35.30
C GLN C 102 2.04 26.95 -35.21
N MET C 103 2.36 25.81 -35.83
CA MET C 103 3.72 25.28 -35.74
C MET C 103 4.70 26.19 -36.47
N GLU C 104 4.25 26.84 -37.53
CA GLU C 104 5.05 27.84 -38.22
C GLU C 104 5.24 29.06 -37.31
N GLU C 105 4.22 29.38 -36.50
CA GLU C 105 4.31 30.56 -35.65
C GLU C 105 5.09 30.30 -34.37
N LEU C 106 4.68 29.30 -33.60
CA LEU C 106 5.36 28.96 -32.35
C LEU C 106 5.13 27.48 -32.11
N ALA C 107 6.15 26.65 -32.33
CA ALA C 107 5.98 25.21 -32.19
C ALA C 107 5.70 24.81 -30.74
N TYR C 108 6.30 25.49 -29.77
CA TYR C 108 6.13 25.11 -28.38
C TYR C 108 6.57 26.24 -27.45
N TYR C 109 5.79 26.47 -26.40
CA TYR C 109 6.32 27.03 -25.15
C TYR C 109 5.41 26.62 -24.00
N SER C 110 6.02 26.53 -22.81
CA SER C 110 5.39 25.89 -21.66
C SER C 110 4.44 26.83 -20.94
N LEU C 111 3.66 26.23 -20.04
CA LEU C 111 2.80 26.92 -19.09
C LEU C 111 3.44 27.00 -17.70
N PHE C 112 4.72 26.66 -17.60
CA PHE C 112 5.44 26.60 -16.34
C PHE C 112 5.77 28.00 -15.85
N PRO C 113 6.16 28.17 -14.55
CA PRO C 113 6.36 29.53 -14.00
C PRO C 113 7.04 30.52 -14.91
N GLY C 114 6.35 31.63 -15.18
CA GLY C 114 6.89 32.72 -15.96
C GLY C 114 6.33 32.84 -17.36
N SER C 115 5.71 31.78 -17.90
CA SER C 115 5.28 31.80 -19.30
C SER C 115 3.91 31.17 -19.48
N THR C 116 3.31 31.46 -20.63
CA THR C 116 2.09 30.82 -21.14
C THR C 116 2.10 30.95 -22.66
N ASN C 117 1.05 30.44 -23.31
CA ASN C 117 0.96 30.64 -24.75
C ASN C 117 -0.50 30.90 -25.13
N ALA C 118 -0.66 31.45 -26.34
CA ALA C 118 -1.98 31.96 -26.74
C ALA C 118 -2.99 30.85 -26.99
N PRO C 119 -2.70 29.80 -27.79
CA PRO C 119 -3.73 28.76 -28.00
C PRO C 119 -4.18 28.11 -26.71
N ALA C 120 -3.28 27.94 -25.73
CA ALA C 120 -3.67 27.35 -24.46
C ALA C 120 -4.71 28.23 -23.75
N ILE C 121 -4.47 29.55 -23.72
CA ILE C 121 -5.41 30.49 -23.12
C ILE C 121 -6.75 30.40 -23.84
N ALA C 122 -6.71 30.45 -25.18
CA ALA C 122 -7.94 30.38 -25.97
C ALA C 122 -8.72 29.09 -25.68
N LEU C 123 -8.02 27.95 -25.60
CA LEU C 123 -8.69 26.67 -25.39
C LEU C 123 -9.26 26.60 -23.99
N SER C 124 -8.53 27.22 -23.05
CA SER C 124 -9.05 27.29 -21.69
C SER C 124 -10.43 27.96 -21.67
N GLN C 125 -10.52 29.16 -22.28
CA GLN C 125 -11.80 29.89 -22.29
C GLN C 125 -12.86 29.10 -23.05
N LYS C 126 -12.50 28.51 -24.20
CA LYS C 126 -13.45 27.72 -24.99
C LYS C 126 -14.02 26.55 -24.17
N LEU C 127 -13.17 25.85 -23.41
CA LEU C 127 -13.65 24.69 -22.66
C LEU C 127 -14.55 25.14 -21.52
N THR C 128 -14.20 26.23 -20.85
CA THR C 128 -15.07 26.74 -19.78
C THR C 128 -16.41 27.22 -20.36
N GLU C 129 -16.39 27.71 -21.60
CA GLU C 129 -17.60 28.13 -22.29
C GLU C 129 -18.48 26.93 -22.61
N VAL C 130 -17.89 25.93 -23.26
CA VAL C 130 -18.65 24.80 -23.78
C VAL C 130 -19.22 23.97 -22.64
N ALA C 131 -18.49 23.84 -21.54
CA ALA C 131 -18.94 23.07 -20.40
C ALA C 131 -19.51 23.97 -19.30
N ALA C 132 -20.03 25.14 -19.65
CA ALA C 132 -20.67 26.02 -18.67
C ALA C 132 -21.86 25.35 -17.99
N GLU C 133 -22.67 24.60 -18.76
CA GLU C 133 -23.82 23.92 -18.16
C GLU C 133 -23.39 23.07 -16.96
N GLU C 134 -22.21 22.44 -17.05
CA GLU C 134 -21.71 21.56 -16.00
C GLU C 134 -21.00 22.32 -14.88
N GLY C 135 -20.81 23.63 -15.03
CA GLY C 135 -20.19 24.46 -14.01
C GLY C 135 -18.68 24.45 -14.04
N MET C 136 -18.09 24.03 -15.15
CA MET C 136 -16.64 23.92 -15.25
C MET C 136 -16.03 25.31 -15.41
N VAL C 137 -15.04 25.61 -14.57
CA VAL C 137 -14.42 26.93 -14.56
C VAL C 137 -12.92 26.87 -14.79
N LYS C 138 -12.26 25.72 -14.60
CA LYS C 138 -10.82 25.65 -14.83
C LYS C 138 -10.46 24.36 -15.55
N ALA C 139 -9.39 24.39 -16.33
CA ALA C 139 -8.88 23.19 -16.98
C ALA C 139 -7.41 22.98 -16.64
N SER C 140 -7.02 21.73 -16.45
CA SER C 140 -5.63 21.30 -16.42
C SER C 140 -5.33 20.44 -17.64
N PHE C 141 -4.37 20.85 -18.47
CA PHE C 141 -4.13 20.12 -19.72
C PHE C 141 -3.17 18.96 -19.57
N GLY C 142 -3.37 18.00 -20.46
CA GLY C 142 -2.47 16.91 -20.67
C GLY C 142 -2.44 16.44 -22.12
N LEU C 143 -2.08 15.17 -22.30
CA LEU C 143 -1.81 14.65 -23.62
C LEU C 143 -2.72 13.49 -24.02
N GLY C 144 -3.33 12.80 -23.08
CA GLY C 144 -4.22 11.70 -23.41
C GLY C 144 -5.13 11.40 -22.23
N GLY C 145 -5.99 10.39 -22.43
CA GLY C 145 -6.99 10.09 -21.42
C GLY C 145 -6.38 9.63 -20.11
N SER C 146 -5.29 8.85 -20.19
CA SER C 146 -4.64 8.36 -18.97
C SER C 146 -4.12 9.49 -18.10
N ASP C 147 -3.50 10.49 -18.71
CA ASP C 147 -3.04 11.64 -17.92
C ASP C 147 -4.22 12.48 -17.45
N ALA C 148 -5.29 12.58 -18.24
CA ALA C 148 -6.46 13.31 -17.77
C ALA C 148 -7.00 12.69 -16.49
N VAL C 149 -7.07 11.35 -16.46
CA VAL C 149 -7.56 10.63 -15.29
C VAL C 149 -6.59 10.81 -14.11
N GLU C 150 -5.29 10.63 -14.36
CA GLU C 150 -4.29 10.84 -13.31
C GLU C 150 -4.42 12.24 -12.72
N THR C 151 -4.62 13.23 -13.59
CA THR C 151 -4.80 14.62 -13.15
C THR C 151 -6.02 14.75 -12.25
N ALA C 152 -7.15 14.19 -12.66
CA ALA C 152 -8.36 14.25 -11.84
C ALA C 152 -8.11 13.63 -10.46
N LEU C 153 -7.42 12.49 -10.41
CA LEU C 153 -7.20 11.80 -9.14
C LEU C 153 -6.34 12.66 -8.20
N LYS C 154 -5.25 13.23 -8.74
CA LYS C 154 -4.36 14.08 -7.95
C LYS C 154 -5.07 15.33 -7.47
N ILE C 155 -5.89 15.93 -8.35
CA ILE C 155 -6.68 17.10 -7.98
C ILE C 155 -7.60 16.76 -6.81
N ALA C 156 -8.28 15.61 -6.88
CA ALA C 156 -9.22 15.25 -5.81
C ALA C 156 -8.49 15.11 -4.47
N ARG C 157 -7.34 14.43 -4.49
CA ARG C 157 -6.61 14.25 -3.23
C ARG C 157 -6.20 15.60 -2.67
N GLN C 158 -5.60 16.44 -3.52
CA GLN C 158 -5.11 17.72 -3.05
C GLN C 158 -6.26 18.60 -2.58
N TYR C 159 -7.40 18.54 -3.29
CA TYR C 159 -8.59 19.26 -2.87
C TYR C 159 -8.92 18.94 -1.43
N TRP C 160 -9.04 17.65 -1.10
CA TRP C 160 -9.46 17.33 0.26
C TRP C 160 -8.40 17.73 1.29
N LYS C 161 -7.12 17.68 0.91
CA LYS C 161 -6.09 18.16 1.84
C LYS C 161 -6.23 19.66 2.08
N LEU C 162 -6.53 20.41 1.03
CA LEU C 162 -6.78 21.85 1.18
C LEU C 162 -8.00 22.11 2.04
N GLU C 163 -9.04 21.29 1.91
CA GLU C 163 -10.29 21.48 2.66
C GLU C 163 -10.19 20.98 4.10
N GLY C 164 -8.98 20.61 4.53
CA GLY C 164 -8.75 20.14 5.89
C GLY C 164 -9.25 18.74 6.18
N GLN C 165 -9.33 17.87 5.17
CA GLN C 165 -9.69 16.46 5.35
C GLN C 165 -8.71 15.56 4.61
N PRO C 166 -7.45 15.51 5.05
CA PRO C 166 -6.44 14.73 4.32
C PRO C 166 -6.63 13.22 4.44
N ASP C 167 -7.52 12.74 5.31
CA ASP C 167 -7.81 11.31 5.34
C ASP C 167 -8.61 10.88 4.12
N LYS C 168 -9.23 11.81 3.38
CA LYS C 168 -10.04 11.46 2.21
C LYS C 168 -9.12 11.17 1.03
N VAL C 169 -8.73 9.91 0.88
CA VAL C 169 -7.73 9.52 -0.11
C VAL C 169 -8.17 8.35 -0.99
N LYS C 170 -9.22 7.61 -0.66
CA LYS C 170 -9.64 6.43 -1.39
C LYS C 170 -10.49 6.82 -2.60
N PHE C 171 -10.54 5.95 -3.60
CA PHE C 171 -11.36 6.14 -4.79
C PHE C 171 -12.24 4.93 -5.06
N VAL C 172 -13.51 5.17 -5.38
CA VAL C 172 -14.44 4.11 -5.76
C VAL C 172 -14.72 4.25 -7.25
N SER C 173 -14.83 3.11 -7.94
CA SER C 173 -15.15 3.06 -9.37
C SER C 173 -16.03 1.84 -9.65
N LEU C 174 -16.33 1.61 -10.93
CA LEU C 174 -17.35 0.65 -11.34
C LEU C 174 -16.78 -0.57 -12.07
N TYR C 175 -17.40 -1.73 -11.83
CA TYR C 175 -17.16 -2.87 -12.69
C TYR C 175 -17.30 -2.46 -14.14
N ASN C 176 -16.36 -2.89 -14.98
CA ASN C 176 -16.27 -2.64 -16.41
C ASN C 176 -15.77 -1.22 -16.71
N GLY C 177 -15.46 -0.41 -15.70
CA GLY C 177 -14.90 0.90 -15.96
C GLY C 177 -13.50 0.80 -16.55
N TYR C 178 -13.20 1.71 -17.48
CA TYR C 178 -11.85 1.83 -18.04
C TYR C 178 -11.38 3.27 -17.88
N HIS C 179 -10.26 3.47 -17.19
CA HIS C 179 -9.80 4.81 -16.84
C HIS C 179 -8.33 5.03 -17.15
N GLY C 180 -7.83 4.37 -18.19
CA GLY C 180 -6.47 4.56 -18.62
C GLY C 180 -5.45 3.69 -17.89
N LEU C 181 -4.20 4.00 -18.13
CA LEU C 181 -3.15 3.01 -17.98
C LEU C 181 -2.04 3.41 -17.03
N ASN C 182 -2.00 4.66 -16.57
CA ASN C 182 -1.04 4.98 -15.54
C ASN C 182 -1.52 4.38 -14.22
N PHE C 183 -0.63 4.37 -13.23
CA PHE C 183 -0.88 3.55 -12.05
C PHE C 183 -2.17 3.93 -11.34
N GLY C 184 -2.51 5.23 -11.30
CA GLY C 184 -3.77 5.61 -10.69
C GLY C 184 -4.95 5.11 -11.49
N GLY C 185 -5.02 5.54 -12.75
CA GLY C 185 -6.12 5.12 -13.61
C GLY C 185 -6.20 3.61 -13.71
N MET C 186 -5.05 2.95 -13.81
CA MET C 186 -5.03 1.49 -13.85
C MET C 186 -5.60 0.93 -12.55
N SER C 187 -5.30 1.57 -11.41
CA SER C 187 -5.87 1.14 -10.14
C SER C 187 -7.38 1.28 -10.12
N ALA C 188 -7.90 2.28 -10.84
CA ALA C 188 -9.33 2.57 -10.83
C ALA C 188 -10.12 1.71 -11.81
N CYS C 189 -9.44 1.01 -12.74
CA CYS C 189 -10.12 0.20 -13.75
C CYS C 189 -10.93 -0.94 -13.10
N GLY C 190 -12.07 -1.25 -13.72
CA GLY C 190 -12.95 -2.26 -13.20
C GLY C 190 -12.90 -3.55 -14.00
N GLY C 191 -11.81 -3.74 -14.73
CA GLY C 191 -11.55 -4.99 -15.42
C GLY C 191 -10.14 -5.45 -15.14
N ASN C 192 -9.97 -6.72 -14.73
CA ASN C 192 -8.65 -7.17 -14.31
C ASN C 192 -7.67 -7.29 -15.47
N ALA C 193 -8.16 -7.32 -16.72
CA ALA C 193 -7.26 -7.49 -17.86
C ALA C 193 -6.18 -6.40 -17.88
N TRP C 194 -6.52 -5.19 -17.46
CA TRP C 194 -5.57 -4.09 -17.49
C TRP C 194 -4.67 -4.08 -16.25
N LYS C 195 -4.90 -4.96 -15.28
CA LYS C 195 -4.37 -4.79 -13.94
C LYS C 195 -3.39 -5.88 -13.52
N SER C 196 -3.69 -7.15 -13.81
CA SER C 196 -3.05 -8.28 -13.13
C SER C 196 -1.54 -8.34 -13.39
N SER C 197 -1.07 -7.94 -14.58
CA SER C 197 0.36 -8.08 -14.89
C SER C 197 1.23 -7.04 -14.18
N TYR C 198 0.62 -6.03 -13.56
CA TYR C 198 1.37 -4.90 -13.00
C TYR C 198 1.16 -4.75 -11.50
N GLU C 199 0.50 -5.72 -10.87
CA GLU C 199 0.23 -5.70 -9.44
C GLU C 199 1.55 -5.70 -8.66
N PRO C 200 1.55 -5.19 -7.41
CA PRO C 200 0.38 -4.64 -6.71
C PRO C 200 0.10 -3.20 -7.13
N LEU C 201 -1.18 -2.88 -7.29
CA LEU C 201 -1.59 -1.54 -7.73
C LEU C 201 -1.82 -0.63 -6.52
N MET C 202 -2.35 0.57 -6.75
CA MET C 202 -2.48 1.56 -5.68
C MET C 202 -3.44 1.07 -4.58
N PRO C 203 -3.05 1.18 -3.32
CA PRO C 203 -3.99 0.93 -2.22
C PRO C 203 -5.13 1.93 -2.24
N GLY C 204 -6.26 1.51 -1.69
CA GLY C 204 -7.35 2.44 -1.49
C GLY C 204 -8.21 2.70 -2.69
N PHE C 205 -8.17 1.82 -3.69
CA PHE C 205 -9.04 1.87 -4.86
C PHE C 205 -9.98 0.68 -4.79
N PHE C 206 -11.28 0.94 -4.80
CA PHE C 206 -12.29 -0.08 -4.66
C PHE C 206 -13.25 0.04 -5.84
N GLN C 207 -13.69 -1.11 -6.35
CA GLN C 207 -14.62 -1.18 -7.47
C GLN C 207 -15.88 -1.91 -7.02
N VAL C 208 -17.05 -1.44 -7.49
CA VAL C 208 -18.34 -1.96 -7.07
C VAL C 208 -19.19 -2.37 -8.28
N GLU C 209 -20.19 -3.19 -7.99
CA GLU C 209 -21.24 -3.57 -8.94
C GLU C 209 -21.72 -2.37 -9.76
N SER C 210 -21.83 -2.57 -11.08
CA SER C 210 -22.33 -1.53 -11.96
C SER C 210 -23.54 -2.06 -12.72
N PRO C 211 -24.46 -1.16 -13.18
CA PRO C 211 -25.72 -1.64 -13.82
C PRO C 211 -25.58 -2.02 -15.29
N HIS C 212 -25.00 -3.20 -15.49
CA HIS C 212 -24.89 -3.84 -16.80
C HIS C 212 -26.05 -4.81 -16.97
N LEU C 213 -27.12 -4.33 -17.63
CA LEU C 213 -28.37 -5.06 -17.66
C LEU C 213 -28.20 -6.45 -18.24
N TYR C 214 -27.43 -6.55 -19.33
CA TYR C 214 -27.33 -7.83 -20.02
C TYR C 214 -26.68 -8.91 -19.15
N ARG C 215 -25.75 -8.52 -18.27
CA ARG C 215 -25.03 -9.46 -17.41
C ARG C 215 -25.00 -8.91 -15.98
N ASN C 216 -25.98 -9.30 -15.17
CA ASN C 216 -25.98 -8.91 -13.76
C ASN C 216 -26.70 -9.99 -12.96
N PRO C 217 -26.36 -10.16 -11.69
CA PRO C 217 -27.00 -11.21 -10.86
C PRO C 217 -28.28 -10.81 -10.17
N PHE C 218 -28.84 -9.63 -10.43
CA PHE C 218 -29.91 -9.07 -9.60
C PHE C 218 -31.28 -9.12 -10.25
N THR C 219 -31.41 -8.61 -11.47
CA THR C 219 -32.72 -8.32 -12.04
C THR C 219 -32.55 -7.97 -13.52
N ASN C 220 -33.61 -8.16 -14.29
CA ASN C 220 -33.68 -7.67 -15.66
C ASN C 220 -34.45 -6.36 -15.77
N ASP C 221 -34.85 -5.77 -14.65
CA ASP C 221 -35.52 -4.48 -14.62
C ASP C 221 -34.47 -3.41 -14.49
N PRO C 222 -34.28 -2.52 -15.48
CA PRO C 222 -33.19 -1.54 -15.39
C PRO C 222 -33.34 -0.54 -14.25
N GLU C 223 -34.56 -0.12 -13.90
CA GLU C 223 -34.70 0.81 -12.78
C GLU C 223 -34.34 0.12 -11.47
N GLU C 224 -34.77 -1.13 -11.30
CA GLU C 224 -34.41 -1.88 -10.10
C GLU C 224 -32.91 -2.10 -10.03
N LEU C 225 -32.28 -2.37 -11.18
CA LEU C 225 -30.83 -2.59 -11.23
C LEU C 225 -30.08 -1.32 -10.83
N ALA C 226 -30.49 -0.18 -11.39
CA ALA C 226 -29.88 1.09 -11.01
C ALA C 226 -29.99 1.31 -9.51
N GLU C 227 -31.18 1.05 -8.93
CA GLU C 227 -31.32 1.34 -7.51
C GLU C 227 -30.49 0.40 -6.66
N ILE C 228 -30.47 -0.89 -6.99
CA ILE C 228 -29.70 -1.84 -6.20
C ILE C 228 -28.20 -1.53 -6.30
N CYS C 229 -27.72 -1.19 -7.50
CA CYS C 229 -26.30 -0.86 -7.64
C CYS C 229 -25.97 0.42 -6.86
N ALA C 230 -26.88 1.40 -6.86
CA ALA C 230 -26.67 2.61 -6.07
C ALA C 230 -26.56 2.27 -4.58
N GLN C 231 -27.43 1.39 -4.09
CA GLN C 231 -27.37 1.06 -2.66
C GLN C 231 -26.10 0.27 -2.34
N ILE C 232 -25.65 -0.58 -3.26
CA ILE C 232 -24.40 -1.32 -3.06
C ILE C 232 -23.23 -0.34 -2.94
N LEU C 233 -23.19 0.64 -3.84
CA LEU C 233 -22.19 1.71 -3.78
C LEU C 233 -22.24 2.47 -2.45
N GLU C 234 -23.43 2.88 -2.03
CA GLU C 234 -23.57 3.57 -0.75
C GLU C 234 -22.99 2.72 0.37
N ARG C 235 -23.32 1.42 0.40
CA ARG C 235 -22.92 0.57 1.52
C ARG C 235 -21.41 0.30 1.51
N GLN C 236 -20.77 0.24 0.33
CA GLN C 236 -19.31 0.15 0.28
C GLN C 236 -18.65 1.45 0.77
N ILE C 237 -19.23 2.60 0.41
CA ILE C 237 -18.70 3.87 0.91
C ILE C 237 -18.78 3.90 2.42
N GLU C 238 -19.94 3.53 2.97
CA GLU C 238 -20.12 3.50 4.43
C GLU C 238 -19.13 2.53 5.06
N MET C 239 -18.88 1.40 4.39
CA MET C 239 -17.96 0.42 4.92
C MET C 239 -16.54 0.99 5.01
N GLN C 240 -16.12 1.73 3.98
CA GLN C 240 -14.82 2.39 4.01
C GLN C 240 -14.76 3.53 5.03
N ALA C 241 -15.91 4.13 5.43
CA ALA C 241 -16.06 5.38 6.18
C ALA C 241 -15.90 6.56 5.22
N PRO C 242 -16.97 7.35 5.01
CA PRO C 242 -16.92 8.45 4.00
C PRO C 242 -15.79 9.43 4.21
N GLY C 243 -15.34 9.62 5.45
CA GLY C 243 -14.20 10.47 5.75
C GLY C 243 -12.87 9.96 5.24
N THR C 244 -12.83 8.77 4.65
CA THR C 244 -11.60 8.31 4.04
C THR C 244 -11.69 8.26 2.52
N VAL C 245 -12.83 8.66 1.95
CA VAL C 245 -13.11 8.56 0.51
C VAL C 245 -13.05 9.95 -0.13
N ALA C 246 -12.28 10.07 -1.21
CA ALA C 246 -12.08 11.29 -1.96
C ALA C 246 -13.09 11.48 -3.10
N ALA C 247 -13.34 10.44 -3.90
CA ALA C 247 -14.11 10.63 -5.13
C ALA C 247 -14.60 9.31 -5.68
N LEU C 248 -15.68 9.41 -6.45
CA LEU C 248 -16.15 8.36 -7.36
C LEU C 248 -15.76 8.76 -8.78
N ILE C 249 -15.24 7.81 -9.55
CA ILE C 249 -14.97 8.07 -10.96
C ILE C 249 -15.77 7.09 -11.79
N ALA C 250 -16.43 7.59 -12.84
CA ALA C 250 -17.28 6.75 -13.68
C ALA C 250 -17.40 7.36 -15.07
N GLU C 251 -17.58 6.49 -16.08
CA GLU C 251 -17.89 6.87 -17.45
C GLU C 251 -19.41 6.99 -17.60
N PRO C 252 -19.91 8.09 -18.18
CA PRO C 252 -21.37 8.16 -18.45
C PRO C 252 -21.87 7.00 -19.28
N ILE C 253 -21.12 6.60 -20.31
CA ILE C 253 -21.34 5.33 -20.98
C ILE C 253 -19.98 4.64 -21.04
N GLN C 254 -19.92 3.40 -20.56
CA GLN C 254 -18.66 2.68 -20.50
C GLN C 254 -18.23 2.22 -21.88
N GLY C 255 -17.03 2.63 -22.29
CA GLY C 255 -16.56 2.37 -23.63
C GLY C 255 -15.80 1.07 -23.78
N ALA C 256 -14.54 1.06 -23.36
CA ALA C 256 -13.71 -0.12 -23.53
C ALA C 256 -14.29 -1.32 -22.79
N GLY C 257 -15.11 -1.08 -21.77
CA GLY C 257 -15.80 -2.14 -21.08
C GLY C 257 -16.87 -2.83 -21.90
N GLY C 258 -17.19 -2.29 -23.07
CA GLY C 258 -18.09 -2.96 -24.00
C GLY C 258 -19.37 -2.22 -24.33
N VAL C 259 -19.29 -0.89 -24.34
CA VAL C 259 -20.42 -0.01 -24.66
C VAL C 259 -21.58 -0.40 -23.77
N ILE C 260 -21.47 -0.08 -22.50
CA ILE C 260 -22.50 -0.39 -21.51
C ILE C 260 -23.19 0.91 -21.15
N VAL C 261 -24.45 1.05 -21.56
CA VAL C 261 -25.24 2.22 -21.28
C VAL C 261 -26.02 2.02 -19.99
N PRO C 262 -25.84 2.84 -18.97
CA PRO C 262 -26.57 2.67 -17.71
C PRO C 262 -28.02 3.09 -17.84
N PRO C 263 -28.90 2.63 -16.94
CA PRO C 263 -30.25 3.21 -16.85
C PRO C 263 -30.19 4.70 -16.56
N ALA C 264 -31.17 5.44 -17.12
CA ALA C 264 -31.16 6.89 -17.03
C ALA C 264 -31.16 7.39 -15.59
N SER C 265 -31.76 6.65 -14.67
CA SER C 265 -31.84 7.07 -13.27
C SER C 265 -30.51 6.91 -12.53
N TYR C 266 -29.53 6.19 -13.11
CA TYR C 266 -28.33 5.81 -12.35
C TYR C 266 -27.46 7.02 -12.04
N TRP C 267 -27.09 7.79 -13.05
CA TRP C 267 -26.19 8.91 -12.81
C TRP C 267 -26.79 9.98 -11.89
N PRO C 268 -28.09 10.34 -11.99
CA PRO C 268 -28.66 11.20 -10.94
C PRO C 268 -28.47 10.64 -9.54
N ARG C 269 -28.59 9.32 -9.38
CA ARG C 269 -28.32 8.69 -8.08
C ARG C 269 -26.86 8.85 -7.68
N LEU C 270 -25.93 8.72 -8.64
CA LEU C 270 -24.51 8.91 -8.34
C LEU C 270 -24.27 10.32 -7.82
N ARG C 271 -24.88 11.32 -8.48
CA ARG C 271 -24.75 12.69 -8.00
C ARG C 271 -25.32 12.84 -6.59
N GLN C 272 -26.47 12.21 -6.35
CA GLN C 272 -27.08 12.26 -5.02
C GLN C 272 -26.17 11.63 -3.98
N ILE C 273 -25.57 10.48 -4.30
CA ILE C 273 -24.71 9.75 -3.36
C ILE C 273 -23.46 10.57 -3.05
N CYS C 274 -22.83 11.13 -4.10
CA CYS C 274 -21.64 11.95 -3.89
C CYS C 274 -21.96 13.15 -3.01
N ASP C 275 -23.13 13.76 -3.19
CA ASP C 275 -23.53 14.87 -2.33
C ASP C 275 -23.73 14.39 -0.89
N LYS C 276 -24.42 13.26 -0.72
CA LYS C 276 -24.76 12.76 0.62
C LYS C 276 -23.50 12.45 1.41
N TYR C 277 -22.53 11.77 0.79
CA TYR C 277 -21.34 11.33 1.51
C TYR C 277 -20.19 12.32 1.41
N ASP C 278 -20.38 13.41 0.67
CA ASP C 278 -19.38 14.46 0.51
C ASP C 278 -18.11 13.90 -0.11
N ILE C 279 -18.27 13.27 -1.26
CA ILE C 279 -17.17 12.85 -2.13
C ILE C 279 -17.40 13.50 -3.49
N LEU C 280 -16.30 13.69 -4.23
CA LEU C 280 -16.36 14.30 -5.55
C LEU C 280 -16.84 13.28 -6.59
N LEU C 281 -17.58 13.78 -7.59
CA LEU C 281 -17.96 13.00 -8.75
C LEU C 281 -17.04 13.34 -9.92
N ILE C 282 -16.20 12.38 -10.32
CA ILE C 282 -15.34 12.52 -11.48
C ILE C 282 -16.00 11.80 -12.66
N ALA C 283 -16.36 12.57 -13.70
CA ALA C 283 -16.90 11.99 -14.93
C ALA C 283 -15.74 11.78 -15.91
N ASP C 284 -15.48 10.51 -16.23
CA ASP C 284 -14.47 10.18 -17.25
C ASP C 284 -15.14 10.31 -18.62
N GLU C 285 -14.99 11.47 -19.24
CA GLU C 285 -15.64 11.78 -20.51
C GLU C 285 -14.68 11.65 -21.69
N VAL C 286 -13.65 10.81 -21.56
CA VAL C 286 -12.63 10.73 -22.59
C VAL C 286 -13.22 10.28 -23.92
N ILE C 287 -14.17 9.35 -23.88
CA ILE C 287 -14.90 8.96 -25.09
C ILE C 287 -16.14 9.82 -25.29
N THR C 288 -16.96 9.99 -24.24
CA THR C 288 -18.27 10.63 -24.42
C THR C 288 -18.17 12.15 -24.52
N GLY C 289 -17.04 12.74 -24.16
CA GLY C 289 -16.87 14.17 -24.23
C GLY C 289 -16.93 14.70 -25.66
N LEU C 290 -17.73 15.74 -25.86
CA LEU C 290 -17.81 16.48 -27.12
C LEU C 290 -18.49 15.66 -28.22
N GLY C 291 -19.51 14.88 -27.87
CA GLY C 291 -20.61 14.59 -28.78
C GLY C 291 -20.93 13.13 -29.05
N ARG C 292 -20.00 12.18 -28.85
CA ARG C 292 -20.19 10.86 -29.45
C ARG C 292 -21.50 10.21 -29.01
N SER C 293 -21.90 10.40 -27.76
CA SER C 293 -23.08 9.73 -27.23
C SER C 293 -24.39 10.41 -27.58
N GLY C 294 -24.35 11.49 -28.37
CA GLY C 294 -25.55 12.18 -28.82
C GLY C 294 -25.91 13.39 -27.98
N SER C 295 -25.16 13.65 -26.92
CA SER C 295 -25.18 14.91 -26.19
C SER C 295 -23.75 15.41 -26.18
N LEU C 296 -23.58 16.72 -26.00
CA LEU C 296 -22.24 17.28 -26.03
C LEU C 296 -21.36 16.62 -24.96
N PHE C 297 -21.97 16.24 -23.83
CA PHE C 297 -21.29 15.45 -22.81
C PHE C 297 -22.24 14.35 -22.33
N GLY C 298 -21.69 13.18 -22.02
CA GLY C 298 -22.51 12.11 -21.48
C GLY C 298 -23.20 12.50 -20.19
N SER C 299 -22.48 13.15 -19.28
CA SER C 299 -23.10 13.60 -18.04
C SER C 299 -24.27 14.54 -18.33
N ARG C 300 -24.10 15.41 -19.33
CA ARG C 300 -25.22 16.25 -19.75
C ARG C 300 -26.38 15.39 -20.27
N GLY C 301 -26.06 14.37 -21.07
CA GLY C 301 -27.06 13.42 -21.53
C GLY C 301 -27.87 12.82 -20.39
N TRP C 302 -27.29 12.71 -19.21
CA TRP C 302 -28.04 12.21 -18.07
C TRP C 302 -28.57 13.33 -17.18
N GLY C 303 -28.31 14.58 -17.53
CA GLY C 303 -28.72 15.71 -16.72
C GLY C 303 -27.99 15.81 -15.40
N VAL C 304 -26.70 15.50 -15.39
CA VAL C 304 -25.90 15.50 -14.17
C VAL C 304 -24.71 16.44 -14.33
N LYS C 305 -24.40 17.20 -13.29
CA LYS C 305 -23.23 18.08 -13.28
C LYS C 305 -22.11 17.47 -12.43
N PRO C 306 -21.04 16.98 -13.04
CA PRO C 306 -19.92 16.43 -12.25
C PRO C 306 -19.11 17.54 -11.58
N ASP C 307 -18.29 17.12 -10.62
CA ASP C 307 -17.30 18.01 -10.04
C ASP C 307 -16.08 18.13 -10.94
N ILE C 308 -15.67 17.02 -11.58
CA ILE C 308 -14.47 16.96 -12.43
C ILE C 308 -14.78 16.17 -13.70
N MET C 309 -14.29 16.66 -14.83
CA MET C 309 -14.52 16.00 -16.11
C MET C 309 -13.20 15.73 -16.84
N CYS C 310 -13.00 14.49 -17.30
CA CYS C 310 -11.82 14.10 -18.07
C CYS C 310 -12.15 14.04 -19.55
N LEU C 311 -11.37 14.77 -20.36
CA LEU C 311 -11.55 14.81 -21.81
C LEU C 311 -10.26 14.43 -22.54
N ALA C 312 -10.39 13.69 -23.62
CA ALA C 312 -9.24 13.48 -24.50
C ALA C 312 -9.77 13.00 -25.84
N LYS C 313 -8.99 12.17 -26.54
CA LYS C 313 -9.38 11.54 -27.79
C LYS C 313 -10.01 12.54 -28.76
N GLY C 314 -11.34 12.53 -28.87
CA GLY C 314 -12.06 13.33 -29.85
C GLY C 314 -11.92 14.83 -29.68
N ILE C 315 -11.40 15.28 -28.53
CA ILE C 315 -11.23 16.72 -28.27
C ILE C 315 -10.41 17.38 -29.37
N SER C 316 -9.44 16.66 -29.95
CA SER C 316 -8.61 17.17 -31.03
C SER C 316 -8.88 16.43 -32.33
N SER C 317 -9.97 15.65 -32.38
CA SER C 317 -10.29 14.75 -33.49
C SER C 317 -9.13 13.82 -33.81
N GLY C 318 -8.27 13.57 -32.81
CA GLY C 318 -7.12 12.70 -32.99
C GLY C 318 -6.01 13.26 -33.85
N TYR C 319 -6.10 14.54 -34.25
CA TYR C 319 -5.09 15.07 -35.17
C TYR C 319 -3.78 15.34 -34.44
N VAL C 320 -3.85 15.77 -33.19
CA VAL C 320 -2.68 16.01 -32.34
C VAL C 320 -3.06 15.60 -30.93
N PRO C 321 -2.21 14.87 -30.21
CA PRO C 321 -2.55 14.46 -28.84
C PRO C 321 -2.87 15.64 -27.94
N LEU C 322 -4.01 15.55 -27.25
CA LEU C 322 -4.44 16.56 -26.29
C LEU C 322 -5.44 15.95 -25.32
N SER C 323 -5.33 16.33 -24.03
CA SER C 323 -6.35 16.03 -23.03
C SER C 323 -6.60 17.28 -22.19
N ALA C 324 -7.78 17.31 -21.56
CA ALA C 324 -8.11 18.38 -20.62
C ALA C 324 -8.91 17.82 -19.46
N THR C 325 -8.53 18.20 -18.24
CA THR C 325 -9.29 17.87 -17.04
C THR C 325 -9.92 19.13 -16.49
N LEU C 326 -11.24 19.19 -16.50
CA LEU C 326 -11.99 20.37 -16.10
C LEU C 326 -12.49 20.23 -14.68
N VAL C 327 -12.50 21.33 -13.94
CA VAL C 327 -13.06 21.37 -12.58
C VAL C 327 -14.03 22.54 -12.44
N ASN C 328 -15.00 22.34 -11.54
CA ASN C 328 -16.02 23.33 -11.20
C ASN C 328 -15.51 24.27 -10.11
N SER C 329 -16.33 25.27 -9.75
CA SER C 329 -15.91 26.29 -8.80
C SER C 329 -15.65 25.72 -7.41
N ARG C 330 -16.45 24.73 -7.01
CA ARG C 330 -16.26 24.08 -5.71
C ARG C 330 -14.84 23.55 -5.56
N VAL C 331 -14.35 22.86 -6.60
CA VAL C 331 -13.00 22.29 -6.55
C VAL C 331 -11.96 23.41 -6.63
N ALA C 332 -12.08 24.26 -7.67
CA ALA C 332 -11.08 25.30 -7.92
C ALA C 332 -10.84 26.18 -6.70
N ARG C 333 -11.91 26.53 -5.99
CA ARG C 333 -11.78 27.51 -4.93
C ARG C 333 -10.97 27.00 -3.74
N ALA C 334 -10.77 25.69 -3.61
CA ALA C 334 -9.95 25.17 -2.51
C ALA C 334 -8.54 25.71 -2.57
N TRP C 335 -8.03 25.98 -3.77
CA TRP C 335 -6.66 26.48 -3.89
C TRP C 335 -6.54 27.94 -3.49
N GLU C 336 -7.67 28.63 -3.30
CA GLU C 336 -7.65 30.00 -2.86
C GLU C 336 -7.54 30.10 -1.34
N ARG C 337 -7.19 29.01 -0.67
CA ARG C 337 -7.05 29.02 0.77
C ARG C 337 -5.62 29.37 1.15
N ASP C 338 -5.48 29.96 2.34
CA ASP C 338 -4.16 30.26 2.89
C ASP C 338 -3.61 28.99 3.50
N ALA C 339 -3.07 28.12 2.64
CA ALA C 339 -2.67 26.79 3.05
C ALA C 339 -1.18 26.52 2.88
N GLY C 340 -0.36 27.54 2.67
CA GLY C 340 1.07 27.36 2.46
C GLY C 340 1.34 26.43 1.29
N PHE C 341 2.30 25.51 1.46
CA PHE C 341 2.73 24.70 0.32
C PHE C 341 1.62 23.79 -0.18
N THR C 342 0.64 23.47 0.67
CA THR C 342 -0.46 22.61 0.23
C THR C 342 -1.22 23.22 -0.94
N SER C 343 -1.18 24.56 -1.11
CA SER C 343 -1.92 25.22 -2.18
C SER C 343 -1.11 25.41 -3.46
N VAL C 344 0.13 24.90 -3.51
CA VAL C 344 0.91 24.86 -4.74
C VAL C 344 0.52 23.61 -5.52
N TYR C 345 -0.06 23.82 -6.70
CA TYR C 345 -0.44 22.75 -7.63
C TYR C 345 0.81 22.14 -8.28
N MET C 346 1.36 21.10 -7.67
CA MET C 346 2.61 20.50 -8.11
C MET C 346 2.38 19.41 -9.15
N HIS C 347 1.53 19.73 -10.13
CA HIS C 347 1.21 18.82 -11.22
C HIS C 347 1.19 19.61 -12.52
N GLY C 348 1.20 18.89 -13.63
CA GLY C 348 1.27 19.52 -14.97
C GLY C 348 2.52 19.09 -15.71
N TYR C 349 2.32 18.65 -16.94
CA TYR C 349 3.34 18.00 -17.75
C TYR C 349 4.04 19.03 -18.63
N THR C 350 5.24 18.67 -19.09
CA THR C 350 5.98 19.51 -20.01
C THR C 350 5.09 20.04 -21.13
N TYR C 351 4.31 19.16 -21.75
CA TYR C 351 3.51 19.52 -22.91
C TYR C 351 2.07 19.88 -22.53
N SER C 352 1.78 20.11 -21.25
CA SER C 352 0.50 20.71 -20.86
C SER C 352 0.29 22.04 -21.57
N GLY C 353 -0.77 22.11 -22.36
CA GLY C 353 -1.08 23.33 -23.08
C GLY C 353 -0.24 23.53 -24.32
N HIS C 354 0.30 22.45 -24.89
CA HIS C 354 1.09 22.49 -26.09
C HIS C 354 0.35 23.31 -27.15
N PRO C 355 0.96 24.36 -27.69
CA PRO C 355 0.20 25.27 -28.58
C PRO C 355 -0.33 24.60 -29.83
N VAL C 356 0.39 23.61 -30.38
CA VAL C 356 -0.11 22.94 -31.59
C VAL C 356 -1.30 22.06 -31.25
N SER C 357 -1.19 21.28 -30.17
CA SER C 357 -2.32 20.50 -29.67
C SER C 357 -3.54 21.38 -29.44
N CYS C 358 -3.34 22.54 -28.79
CA CYS C 358 -4.45 23.42 -28.45
C CYS C 358 -5.08 24.02 -29.71
N ALA C 359 -4.26 24.42 -30.68
CA ALA C 359 -4.80 24.92 -31.94
C ALA C 359 -5.65 23.85 -32.62
N ALA C 360 -5.15 22.61 -32.66
CA ALA C 360 -5.91 21.52 -33.27
C ALA C 360 -7.24 21.33 -32.57
N ALA C 361 -7.22 21.35 -31.23
CA ALA C 361 -8.45 21.19 -30.46
C ALA C 361 -9.42 22.32 -30.71
N LEU C 362 -8.93 23.56 -30.79
CA LEU C 362 -9.81 24.68 -31.08
C LEU C 362 -10.51 24.48 -32.42
N ALA C 363 -9.77 24.03 -33.44
CA ALA C 363 -10.39 23.80 -34.75
C ALA C 363 -11.40 22.64 -34.69
N ALA C 364 -11.05 21.55 -33.99
CA ALA C 364 -11.95 20.40 -33.91
C ALA C 364 -13.23 20.76 -33.16
N ILE C 365 -13.10 21.51 -32.05
CA ILE C 365 -14.28 21.90 -31.29
C ILE C 365 -15.16 22.81 -32.14
N ASP C 366 -14.54 23.73 -32.87
CA ASP C 366 -15.35 24.53 -33.77
C ASP C 366 -16.10 23.64 -34.74
N ILE C 367 -15.46 22.61 -35.29
CA ILE C 367 -16.17 21.73 -36.23
C ILE C 367 -17.34 21.03 -35.53
N VAL C 368 -17.11 20.48 -34.33
CA VAL C 368 -18.17 19.78 -33.60
C VAL C 368 -19.38 20.70 -33.44
N LEU C 369 -19.14 21.96 -33.07
CA LEU C 369 -20.23 22.91 -32.83
C LEU C 369 -20.84 23.38 -34.16
N GLN C 370 -19.99 23.69 -35.15
CA GLN C 370 -20.41 24.28 -36.42
C GLN C 370 -21.31 23.32 -37.20
N GLU C 371 -21.01 22.03 -37.13
CA GLU C 371 -21.74 21.01 -37.86
C GLU C 371 -22.72 20.23 -36.97
N ASN C 372 -22.92 20.67 -35.73
CA ASN C 372 -23.78 20.02 -34.73
C ASN C 372 -23.62 18.50 -34.78
N LEU C 373 -22.37 18.06 -34.56
CA LEU C 373 -22.08 16.64 -34.65
C LEU C 373 -22.64 15.86 -33.47
N ALA C 374 -22.93 16.52 -32.34
CA ALA C 374 -23.61 15.82 -31.26
C ALA C 374 -24.99 15.37 -31.72
N GLU C 375 -25.71 16.26 -32.41
CA GLU C 375 -27.04 15.91 -32.91
C GLU C 375 -26.93 14.85 -34.00
N ASN C 376 -25.94 14.98 -34.89
CA ASN C 376 -25.75 13.97 -35.93
C ASN C 376 -25.44 12.61 -35.30
N ALA C 377 -24.60 12.59 -34.26
CA ALA C 377 -24.31 11.34 -33.56
C ALA C 377 -25.60 10.77 -32.97
N ARG C 378 -26.40 11.63 -32.35
CA ARG C 378 -27.67 11.18 -31.80
C ARG C 378 -28.52 10.51 -32.87
N VAL C 379 -28.72 11.21 -34.00
CA VAL C 379 -29.68 10.75 -34.99
C VAL C 379 -29.15 9.52 -35.74
N VAL C 380 -27.94 9.63 -36.29
CA VAL C 380 -27.39 8.53 -37.08
C VAL C 380 -27.10 7.32 -36.17
N GLY C 381 -26.74 7.55 -34.91
CA GLY C 381 -26.60 6.46 -33.96
C GLY C 381 -27.91 5.77 -33.66
N ASP C 382 -28.99 6.55 -33.51
CA ASP C 382 -30.31 5.96 -33.31
C ASP C 382 -30.60 5.00 -34.45
N TYR C 383 -30.36 5.48 -35.67
CA TYR C 383 -30.56 4.68 -36.88
C TYR C 383 -29.69 3.42 -36.89
N PHE C 384 -28.40 3.59 -36.57
CA PHE C 384 -27.47 2.46 -36.53
C PHE C 384 -27.96 1.40 -35.57
N LEU C 385 -28.42 1.81 -34.39
CA LEU C 385 -28.89 0.87 -33.38
C LEU C 385 -30.13 0.12 -33.86
N GLU C 386 -31.06 0.83 -34.53
CA GLU C 386 -32.24 0.16 -35.09
C GLU C 386 -31.83 -0.94 -36.07
N LYS C 387 -30.90 -0.61 -36.98
CA LYS C 387 -30.44 -1.57 -37.98
C LYS C 387 -29.77 -2.77 -37.31
N LEU C 388 -29.00 -2.51 -36.26
CA LEU C 388 -28.35 -3.59 -35.52
C LEU C 388 -29.36 -4.50 -34.83
N LEU C 389 -30.47 -3.94 -34.33
CA LEU C 389 -31.47 -4.80 -33.69
C LEU C 389 -32.12 -5.71 -34.73
N ILE C 390 -32.30 -5.21 -35.95
CA ILE C 390 -32.82 -6.09 -37.01
C ILE C 390 -31.82 -7.22 -37.27
N LEU C 391 -30.52 -6.88 -37.35
CA LEU C 391 -29.50 -7.92 -37.50
C LEU C 391 -29.56 -8.94 -36.37
N LYS C 392 -29.77 -8.48 -35.12
CA LYS C 392 -29.91 -9.38 -34.00
C LYS C 392 -31.04 -10.37 -34.23
N ASP C 393 -32.19 -9.86 -34.71
CA ASP C 393 -33.31 -10.73 -34.99
C ASP C 393 -32.91 -11.80 -35.99
N LYS C 394 -32.02 -11.45 -36.92
CA LYS C 394 -31.72 -12.36 -38.02
C LYS C 394 -30.69 -13.45 -37.66
N HIS C 395 -29.70 -13.16 -36.82
CA HIS C 395 -28.51 -14.00 -36.67
C HIS C 395 -28.33 -14.48 -35.22
N ARG C 396 -28.34 -15.81 -35.02
CA ARG C 396 -28.39 -16.39 -33.67
C ARG C 396 -27.19 -16.02 -32.80
N ALA C 397 -26.03 -15.75 -33.39
CA ALA C 397 -24.83 -15.47 -32.60
C ALA C 397 -24.89 -14.14 -31.84
N ILE C 398 -25.74 -13.20 -32.25
CA ILE C 398 -25.82 -11.90 -31.60
C ILE C 398 -26.66 -12.02 -30.31
N GLY C 399 -26.00 -11.92 -29.16
CA GLY C 399 -26.72 -12.03 -27.90
C GLY C 399 -27.29 -10.69 -27.49
N ASP C 400 -26.57 -9.62 -27.79
CA ASP C 400 -27.02 -8.31 -27.34
C ASP C 400 -26.49 -7.25 -28.28
N VAL C 401 -27.28 -6.20 -28.47
CA VAL C 401 -26.81 -5.02 -29.18
C VAL C 401 -27.03 -3.82 -28.28
N ARG C 402 -26.03 -2.94 -28.22
CA ARG C 402 -26.08 -1.81 -27.31
C ARG C 402 -25.58 -0.57 -28.05
N GLY C 403 -26.10 0.59 -27.66
CA GLY C 403 -25.56 1.82 -28.21
C GLY C 403 -26.18 3.05 -27.58
N LYS C 404 -25.40 4.12 -27.61
CA LYS C 404 -25.92 5.47 -27.43
C LYS C 404 -25.15 6.38 -28.38
N GLY C 405 -25.87 7.17 -29.17
CA GLY C 405 -25.22 7.93 -30.21
C GLY C 405 -24.39 7.01 -31.06
N LEU C 406 -23.18 7.46 -31.40
CA LEU C 406 -22.30 6.66 -32.26
C LEU C 406 -21.28 5.88 -31.44
N MET C 407 -21.72 5.31 -30.32
CA MET C 407 -20.97 4.23 -29.67
C MET C 407 -21.91 3.03 -29.59
N LEU C 408 -21.55 1.96 -30.31
CA LEU C 408 -22.40 0.77 -30.37
C LEU C 408 -21.54 -0.48 -30.25
N ALA C 409 -22.15 -1.53 -29.73
CA ALA C 409 -21.50 -2.83 -29.65
C ALA C 409 -22.48 -3.92 -30.05
N VAL C 410 -21.96 -4.93 -30.73
CA VAL C 410 -22.67 -6.17 -30.98
C VAL C 410 -21.97 -7.26 -30.20
N GLU C 411 -22.64 -7.77 -29.15
CA GLU C 411 -22.08 -8.83 -28.31
C GLU C 411 -22.57 -10.18 -28.79
N LEU C 412 -21.62 -11.03 -29.15
CA LEU C 412 -21.81 -12.35 -29.71
C LEU C 412 -21.73 -13.39 -28.60
N VAL C 413 -22.64 -14.36 -28.64
CA VAL C 413 -22.68 -15.41 -27.62
C VAL C 413 -22.83 -16.78 -28.27
N LYS C 414 -22.27 -17.79 -27.59
CA LYS C 414 -22.36 -19.16 -28.09
C LYS C 414 -23.77 -19.71 -27.94
N GLU C 415 -24.51 -19.24 -26.94
CA GLU C 415 -25.92 -19.63 -26.76
C GLU C 415 -26.59 -18.49 -26.00
N ARG C 416 -27.68 -17.98 -26.57
CA ARG C 416 -28.36 -16.81 -26.00
C ARG C 416 -29.03 -17.16 -24.67
N ALA C 417 -29.54 -18.39 -24.54
CA ALA C 417 -30.27 -18.78 -23.33
C ALA C 417 -29.39 -18.67 -22.10
N THR C 418 -28.11 -19.03 -22.23
CA THR C 418 -27.15 -18.97 -21.13
C THR C 418 -26.28 -17.72 -21.21
N LYS C 419 -26.26 -17.05 -22.36
CA LYS C 419 -25.41 -15.89 -22.63
C LYS C 419 -23.93 -16.25 -22.55
N GLU C 420 -23.60 -17.54 -22.75
CA GLU C 420 -22.20 -17.98 -22.75
C GLU C 420 -21.41 -17.22 -23.82
N PRO C 421 -20.40 -16.44 -23.44
CA PRO C 421 -19.65 -15.66 -24.42
C PRO C 421 -18.65 -16.50 -25.19
N PHE C 422 -18.32 -16.01 -26.38
CA PHE C 422 -17.09 -16.43 -27.06
C PHE C 422 -15.88 -15.94 -26.27
N GLY C 423 -14.87 -16.81 -26.15
CA GLY C 423 -13.65 -16.45 -25.45
C GLY C 423 -12.65 -15.79 -26.37
N PRO C 424 -11.60 -15.20 -25.81
CA PRO C 424 -10.57 -14.58 -26.65
C PRO C 424 -9.95 -15.57 -27.62
N ALA C 425 -9.91 -16.85 -27.25
CA ALA C 425 -9.29 -17.88 -28.07
C ALA C 425 -10.19 -18.34 -29.22
N ASP C 426 -11.48 -18.06 -29.15
CA ASP C 426 -12.44 -18.60 -30.10
C ASP C 426 -12.37 -17.90 -31.45
N ALA C 427 -12.83 -18.60 -32.49
CA ALA C 427 -12.60 -18.16 -33.87
C ALA C 427 -13.74 -17.32 -34.41
N TYR C 428 -14.96 -17.51 -33.91
CA TYR C 428 -16.11 -16.88 -34.57
C TYR C 428 -16.03 -15.36 -34.61
N PRO C 429 -15.82 -14.64 -33.49
CA PRO C 429 -15.80 -13.16 -33.58
C PRO C 429 -14.76 -12.65 -34.56
N LEU C 430 -13.56 -13.23 -34.55
CA LEU C 430 -12.53 -12.81 -35.49
C LEU C 430 -12.92 -13.16 -36.92
N ALA C 431 -13.65 -14.26 -37.12
CA ALA C 431 -14.13 -14.59 -38.46
C ALA C 431 -15.07 -13.51 -38.99
N ILE C 432 -16.01 -13.05 -38.15
CA ILE C 432 -16.93 -11.98 -38.56
C ILE C 432 -16.15 -10.70 -38.85
N SER C 433 -15.23 -10.35 -37.95
CA SER C 433 -14.41 -9.15 -38.14
C SER C 433 -13.64 -9.21 -39.44
N GLU C 434 -12.98 -10.35 -39.71
CA GLU C 434 -12.17 -10.51 -40.93
C GLU C 434 -13.04 -10.48 -42.18
N ALA C 435 -14.25 -11.06 -42.13
CA ALA C 435 -15.11 -10.94 -43.30
C ALA C 435 -15.47 -9.48 -43.57
N CYS C 436 -15.69 -8.70 -42.51
CA CYS C 436 -15.96 -7.28 -42.72
C CYS C 436 -14.73 -6.59 -43.31
N VAL C 437 -13.57 -6.84 -42.73
CA VAL C 437 -12.34 -6.19 -43.21
C VAL C 437 -12.07 -6.56 -44.67
N ASN C 438 -12.26 -7.84 -45.02
CA ASN C 438 -12.07 -8.29 -46.38
C ASN C 438 -13.14 -7.78 -47.32
N ASN C 439 -14.21 -7.18 -46.80
CA ASN C 439 -15.24 -6.59 -47.65
C ASN C 439 -15.34 -5.08 -47.44
N GLY C 440 -14.25 -4.45 -46.99
CA GLY C 440 -14.11 -3.00 -47.03
C GLY C 440 -14.66 -2.26 -45.84
N VAL C 441 -14.83 -2.93 -44.69
CA VAL C 441 -15.38 -2.34 -43.48
C VAL C 441 -14.44 -2.66 -42.33
N MET C 442 -13.84 -1.62 -41.74
CA MET C 442 -12.88 -1.80 -40.64
C MET C 442 -13.62 -1.89 -39.31
N ILE C 443 -13.92 -3.11 -38.89
CA ILE C 443 -14.50 -3.38 -37.57
C ILE C 443 -13.64 -4.42 -36.86
N ARG C 444 -13.18 -4.10 -35.65
CA ARG C 444 -12.40 -5.02 -34.84
C ARG C 444 -13.18 -5.42 -33.59
N THR C 445 -12.58 -6.29 -32.78
CA THR C 445 -13.26 -6.86 -31.63
C THR C 445 -12.62 -6.42 -30.32
N ILE C 446 -13.44 -6.40 -29.27
CA ILE C 446 -13.00 -6.52 -27.88
C ILE C 446 -13.56 -7.84 -27.37
N VAL C 447 -12.71 -8.88 -27.36
CA VAL C 447 -13.11 -10.25 -27.04
C VAL C 447 -14.30 -10.61 -27.91
N ASN C 448 -15.48 -10.77 -27.31
CA ASN C 448 -16.64 -11.25 -28.04
C ASN C 448 -17.55 -10.12 -28.53
N LYS C 449 -17.10 -8.87 -28.48
CA LYS C 449 -17.93 -7.74 -28.87
C LYS C 449 -17.32 -7.03 -30.07
N LEU C 450 -18.11 -6.89 -31.13
CA LEU C 450 -17.78 -6.04 -32.26
C LEU C 450 -18.08 -4.60 -31.88
N ILE C 451 -17.08 -3.73 -31.96
CA ILE C 451 -17.19 -2.35 -31.51
C ILE C 451 -17.35 -1.44 -32.72
N ILE C 452 -18.32 -0.51 -32.65
CA ILE C 452 -18.56 0.48 -33.70
C ILE C 452 -18.49 1.87 -33.08
N SER C 453 -17.51 2.65 -33.53
CA SER C 453 -17.26 4.01 -33.07
C SER C 453 -16.71 4.84 -34.23
N PRO C 454 -17.50 5.05 -35.28
CA PRO C 454 -17.00 5.74 -36.47
C PRO C 454 -16.85 7.23 -36.22
N PRO C 455 -16.31 7.99 -37.17
CA PRO C 455 -16.35 9.46 -37.05
C PRO C 455 -17.78 9.96 -36.88
N LEU C 456 -17.90 11.11 -36.22
CA LEU C 456 -19.22 11.66 -35.94
C LEU C 456 -19.88 12.29 -37.17
N THR C 457 -19.18 12.32 -38.30
CA THR C 457 -19.73 12.77 -39.57
C THR C 457 -20.43 11.65 -40.34
N PHE C 458 -20.53 10.46 -39.76
CA PHE C 458 -21.15 9.30 -40.38
C PHE C 458 -22.55 9.64 -40.87
N THR C 459 -22.93 9.09 -42.03
CA THR C 459 -24.24 9.28 -42.63
C THR C 459 -25.05 7.99 -42.55
N THR C 460 -26.36 8.12 -42.75
CA THR C 460 -27.21 6.93 -42.83
C THR C 460 -26.81 6.01 -43.98
N GLU C 461 -26.27 6.58 -45.07
CA GLU C 461 -25.78 5.78 -46.18
C GLU C 461 -24.57 4.94 -45.76
N HIS C 462 -23.65 5.54 -45.00
CA HIS C 462 -22.53 4.78 -44.44
C HIS C 462 -23.03 3.63 -43.60
N VAL C 463 -24.05 3.91 -42.77
CA VAL C 463 -24.67 2.88 -41.93
C VAL C 463 -25.18 1.73 -42.78
N ASP C 464 -25.89 2.04 -43.87
CA ASP C 464 -26.48 0.97 -44.68
C ASP C 464 -25.39 0.13 -45.34
N GLU C 465 -24.33 0.78 -45.81
CA GLU C 465 -23.18 0.05 -46.37
C GLU C 465 -22.63 -0.94 -45.34
N VAL C 466 -22.37 -0.45 -44.12
CA VAL C 466 -21.76 -1.28 -43.10
C VAL C 466 -22.70 -2.43 -42.73
N ILE C 467 -23.99 -2.14 -42.60
CA ILE C 467 -24.96 -3.15 -42.21
C ILE C 467 -25.06 -4.25 -43.26
N GLU C 468 -25.04 -3.90 -44.54
CA GLU C 468 -25.08 -4.91 -45.61
C GLU C 468 -23.85 -5.81 -45.51
N VAL C 469 -22.67 -5.21 -45.32
CA VAL C 469 -21.45 -6.02 -45.23
C VAL C 469 -21.49 -6.92 -44.00
N LEU C 470 -21.95 -6.39 -42.87
CA LEU C 470 -22.06 -7.18 -41.64
C LEU C 470 -23.04 -8.35 -41.83
N ASP C 471 -24.18 -8.07 -42.46
CA ASP C 471 -25.17 -9.11 -42.74
C ASP C 471 -24.56 -10.25 -43.54
N ARG C 472 -23.89 -9.93 -44.66
CA ARG C 472 -23.22 -10.97 -45.45
C ARG C 472 -22.13 -11.68 -44.66
N ALA C 473 -21.41 -10.96 -43.79
CA ALA C 473 -20.42 -11.63 -42.94
C ALA C 473 -21.10 -12.72 -42.09
N PHE C 474 -22.26 -12.40 -41.50
CA PHE C 474 -22.97 -13.39 -40.70
C PHE C 474 -23.50 -14.54 -41.55
N VAL C 475 -24.02 -14.22 -42.74
CA VAL C 475 -24.52 -15.27 -43.63
C VAL C 475 -23.41 -16.22 -44.03
N ALA C 476 -22.22 -15.67 -44.34
CA ALA C 476 -21.07 -16.47 -44.75
C ALA C 476 -20.47 -17.27 -43.61
N ASN C 477 -20.82 -16.96 -42.37
CA ASN C 477 -20.29 -17.61 -41.18
C ASN C 477 -21.47 -18.01 -40.31
N PRO C 478 -22.27 -18.98 -40.76
CA PRO C 478 -23.52 -19.30 -40.04
C PRO C 478 -23.27 -19.88 -38.66
N TRP C 479 -24.12 -19.49 -37.72
CA TRP C 479 -24.07 -20.03 -36.36
C TRP C 479 -25.47 -20.36 -35.85
N LYS D 31 -5.36 39.67 -29.52
CA LYS D 31 -4.20 40.07 -28.74
C LYS D 31 -4.60 40.63 -27.38
N ALA D 32 -5.57 41.55 -27.37
CA ALA D 32 -6.11 42.03 -26.10
C ALA D 32 -6.83 40.91 -25.36
N TRP D 33 -7.58 40.07 -26.09
CA TRP D 33 -8.29 38.95 -25.48
C TRP D 33 -7.31 37.96 -24.83
N LEU D 34 -6.13 37.77 -25.44
CA LEU D 34 -5.13 36.88 -24.85
C LEU D 34 -4.71 37.36 -23.46
N LYS D 35 -4.46 38.66 -23.33
CA LYS D 35 -4.05 39.21 -22.04
C LYS D 35 -5.18 39.14 -21.02
N GLU D 36 -6.43 39.37 -21.45
CA GLU D 36 -7.52 39.35 -20.48
C GLU D 36 -7.81 37.94 -19.97
N HIS D 37 -7.62 36.90 -20.80
CA HIS D 37 -7.98 35.56 -20.39
C HIS D 37 -6.79 34.74 -19.86
N ASN D 38 -5.57 35.30 -19.93
CA ASN D 38 -4.34 34.70 -19.40
C ASN D 38 -4.51 34.25 -17.94
N THR D 39 -4.43 32.95 -17.69
CA THR D 39 -4.45 32.25 -16.40
C THR D 39 -5.87 32.07 -15.87
N VAL D 40 -6.87 32.72 -16.47
CA VAL D 40 -8.17 32.85 -15.82
C VAL D 40 -8.87 31.51 -15.73
N HIS D 41 -8.75 30.69 -16.76
CA HIS D 41 -9.46 29.41 -16.83
C HIS D 41 -8.52 28.23 -16.66
N MET D 42 -7.34 28.46 -16.07
CA MET D 42 -6.24 27.52 -16.14
C MET D 42 -5.62 27.17 -14.80
N MET D 43 -5.23 25.91 -14.69
CA MET D 43 -4.48 25.33 -13.56
C MET D 43 -3.01 25.25 -13.96
N HIS D 44 -2.28 26.32 -13.69
CA HIS D 44 -0.90 26.41 -14.13
C HIS D 44 0.01 25.46 -13.35
N PRO D 45 0.86 24.67 -14.02
CA PRO D 45 1.78 23.77 -13.33
C PRO D 45 2.72 24.47 -12.35
N MET D 46 2.95 23.82 -11.19
CA MET D 46 4.00 24.12 -10.24
C MET D 46 3.78 25.43 -9.48
N GLN D 47 2.54 25.92 -9.40
CA GLN D 47 2.28 27.26 -8.90
C GLN D 47 1.05 27.34 -8.03
N ASP D 48 1.07 28.32 -7.11
CA ASP D 48 -0.09 28.73 -6.34
C ASP D 48 -0.96 29.63 -7.19
N PRO D 49 -2.23 29.27 -7.47
CA PRO D 49 -3.06 30.14 -8.33
C PRO D 49 -3.28 31.54 -7.76
N LYS D 50 -3.25 31.70 -6.43
CA LYS D 50 -3.43 33.03 -5.85
C LYS D 50 -2.39 33.99 -6.39
N ALA D 51 -1.17 33.48 -6.66
CA ALA D 51 -0.10 34.34 -7.13
C ALA D 51 -0.37 34.88 -8.53
N LEU D 52 -1.14 34.14 -9.35
CA LEU D 52 -1.27 34.46 -10.77
C LEU D 52 -2.30 35.54 -11.06
N HIS D 53 -3.12 35.92 -10.08
CA HIS D 53 -4.05 37.04 -10.26
C HIS D 53 -3.30 38.32 -10.59
N GLU D 54 -2.21 38.60 -9.89
CA GLU D 54 -1.43 39.81 -10.07
C GLU D 54 -0.16 39.63 -10.88
N GLN D 55 0.56 38.52 -10.76
CA GLN D 55 1.81 38.37 -11.50
C GLN D 55 1.55 37.43 -12.68
N ARG D 56 1.15 38.02 -13.80
CA ARG D 56 0.75 37.24 -14.97
C ARG D 56 1.98 36.79 -15.77
N PRO D 57 1.98 35.57 -16.28
CA PRO D 57 3.11 35.11 -17.10
C PRO D 57 3.16 35.81 -18.44
N LEU D 58 4.36 35.85 -19.01
CA LEU D 58 4.55 36.41 -20.35
C LEU D 58 3.88 35.50 -21.38
N ILE D 59 3.14 36.10 -22.31
CA ILE D 59 2.51 35.34 -23.39
C ILE D 59 3.49 35.28 -24.56
N ILE D 60 4.15 34.14 -24.72
CA ILE D 60 5.11 33.96 -25.79
C ILE D 60 4.36 33.66 -27.08
N GLN D 61 4.64 34.44 -28.13
CA GLN D 61 3.88 34.40 -29.36
C GLN D 61 4.60 33.66 -30.48
N SER D 62 5.91 33.88 -30.60
CA SER D 62 6.58 33.30 -31.75
C SER D 62 8.01 32.91 -31.40
N GLY D 63 8.61 32.01 -32.29
CA GLY D 63 10.00 31.63 -32.14
C GLY D 63 10.75 31.50 -33.45
N LYS D 64 12.05 31.86 -33.46
CA LYS D 64 12.91 31.66 -34.61
C LYS D 64 14.34 31.42 -34.15
N GLY D 65 14.96 30.36 -34.66
CA GLY D 65 16.32 29.99 -34.25
C GLY D 65 16.36 29.64 -32.78
N VAL D 66 17.10 30.43 -32.00
CA VAL D 66 17.15 30.28 -30.56
C VAL D 66 16.44 31.43 -29.84
N HIS D 67 15.72 32.26 -30.58
CA HIS D 67 15.02 33.42 -30.01
C HIS D 67 13.52 33.19 -29.97
N ILE D 68 12.88 33.81 -28.99
CA ILE D 68 11.42 33.84 -28.88
C ILE D 68 10.97 35.28 -28.73
N THR D 69 9.72 35.54 -29.09
CA THR D 69 9.13 36.86 -29.02
C THR D 69 7.75 36.77 -28.39
N ASP D 70 7.48 37.67 -27.44
CA ASP D 70 6.21 37.73 -26.75
C ASP D 70 5.21 38.61 -27.52
N VAL D 71 3.97 38.67 -27.03
CA VAL D 71 2.90 39.37 -27.73
C VAL D 71 3.17 40.87 -27.85
N ASP D 72 4.03 41.44 -27.00
CA ASP D 72 4.36 42.85 -27.07
C ASP D 72 5.58 43.13 -27.94
N GLY D 73 6.11 42.11 -28.61
CA GLY D 73 7.26 42.24 -29.50
C GLY D 73 8.61 42.18 -28.82
N ARG D 74 8.66 41.88 -27.52
CA ARG D 74 9.93 41.70 -26.83
C ARG D 74 10.61 40.41 -27.26
N ARG D 75 11.90 40.52 -27.60
CA ARG D 75 12.68 39.40 -28.11
C ARG D 75 13.65 38.91 -27.04
N PHE D 76 13.76 37.59 -26.91
CA PHE D 76 14.60 36.96 -25.91
C PHE D 76 15.39 35.81 -26.53
N ILE D 77 16.64 35.64 -26.08
CA ILE D 77 17.34 34.38 -26.23
C ILE D 77 16.70 33.38 -25.26
N ASP D 78 16.25 32.25 -25.80
CA ASP D 78 15.50 31.27 -25.00
C ASP D 78 16.46 30.28 -24.34
N CYS D 79 16.96 30.64 -23.15
CA CYS D 79 17.83 29.73 -22.42
C CYS D 79 17.06 28.58 -21.79
N GLN D 80 15.73 28.62 -21.81
CA GLN D 80 14.94 27.49 -21.34
C GLN D 80 14.85 26.37 -22.37
N GLY D 81 15.11 26.67 -23.66
CA GLY D 81 14.91 25.73 -24.74
C GLY D 81 13.50 25.19 -24.74
N GLY D 82 12.53 26.10 -24.64
CA GLY D 82 11.16 25.73 -24.35
C GLY D 82 11.08 25.26 -22.92
N LEU D 83 11.32 23.97 -22.70
CA LEU D 83 11.42 23.37 -21.38
C LEU D 83 12.30 22.13 -21.53
N TRP D 84 13.60 22.35 -21.75
CA TRP D 84 14.58 21.29 -22.04
C TRP D 84 14.23 20.51 -23.31
N CYS D 85 13.51 21.09 -24.27
CA CYS D 85 12.98 20.23 -25.32
C CYS D 85 13.09 20.77 -26.74
N VAL D 86 13.22 22.08 -26.99
CA VAL D 86 13.30 22.58 -28.35
C VAL D 86 14.75 22.45 -28.80
N ASN D 87 15.20 21.20 -28.94
CA ASN D 87 16.63 20.95 -29.08
C ASN D 87 17.17 21.34 -30.44
N ALA D 88 16.33 21.32 -31.49
CA ALA D 88 16.77 21.68 -32.83
C ALA D 88 16.54 23.15 -33.15
N GLY D 89 15.98 23.92 -32.22
CA GLY D 89 15.64 25.30 -32.45
C GLY D 89 14.25 25.48 -33.06
N TYR D 90 13.83 26.73 -33.12
CA TYR D 90 12.51 27.09 -33.60
C TYR D 90 12.52 27.30 -35.12
N GLY D 91 11.39 27.01 -35.74
CA GLY D 91 11.18 27.33 -37.14
C GLY D 91 11.84 26.38 -38.13
N ARG D 92 12.11 25.15 -37.72
CA ARG D 92 12.77 24.17 -38.59
C ARG D 92 11.80 23.69 -39.66
N ARG D 93 12.07 24.11 -40.91
CA ARG D 93 11.24 23.69 -42.04
C ARG D 93 11.17 22.17 -42.16
N GLU D 94 12.27 21.48 -41.85
CA GLU D 94 12.26 20.02 -42.00
C GLU D 94 11.14 19.39 -41.18
N ILE D 95 10.97 19.84 -39.94
CA ILE D 95 9.98 19.24 -39.03
C ILE D 95 8.58 19.73 -39.40
N ILE D 96 8.45 21.03 -39.67
CA ILE D 96 7.15 21.59 -40.05
C ILE D 96 6.59 20.86 -41.27
N ASP D 97 7.43 20.67 -42.29
CA ASP D 97 6.98 20.02 -43.51
C ASP D 97 6.68 18.54 -43.28
N ALA D 98 7.53 17.84 -42.51
CA ALA D 98 7.24 16.44 -42.21
C ALA D 98 5.87 16.31 -41.57
N VAL D 99 5.56 17.23 -40.63
CA VAL D 99 4.29 17.18 -39.90
C VAL D 99 3.15 17.47 -40.85
N THR D 100 3.25 18.56 -41.60
CA THR D 100 2.19 18.93 -42.51
C THR D 100 1.87 17.80 -43.48
N ARG D 101 2.89 17.30 -44.19
CA ARG D 101 2.65 16.26 -45.19
C ARG D 101 2.07 14.99 -44.57
N GLN D 102 2.57 14.61 -43.38
CA GLN D 102 2.04 13.42 -42.73
C GLN D 102 0.57 13.61 -42.34
N MET D 103 0.23 14.79 -41.81
CA MET D 103 -1.14 15.07 -41.40
C MET D 103 -2.05 15.16 -42.63
N GLU D 104 -1.47 15.58 -43.77
CA GLU D 104 -2.19 15.64 -45.03
C GLU D 104 -2.52 14.24 -45.52
N GLU D 105 -1.62 13.27 -45.28
CA GLU D 105 -1.75 11.90 -45.76
C GLU D 105 -2.65 11.08 -44.82
N LEU D 106 -2.27 11.01 -43.55
CA LEU D 106 -3.00 10.23 -42.54
C LEU D 106 -2.73 10.88 -41.19
N ALA D 107 -3.75 11.57 -40.64
CA ALA D 107 -3.58 12.27 -39.38
C ALA D 107 -3.36 11.32 -38.20
N TYR D 108 -4.03 10.18 -38.21
CA TYR D 108 -3.95 9.26 -37.08
C TYR D 108 -4.45 7.89 -37.48
N TYR D 109 -3.74 6.86 -37.04
CA TYR D 109 -4.33 5.54 -36.82
C TYR D 109 -3.52 4.83 -35.75
N SER D 110 -4.19 3.94 -35.03
CA SER D 110 -3.67 3.36 -33.80
C SER D 110 -2.72 2.19 -34.10
N LEU D 111 -2.00 1.78 -33.06
CA LEU D 111 -1.20 0.57 -33.08
C LEU D 111 -1.90 -0.59 -32.35
N PHE D 112 -3.19 -0.43 -32.07
CA PHE D 112 -4.02 -1.38 -31.34
C PHE D 112 -4.38 -2.55 -32.24
N PRO D 113 -4.90 -3.68 -31.66
CA PRO D 113 -5.11 -4.90 -32.44
C PRO D 113 -5.67 -4.70 -33.85
N GLY D 114 -4.89 -5.15 -34.84
CA GLY D 114 -5.29 -5.13 -36.23
C GLY D 114 -4.61 -4.08 -37.09
N SER D 115 -4.02 -3.05 -36.49
CA SER D 115 -3.49 -1.95 -37.29
C SER D 115 -2.14 -1.47 -36.76
N THR D 116 -1.45 -0.74 -37.63
CA THR D 116 -0.23 0.01 -37.34
C THR D 116 -0.15 1.14 -38.36
N ASN D 117 0.90 1.95 -38.28
CA ASN D 117 1.08 2.99 -39.26
C ASN D 117 2.55 3.09 -39.62
N ALA D 118 2.81 3.76 -40.76
CA ALA D 118 4.16 3.75 -41.32
C ALA D 118 5.15 4.58 -40.51
N PRO D 119 4.87 5.86 -40.16
CA PRO D 119 5.86 6.61 -39.37
C PRO D 119 6.24 5.91 -38.08
N ALA D 120 5.29 5.22 -37.45
CA ALA D 120 5.62 4.50 -36.22
C ALA D 120 6.65 3.40 -36.47
N ILE D 121 6.45 2.60 -37.53
CA ILE D 121 7.39 1.54 -37.86
C ILE D 121 8.76 2.14 -38.12
N ALA D 122 8.81 3.18 -38.95
CA ALA D 122 10.08 3.82 -39.29
C ALA D 122 10.79 4.33 -38.03
N LEU D 123 10.06 4.97 -37.13
CA LEU D 123 10.70 5.57 -35.95
C LEU D 123 11.23 4.49 -35.02
N SER D 124 10.49 3.38 -34.90
CA SER D 124 10.99 2.29 -34.06
C SER D 124 12.31 1.79 -34.59
N GLN D 125 12.40 1.62 -35.91
CA GLN D 125 13.67 1.13 -36.46
C GLN D 125 14.77 2.17 -36.25
N LYS D 126 14.45 3.45 -36.48
CA LYS D 126 15.45 4.52 -36.31
C LYS D 126 15.97 4.54 -34.87
N LEU D 127 15.09 4.37 -33.89
CA LEU D 127 15.51 4.43 -32.50
C LEU D 127 16.36 3.21 -32.14
N THR D 128 15.98 2.04 -32.65
CA THR D 128 16.77 0.84 -32.38
C THR D 128 18.15 0.95 -33.02
N GLU D 129 18.24 1.66 -34.14
CA GLU D 129 19.52 1.87 -34.80
C GLU D 129 20.36 2.90 -34.03
N VAL D 130 19.76 4.01 -33.63
CA VAL D 130 20.48 5.10 -32.96
C VAL D 130 20.97 4.65 -31.57
N ALA D 131 20.17 3.83 -30.88
CA ALA D 131 20.52 3.31 -29.57
C ALA D 131 21.08 1.90 -29.65
N ALA D 132 21.68 1.53 -30.78
CA ALA D 132 22.28 0.21 -30.93
C ALA D 132 23.37 -0.03 -29.91
N GLU D 133 24.21 1.00 -29.63
CA GLU D 133 25.30 0.84 -28.66
C GLU D 133 24.78 0.35 -27.32
N GLU D 134 23.60 0.81 -26.91
CA GLU D 134 23.02 0.44 -25.63
C GLU D 134 22.30 -0.90 -25.66
N GLY D 135 22.14 -1.51 -26.83
CA GLY D 135 21.51 -2.81 -26.98
C GLY D 135 20.00 -2.72 -27.08
N MET D 136 19.47 -1.55 -27.44
CA MET D 136 18.04 -1.34 -27.48
C MET D 136 17.46 -1.98 -28.73
N VAL D 137 16.43 -2.80 -28.54
CA VAL D 137 15.84 -3.56 -29.62
C VAL D 137 14.36 -3.28 -29.78
N LYS D 138 13.66 -2.77 -28.77
CA LYS D 138 12.23 -2.50 -28.95
C LYS D 138 11.85 -1.17 -28.31
N ALA D 139 10.81 -0.55 -28.88
CA ALA D 139 10.24 0.71 -28.39
C ALA D 139 8.75 0.56 -28.08
N SER D 140 8.35 1.10 -26.93
CA SER D 140 6.95 1.35 -26.60
C SER D 140 6.73 2.86 -26.51
N PHE D 141 5.86 3.38 -27.35
CA PHE D 141 5.67 4.82 -27.49
C PHE D 141 4.65 5.36 -26.49
N GLY D 142 4.82 6.64 -26.15
CA GLY D 142 3.89 7.42 -25.36
C GLY D 142 3.90 8.87 -25.79
N LEU D 143 3.50 9.77 -24.88
CA LEU D 143 3.30 11.16 -25.24
C LEU D 143 4.18 12.14 -24.47
N GLY D 144 4.71 11.75 -23.33
CA GLY D 144 5.57 12.66 -22.59
C GLY D 144 6.42 11.85 -21.64
N GLY D 145 7.27 12.57 -20.90
CA GLY D 145 8.23 11.90 -20.05
C GLY D 145 7.56 11.09 -18.96
N SER D 146 6.48 11.61 -18.38
CA SER D 146 5.76 10.88 -17.35
C SER D 146 5.26 9.54 -17.90
N ASP D 147 4.79 9.55 -19.16
CA ASP D 147 4.34 8.31 -19.77
C ASP D 147 5.52 7.36 -19.95
N ALA D 148 6.68 7.88 -20.38
CA ALA D 148 7.84 7.03 -20.59
C ALA D 148 8.25 6.34 -19.29
N VAL D 149 8.24 7.08 -18.19
CA VAL D 149 8.62 6.50 -16.90
C VAL D 149 7.59 5.45 -16.47
N GLU D 150 6.29 5.79 -16.54
CA GLU D 150 5.24 4.83 -16.17
C GLU D 150 5.39 3.55 -16.97
N THR D 151 5.64 3.70 -18.27
CA THR D 151 5.83 2.56 -19.16
C THR D 151 7.02 1.71 -18.71
N ALA D 152 8.14 2.36 -18.37
CA ALA D 152 9.30 1.61 -17.86
C ALA D 152 8.95 0.80 -16.61
N LEU D 153 8.22 1.42 -15.68
CA LEU D 153 7.87 0.75 -14.42
C LEU D 153 6.95 -0.44 -14.67
N LYS D 154 5.95 -0.26 -15.52
CA LYS D 154 5.03 -1.34 -15.85
C LYS D 154 5.78 -2.46 -16.57
N ILE D 155 6.66 -2.09 -17.51
CA ILE D 155 7.47 -3.08 -18.21
C ILE D 155 8.30 -3.89 -17.23
N ALA D 156 8.94 -3.22 -16.25
CA ALA D 156 9.79 -3.94 -15.31
C ALA D 156 8.98 -4.96 -14.51
N ARG D 157 7.83 -4.53 -14.00
CA ARG D 157 7.01 -5.43 -13.19
C ARG D 157 6.57 -6.62 -14.02
N GLN D 158 6.09 -6.35 -15.23
CA GLN D 158 5.60 -7.44 -16.06
C GLN D 158 6.75 -8.37 -16.44
N TYR D 159 7.93 -7.81 -16.74
CA TYR D 159 9.12 -8.60 -17.02
C TYR D 159 9.38 -9.62 -15.93
N TRP D 160 9.42 -9.15 -14.68
CA TRP D 160 9.79 -10.10 -13.62
C TRP D 160 8.68 -11.13 -13.43
N LYS D 161 7.42 -10.75 -13.67
CA LYS D 161 6.38 -11.78 -13.60
C LYS D 161 6.61 -12.84 -14.68
N LEU D 162 6.96 -12.40 -15.89
CA LEU D 162 7.22 -13.32 -17.00
C LEU D 162 8.40 -14.24 -16.68
N GLU D 163 9.41 -13.73 -15.99
CA GLU D 163 10.61 -14.48 -15.62
C GLU D 163 10.40 -15.34 -14.38
N GLY D 164 9.16 -15.47 -13.92
CA GLY D 164 8.83 -16.32 -12.77
C GLY D 164 9.29 -15.80 -11.42
N GLN D 165 9.45 -14.48 -11.28
CA GLN D 165 9.79 -13.85 -10.00
C GLN D 165 8.84 -12.70 -9.73
N PRO D 166 7.54 -13.00 -9.50
CA PRO D 166 6.57 -11.90 -9.34
C PRO D 166 6.69 -11.13 -8.02
N ASP D 167 7.49 -11.59 -7.06
CA ASP D 167 7.75 -10.80 -5.87
C ASP D 167 8.61 -9.57 -6.17
N LYS D 168 9.30 -9.54 -7.30
CA LYS D 168 10.16 -8.41 -7.66
C LYS D 168 9.30 -7.24 -8.13
N VAL D 169 8.95 -6.36 -7.19
CA VAL D 169 8.01 -5.26 -7.46
C VAL D 169 8.52 -3.91 -6.99
N LYS D 170 9.53 -3.83 -6.13
CA LYS D 170 9.94 -2.57 -5.55
C LYS D 170 10.84 -1.79 -6.51
N PHE D 171 10.82 -0.46 -6.36
CA PHE D 171 11.66 0.40 -7.17
C PHE D 171 12.54 1.26 -6.27
N VAL D 172 13.82 1.34 -6.58
CA VAL D 172 14.75 2.20 -5.88
C VAL D 172 15.15 3.33 -6.82
N SER D 173 15.23 4.56 -6.28
CA SER D 173 15.63 5.71 -7.05
C SER D 173 16.48 6.60 -6.14
N LEU D 174 16.85 7.77 -6.65
CA LEU D 174 17.84 8.61 -6.00
C LEU D 174 17.21 9.87 -5.43
N TYR D 175 17.73 10.35 -4.28
CA TYR D 175 17.47 11.72 -3.83
C TYR D 175 17.75 12.68 -4.97
N ASN D 176 16.84 13.66 -5.12
CA ASN D 176 16.86 14.74 -6.10
C ASN D 176 16.46 14.22 -7.47
N GLY D 177 16.20 12.93 -7.61
CA GLY D 177 15.68 12.41 -8.87
C GLY D 177 14.30 12.97 -9.17
N TYR D 178 14.04 13.21 -10.45
CA TYR D 178 12.73 13.63 -10.93
C TYR D 178 12.31 12.71 -12.06
N HIS D 179 11.15 12.07 -11.92
CA HIS D 179 10.70 11.05 -12.87
C HIS D 179 9.25 11.24 -13.29
N GLY D 180 8.78 12.47 -13.30
CA GLY D 180 7.44 12.77 -13.76
C GLY D 180 6.36 12.65 -12.69
N LEU D 181 5.12 12.72 -13.17
CA LEU D 181 4.03 13.18 -12.33
C LEU D 181 2.87 12.23 -12.21
N ASN D 182 2.86 11.14 -12.97
CA ASN D 182 1.86 10.13 -12.72
C ASN D 182 2.22 9.42 -11.43
N PHE D 183 1.29 8.60 -10.92
CA PHE D 183 1.48 8.07 -9.57
C PHE D 183 2.76 7.26 -9.44
N GLY D 184 3.12 6.47 -10.44
CA GLY D 184 4.34 5.70 -10.39
C GLY D 184 5.57 6.59 -10.38
N GLY D 185 5.67 7.43 -11.41
CA GLY D 185 6.79 8.35 -11.52
C GLY D 185 6.88 9.27 -10.31
N MET D 186 5.73 9.77 -9.85
CA MET D 186 5.71 10.64 -8.67
C MET D 186 6.23 9.88 -7.45
N SER D 187 5.83 8.62 -7.28
CA SER D 187 6.31 7.82 -6.16
C SER D 187 7.80 7.60 -6.26
N ALA D 188 8.35 7.60 -7.48
CA ALA D 188 9.78 7.38 -7.65
C ALA D 188 10.62 8.66 -7.47
N CYS D 189 9.98 9.84 -7.44
CA CYS D 189 10.70 11.11 -7.31
C CYS D 189 11.47 11.19 -5.99
N GLY D 190 12.61 11.89 -6.03
CA GLY D 190 13.50 12.04 -4.88
C GLY D 190 13.45 13.41 -4.22
N GLY D 191 12.38 14.14 -4.47
CA GLY D 191 12.11 15.39 -3.79
C GLY D 191 10.67 15.39 -3.32
N ASN D 192 10.41 15.75 -2.07
CA ASN D 192 9.06 15.68 -1.54
C ASN D 192 8.13 16.74 -2.14
N ALA D 193 8.67 17.79 -2.78
CA ALA D 193 7.85 18.86 -3.31
C ALA D 193 6.80 18.33 -4.28
N TRP D 194 7.14 17.30 -5.05
CA TRP D 194 6.23 16.73 -6.04
C TRP D 194 5.27 15.72 -5.43
N LYS D 195 5.44 15.38 -4.15
CA LYS D 195 4.87 14.17 -3.56
C LYS D 195 3.85 14.47 -2.47
N SER D 196 4.15 15.41 -1.56
CA SER D 196 3.42 15.53 -0.30
C SER D 196 1.93 15.83 -0.50
N SER D 197 1.57 16.61 -1.53
CA SER D 197 0.17 16.99 -1.70
C SER D 197 -0.70 15.85 -2.20
N TYR D 198 -0.11 14.75 -2.64
CA TYR D 198 -0.86 13.66 -3.25
C TYR D 198 -0.75 12.36 -2.48
N GLU D 199 -0.12 12.38 -1.30
CA GLU D 199 0.05 11.21 -0.47
C GLU D 199 -1.31 10.62 -0.09
N PRO D 200 -1.39 9.30 0.19
CA PRO D 200 -0.27 8.36 0.16
C PRO D 200 0.07 7.90 -1.25
N LEU D 201 1.37 7.79 -1.52
CA LEU D 201 1.84 7.39 -2.83
C LEU D 201 1.98 5.87 -2.88
N MET D 202 2.57 5.35 -3.96
CA MET D 202 2.62 3.91 -4.17
C MET D 202 3.51 3.21 -3.13
N PRO D 203 3.07 2.09 -2.57
CA PRO D 203 3.98 1.23 -1.80
C PRO D 203 5.16 0.75 -2.64
N GLY D 204 6.27 0.43 -1.96
CA GLY D 204 7.37 -0.25 -2.59
C GLY D 204 8.32 0.64 -3.38
N PHE D 205 8.27 1.96 -3.15
CA PHE D 205 9.19 2.93 -3.76
C PHE D 205 10.09 3.52 -2.69
N PHE D 206 11.40 3.40 -2.89
CA PHE D 206 12.42 3.79 -1.94
C PHE D 206 13.46 4.69 -2.60
N GLN D 207 13.92 5.72 -1.89
CA GLN D 207 14.91 6.66 -2.42
C GLN D 207 16.14 6.68 -1.53
N VAL D 208 17.33 6.77 -2.13
CA VAL D 208 18.59 6.70 -1.40
C VAL D 208 19.48 7.90 -1.70
N GLU D 209 20.43 8.10 -0.80
CA GLU D 209 21.51 9.06 -0.95
C GLU D 209 22.07 9.05 -2.37
N SER D 210 22.26 10.22 -2.94
CA SER D 210 22.83 10.32 -4.27
C SER D 210 24.12 11.15 -4.22
N PRO D 211 25.03 10.97 -5.17
CA PRO D 211 26.31 11.71 -5.07
C PRO D 211 26.22 13.14 -5.58
N HIS D 212 25.60 14.00 -4.78
CA HIS D 212 25.57 15.44 -5.05
C HIS D 212 26.74 16.08 -4.28
N LEU D 213 27.83 16.34 -4.99
CA LEU D 213 29.06 16.79 -4.32
C LEU D 213 28.80 18.05 -3.52
N TYR D 214 28.06 19.01 -4.08
CA TYR D 214 27.95 20.30 -3.42
C TYR D 214 27.24 20.20 -2.08
N ARG D 215 26.26 19.29 -1.94
CA ARG D 215 25.47 19.15 -0.72
C ARG D 215 25.39 17.66 -0.34
N ASN D 216 26.35 17.18 0.45
CA ASN D 216 26.34 15.80 0.93
C ASN D 216 27.01 15.77 2.29
N PRO D 217 26.63 14.85 3.17
CA PRO D 217 27.23 14.78 4.51
C PRO D 217 28.51 13.96 4.63
N PHE D 218 29.09 13.48 3.53
CA PHE D 218 30.11 12.44 3.58
C PHE D 218 31.51 12.96 3.34
N THR D 219 31.72 13.70 2.26
CA THR D 219 33.07 13.92 1.76
C THR D 219 33.03 15.01 0.70
N ASN D 220 34.18 15.65 0.51
CA ASN D 220 34.37 16.57 -0.60
C ASN D 220 35.09 15.92 -1.76
N ASP D 221 35.39 14.61 -1.67
CA ASP D 221 36.06 13.85 -2.72
C ASP D 221 35.03 13.13 -3.58
N PRO D 222 34.88 13.49 -4.86
CA PRO D 222 33.82 12.89 -5.69
C PRO D 222 33.95 11.39 -5.88
N GLU D 223 35.19 10.86 -5.97
CA GLU D 223 35.35 9.43 -6.14
C GLU D 223 34.89 8.68 -4.89
N GLU D 224 35.27 9.20 -3.72
CA GLU D 224 34.82 8.61 -2.46
C GLU D 224 33.31 8.73 -2.32
N LEU D 225 32.75 9.87 -2.75
CA LEU D 225 31.29 10.07 -2.66
C LEU D 225 30.56 9.06 -3.52
N ALA D 226 31.04 8.88 -4.75
CA ALA D 226 30.44 7.88 -5.63
C ALA D 226 30.47 6.50 -4.97
N GLU D 227 31.59 6.13 -4.34
CA GLU D 227 31.68 4.79 -3.76
C GLU D 227 30.76 4.64 -2.54
N ILE D 228 30.72 5.66 -1.67
CA ILE D 228 29.88 5.57 -0.49
C ILE D 228 28.39 5.53 -0.88
N CYS D 229 27.98 6.32 -1.87
CA CYS D 229 26.59 6.26 -2.31
C CYS D 229 26.25 4.90 -2.93
N ALA D 230 27.20 4.34 -3.69
CA ALA D 230 27.00 3.01 -4.26
C ALA D 230 26.79 1.97 -3.16
N GLN D 231 27.60 2.05 -2.09
CA GLN D 231 27.47 1.09 -0.99
C GLN D 231 26.15 1.31 -0.22
N ILE D 232 25.70 2.56 -0.07
CA ILE D 232 24.42 2.82 0.57
C ILE D 232 23.28 2.20 -0.23
N LEU D 233 23.32 2.40 -1.55
CA LEU D 233 22.34 1.77 -2.44
C LEU D 233 22.37 0.24 -2.30
N GLU D 234 23.57 -0.35 -2.38
CA GLU D 234 23.70 -1.80 -2.22
C GLU D 234 23.04 -2.26 -0.93
N ARG D 235 23.35 -1.58 0.18
CA ARG D 235 22.85 -2.06 1.47
C ARG D 235 21.34 -1.89 1.59
N GLN D 236 20.76 -0.85 0.96
CA GLN D 236 19.30 -0.70 0.98
C GLN D 236 18.63 -1.79 0.15
N ILE D 237 19.23 -2.11 -0.99
CA ILE D 237 18.72 -3.22 -1.80
C ILE D 237 18.76 -4.50 -0.99
N GLU D 238 19.91 -4.76 -0.33
CA GLU D 238 20.06 -5.98 0.47
C GLU D 238 19.01 -6.01 1.58
N MET D 239 18.77 -4.86 2.21
CA MET D 239 17.80 -4.76 3.29
C MET D 239 16.39 -5.06 2.79
N GLN D 240 16.05 -4.59 1.59
CA GLN D 240 14.74 -4.88 1.00
C GLN D 240 14.58 -6.36 0.59
N ALA D 241 15.69 -7.08 0.39
CA ALA D 241 15.82 -8.40 -0.21
C ALA D 241 15.77 -8.27 -1.72
N PRO D 242 16.88 -8.53 -2.41
CA PRO D 242 16.89 -8.34 -3.87
C PRO D 242 15.75 -9.06 -4.59
N GLY D 243 15.26 -10.17 -4.04
CA GLY D 243 14.14 -10.88 -4.64
C GLY D 243 12.82 -10.11 -4.60
N THR D 244 12.78 -8.91 -4.00
CA THR D 244 11.59 -8.09 -4.00
C THR D 244 11.74 -6.81 -4.81
N VAL D 245 12.91 -6.60 -5.40
CA VAL D 245 13.23 -5.35 -6.10
C VAL D 245 13.21 -5.62 -7.60
N ALA D 246 12.50 -4.77 -8.33
CA ALA D 246 12.38 -4.87 -9.78
C ALA D 246 13.49 -4.09 -10.49
N ALA D 247 13.75 -2.85 -10.08
CA ALA D 247 14.63 -1.99 -10.87
C ALA D 247 15.09 -0.79 -10.07
N LEU D 248 16.23 -0.25 -10.49
CA LEU D 248 16.71 1.07 -10.12
C LEU D 248 16.41 2.02 -11.28
N ILE D 249 15.87 3.20 -10.98
CA ILE D 249 15.66 4.22 -12.00
C ILE D 249 16.43 5.47 -11.63
N ALA D 250 17.18 6.03 -12.59
CA ALA D 250 18.03 7.19 -12.33
C ALA D 250 18.28 7.95 -13.63
N GLU D 251 18.47 9.25 -13.49
CA GLU D 251 18.85 10.13 -14.59
C GLU D 251 20.38 10.18 -14.72
N PRO D 252 20.94 10.02 -15.93
CA PRO D 252 22.40 10.17 -16.08
C PRO D 252 22.90 11.50 -15.56
N ILE D 253 22.17 12.59 -15.80
CA ILE D 253 22.39 13.84 -15.11
C ILE D 253 21.03 14.33 -14.65
N GLN D 254 20.92 14.62 -13.35
CA GLN D 254 19.63 15.00 -12.78
C GLN D 254 19.24 16.39 -13.22
N GLY D 255 18.07 16.50 -13.82
CA GLY D 255 17.64 17.76 -14.39
C GLY D 255 16.87 18.63 -13.42
N ALA D 256 15.59 18.33 -13.20
CA ALA D 256 14.75 19.20 -12.38
C ALA D 256 15.26 19.30 -10.95
N GLY D 257 16.01 18.31 -10.49
CA GLY D 257 16.62 18.42 -9.17
C GLY D 257 17.69 19.46 -9.08
N GLY D 258 18.12 20.05 -10.20
CA GLY D 258 19.04 21.18 -10.17
C GLY D 258 20.35 20.94 -10.90
N VAL D 259 20.30 20.16 -11.99
CA VAL D 259 21.46 19.88 -12.83
C VAL D 259 22.60 19.35 -11.97
N ILE D 260 22.46 18.12 -11.49
CA ILE D 260 23.45 17.46 -10.65
C ILE D 260 24.17 16.41 -11.49
N VAL D 261 25.44 16.66 -11.77
CA VAL D 261 26.26 15.77 -12.57
C VAL D 261 26.97 14.78 -11.64
N PRO D 262 26.77 13.49 -11.78
CA PRO D 262 27.41 12.51 -10.88
C PRO D 262 28.89 12.35 -11.20
N PRO D 263 29.69 11.87 -10.25
CA PRO D 263 31.06 11.46 -10.59
C PRO D 263 31.05 10.41 -11.68
N ALA D 264 32.08 10.44 -12.53
CA ALA D 264 32.13 9.55 -13.69
C ALA D 264 32.08 8.09 -13.28
N SER D 265 32.58 7.74 -12.09
CA SER D 265 32.61 6.34 -11.66
C SER D 265 31.24 5.83 -11.20
N TYR D 266 30.27 6.72 -10.96
CA TYR D 266 29.03 6.34 -10.29
C TYR D 266 28.19 5.42 -11.18
N TRP D 267 27.90 5.85 -12.41
CA TRP D 267 27.01 5.04 -13.26
C TRP D 267 27.59 3.68 -13.60
N PRO D 268 28.89 3.52 -13.89
CA PRO D 268 29.45 2.15 -13.97
C PRO D 268 29.19 1.33 -12.71
N ARG D 269 29.29 1.95 -11.51
CA ARG D 269 28.95 1.24 -10.28
C ARG D 269 27.47 0.87 -10.25
N LEU D 270 26.60 1.77 -10.73
CA LEU D 270 25.17 1.44 -10.78
C LEU D 270 24.94 0.21 -11.65
N ARG D 271 25.60 0.15 -12.81
CA ARG D 271 25.48 -1.04 -13.67
C ARG D 271 25.99 -2.28 -12.95
N GLN D 272 27.12 -2.17 -12.26
CA GLN D 272 27.66 -3.29 -11.49
C GLN D 272 26.65 -3.76 -10.44
N ILE D 273 26.02 -2.80 -9.73
CA ILE D 273 25.05 -3.13 -8.68
C ILE D 273 23.82 -3.82 -9.26
N CYS D 274 23.29 -3.30 -10.36
CA CYS D 274 22.13 -3.92 -10.96
C CYS D 274 22.46 -5.33 -11.43
N ASP D 275 23.66 -5.53 -11.97
CA ASP D 275 24.07 -6.88 -12.37
C ASP D 275 24.19 -7.78 -11.15
N LYS D 276 24.79 -7.27 -10.08
CA LYS D 276 25.04 -8.07 -8.89
C LYS D 276 23.73 -8.56 -8.26
N TYR D 277 22.75 -7.65 -8.13
CA TYR D 277 21.51 -7.97 -7.43
C TYR D 277 20.40 -8.42 -8.37
N ASP D 278 20.65 -8.46 -9.67
CA ASP D 278 19.68 -8.93 -10.66
C ASP D 278 18.41 -8.09 -10.59
N ILE D 279 18.60 -6.79 -10.72
CA ILE D 279 17.52 -5.84 -10.91
C ILE D 279 17.82 -5.10 -12.22
N LEU D 280 16.77 -4.58 -12.83
CA LEU D 280 16.90 -3.83 -14.07
C LEU D 280 17.41 -2.42 -13.79
N LEU D 281 18.22 -1.89 -14.70
CA LEU D 281 18.65 -0.50 -14.67
C LEU D 281 17.82 0.29 -15.67
N ILE D 282 16.98 1.18 -15.17
CA ILE D 282 16.20 2.10 -16.00
C ILE D 282 16.94 3.43 -16.04
N ALA D 283 17.35 3.85 -17.24
CA ALA D 283 17.93 5.17 -17.42
C ALA D 283 16.81 6.14 -17.83
N ASP D 284 16.53 7.13 -16.98
CA ASP D 284 15.57 8.16 -17.35
C ASP D 284 16.33 9.21 -18.15
N GLU D 285 16.25 9.06 -19.48
CA GLU D 285 16.95 9.91 -20.44
C GLU D 285 16.04 10.96 -21.06
N VAL D 286 14.97 11.37 -20.35
CA VAL D 286 14.00 12.29 -20.93
C VAL D 286 14.65 13.62 -21.27
N ILE D 287 15.58 14.09 -20.44
CA ILE D 287 16.34 15.28 -20.78
C ILE D 287 17.62 14.94 -21.54
N THR D 288 18.37 13.95 -21.07
CA THR D 288 19.69 13.73 -21.63
C THR D 288 19.64 13.00 -22.96
N GLY D 289 18.50 12.39 -23.29
CA GLY D 289 18.34 11.64 -24.52
C GLY D 289 18.51 12.50 -25.76
N LEU D 290 19.33 12.01 -26.69
CA LEU D 290 19.51 12.63 -27.99
C LEU D 290 20.24 13.97 -27.89
N GLY D 291 21.24 14.05 -26.99
CA GLY D 291 22.39 14.89 -27.20
C GLY D 291 22.69 15.92 -26.13
N ARG D 292 21.73 16.33 -25.30
CA ARG D 292 21.92 17.58 -24.55
C ARG D 292 23.20 17.57 -23.70
N SER D 293 23.55 16.44 -23.11
CA SER D 293 24.68 16.37 -22.18
C SER D 293 26.03 16.22 -22.88
N GLY D 294 26.07 16.22 -24.21
CA GLY D 294 27.30 16.14 -24.97
C GLY D 294 27.61 14.75 -25.48
N SER D 295 26.78 13.78 -25.14
CA SER D 295 26.76 12.48 -25.76
C SER D 295 25.34 12.25 -26.25
N LEU D 296 25.19 11.37 -27.25
CA LEU D 296 23.87 11.09 -27.80
C LEU D 296 22.93 10.60 -26.71
N PHE D 297 23.47 9.92 -25.70
CA PHE D 297 22.74 9.56 -24.50
C PHE D 297 23.63 9.80 -23.28
N GLY D 298 23.02 10.21 -22.16
CA GLY D 298 23.78 10.36 -20.94
C GLY D 298 24.45 9.07 -20.48
N SER D 299 23.71 7.95 -20.55
CA SER D 299 24.27 6.65 -20.18
C SER D 299 25.48 6.33 -21.05
N ARG D 300 25.40 6.62 -22.34
CA ARG D 300 26.55 6.47 -23.21
C ARG D 300 27.68 7.36 -22.74
N GLY D 301 27.36 8.61 -22.38
CA GLY D 301 28.35 9.52 -21.82
C GLY D 301 29.11 8.93 -20.66
N TRP D 302 28.48 8.02 -19.90
CA TRP D 302 29.17 7.38 -18.79
C TRP D 302 29.71 5.99 -19.17
N GLY D 303 29.54 5.56 -20.41
CA GLY D 303 29.96 4.24 -20.85
C GLY D 303 29.16 3.11 -20.25
N VAL D 304 27.85 3.32 -20.05
CA VAL D 304 26.98 2.35 -19.40
C VAL D 304 25.82 2.01 -20.33
N LYS D 305 25.49 0.72 -20.41
CA LYS D 305 24.37 0.24 -21.21
C LYS D 305 23.18 -0.13 -20.32
N PRO D 306 22.12 0.67 -20.29
CA PRO D 306 20.95 0.34 -19.46
C PRO D 306 20.10 -0.80 -20.03
N ASP D 307 19.20 -1.30 -19.17
CA ASP D 307 18.18 -2.26 -19.60
C ASP D 307 16.99 -1.57 -20.25
N ILE D 308 16.57 -0.41 -19.73
CA ILE D 308 15.41 0.33 -20.23
C ILE D 308 15.80 1.81 -20.29
N MET D 309 15.39 2.49 -21.36
CA MET D 309 15.68 3.91 -21.54
C MET D 309 14.39 4.70 -21.80
N CYS D 310 14.19 5.78 -21.04
CA CYS D 310 13.02 6.65 -21.18
C CYS D 310 13.39 7.91 -21.95
N LEU D 311 12.68 8.19 -23.04
CA LEU D 311 12.94 9.34 -23.89
C LEU D 311 11.67 10.18 -24.04
N ALA D 312 11.84 11.50 -24.07
CA ALA D 312 10.75 12.41 -24.43
C ALA D 312 11.35 13.74 -24.82
N LYS D 313 10.62 14.84 -24.56
CA LYS D 313 11.11 16.19 -24.76
C LYS D 313 11.81 16.37 -26.11
N GLY D 314 13.14 16.38 -26.11
CA GLY D 314 13.93 16.66 -27.31
C GLY D 314 13.76 15.65 -28.43
N ILE D 315 13.19 14.47 -28.17
CA ILE D 315 13.03 13.44 -29.19
C ILE D 315 12.26 13.98 -30.40
N SER D 316 11.35 14.93 -30.17
CA SER D 316 10.59 15.55 -31.25
C SER D 316 10.94 17.03 -31.37
N SER D 317 12.02 17.47 -30.71
CA SER D 317 12.37 18.90 -30.59
C SER D 317 11.20 19.73 -30.04
N GLY D 318 10.29 19.08 -29.31
CA GLY D 318 9.15 19.76 -28.72
C GLY D 318 8.09 20.21 -29.69
N TYR D 319 8.19 19.82 -30.97
CA TYR D 319 7.25 20.31 -31.96
C TYR D 319 5.90 19.59 -31.84
N VAL D 320 5.91 18.31 -31.50
CA VAL D 320 4.70 17.51 -31.32
C VAL D 320 4.96 16.57 -30.16
N PRO D 321 4.02 16.39 -29.23
CA PRO D 321 4.24 15.50 -28.08
C PRO D 321 4.57 14.08 -28.50
N LEU D 322 5.67 13.55 -27.95
CA LEU D 322 6.06 12.17 -28.20
C LEU D 322 7.04 11.70 -27.13
N SER D 323 6.88 10.46 -26.70
CA SER D 323 7.86 9.78 -25.86
C SER D 323 8.10 8.36 -26.36
N ALA D 324 9.24 7.80 -26.00
CA ALA D 324 9.55 6.42 -26.34
C ALA D 324 10.29 5.75 -25.19
N THR D 325 9.88 4.55 -24.83
CA THR D 325 10.59 3.74 -23.85
C THR D 325 11.22 2.55 -24.58
N LEU D 326 12.55 2.48 -24.55
CA LEU D 326 13.32 1.47 -25.25
C LEU D 326 13.75 0.37 -24.31
N VAL D 327 13.75 -0.87 -24.80
CA VAL D 327 14.23 -2.01 -24.03
C VAL D 327 15.23 -2.81 -24.86
N ASN D 328 16.14 -3.48 -24.14
CA ASN D 328 17.16 -4.35 -24.71
C ASN D 328 16.62 -5.77 -24.86
N SER D 329 17.43 -6.66 -25.45
CA SER D 329 17.00 -8.03 -25.70
C SER D 329 16.66 -8.76 -24.40
N ARG D 330 17.40 -8.46 -23.32
CA ARG D 330 17.17 -9.10 -22.03
C ARG D 330 15.71 -8.98 -21.62
N VAL D 331 15.18 -7.75 -21.69
CA VAL D 331 13.80 -7.49 -21.32
C VAL D 331 12.87 -8.08 -22.35
N ALA D 332 13.08 -7.69 -23.62
CA ALA D 332 12.16 -8.05 -24.70
C ALA D 332 11.89 -9.55 -24.77
N ARG D 333 12.91 -10.39 -24.57
CA ARG D 333 12.72 -11.82 -24.77
C ARG D 333 11.77 -12.44 -23.75
N ALA D 334 11.54 -11.76 -22.61
CA ALA D 334 10.63 -12.30 -21.61
C ALA D 334 9.23 -12.51 -22.17
N TRP D 335 8.81 -11.67 -23.11
CA TRP D 335 7.48 -11.79 -23.68
C TRP D 335 7.36 -12.90 -24.71
N GLU D 336 8.48 -13.47 -25.16
CA GLU D 336 8.47 -14.52 -26.17
C GLU D 336 8.24 -15.89 -25.54
N ARG D 337 7.76 -15.92 -24.31
CA ARG D 337 7.48 -17.14 -23.56
C ARG D 337 6.02 -17.54 -23.72
N ASP D 338 5.76 -18.84 -23.56
CA ASP D 338 4.39 -19.34 -23.48
C ASP D 338 3.94 -19.14 -22.04
N ALA D 339 3.46 -17.93 -21.75
CA ALA D 339 3.10 -17.52 -20.39
C ALA D 339 1.61 -17.19 -20.26
N GLY D 340 0.82 -17.54 -21.27
CA GLY D 340 -0.61 -17.21 -21.29
C GLY D 340 -0.82 -15.71 -21.20
N PHE D 341 -1.80 -15.30 -20.39
CA PHE D 341 -2.17 -13.89 -20.37
C PHE D 341 -1.05 -12.99 -19.85
N THR D 342 -0.16 -13.54 -19.01
CA THR D 342 0.95 -12.74 -18.51
C THR D 342 1.82 -12.19 -19.63
N SER D 343 1.82 -12.82 -20.81
CA SER D 343 2.63 -12.30 -21.91
C SER D 343 1.86 -11.32 -22.79
N VAL D 344 0.62 -10.97 -22.44
CA VAL D 344 -0.09 -9.90 -23.13
C VAL D 344 0.35 -8.56 -22.54
N TYR D 345 0.95 -7.74 -23.38
CA TYR D 345 1.34 -6.37 -23.01
C TYR D 345 0.08 -5.49 -22.98
N MET D 346 -0.54 -5.40 -21.81
CA MET D 346 -1.78 -4.62 -21.68
C MET D 346 -1.47 -3.16 -21.33
N HIS D 347 -0.52 -2.58 -22.05
CA HIS D 347 -0.15 -1.18 -21.90
C HIS D 347 -0.01 -0.58 -23.29
N GLY D 348 0.04 0.74 -23.34
CA GLY D 348 0.06 1.46 -24.59
C GLY D 348 -1.15 2.35 -24.74
N TYR D 349 -0.92 3.61 -25.08
CA TYR D 349 -1.94 4.65 -25.06
C TYR D 349 -2.58 4.77 -26.44
N THR D 350 -3.77 5.37 -26.46
CA THR D 350 -4.46 5.66 -27.72
C THR D 350 -3.50 6.25 -28.74
N TYR D 351 -2.70 7.24 -28.33
CA TYR D 351 -1.83 7.97 -29.22
C TYR D 351 -0.40 7.42 -29.24
N SER D 352 -0.18 6.22 -28.69
CA SER D 352 1.09 5.52 -28.89
C SER D 352 1.36 5.33 -30.37
N GLY D 353 2.48 5.89 -30.84
CA GLY D 353 2.86 5.75 -32.23
C GLY D 353 2.09 6.68 -33.15
N HIS D 354 1.56 7.78 -32.62
CA HIS D 354 0.83 8.77 -33.40
C HIS D 354 1.66 9.13 -34.63
N PRO D 355 1.10 8.98 -35.84
CA PRO D 355 1.93 9.13 -37.04
C PRO D 355 2.51 10.53 -37.19
N VAL D 356 1.80 11.57 -36.74
CA VAL D 356 2.31 12.93 -36.86
C VAL D 356 3.45 13.13 -35.88
N SER D 357 3.26 12.70 -34.63
CA SER D 357 4.32 12.72 -33.65
C SER D 357 5.57 12.03 -34.17
N CYS D 358 5.42 10.83 -34.74
CA CYS D 358 6.55 10.04 -35.22
C CYS D 358 7.24 10.70 -36.42
N ALA D 359 6.47 11.28 -37.34
CA ALA D 359 7.08 12.02 -38.44
C ALA D 359 7.93 13.18 -37.90
N ALA D 360 7.39 13.92 -36.91
CA ALA D 360 8.14 15.02 -36.32
C ALA D 360 9.44 14.50 -35.70
N ALA D 361 9.35 13.40 -34.95
CA ALA D 361 10.52 12.84 -34.28
C ALA D 361 11.56 12.37 -35.29
N LEU D 362 11.14 11.72 -36.37
CA LEU D 362 12.09 11.30 -37.41
C LEU D 362 12.83 12.50 -37.97
N ALA D 363 12.11 13.60 -38.26
CA ALA D 363 12.79 14.79 -38.78
C ALA D 363 13.76 15.36 -37.75
N ALA D 364 13.34 15.42 -36.47
CA ALA D 364 14.18 15.99 -35.42
C ALA D 364 15.44 15.15 -35.21
N ILE D 365 15.31 13.82 -35.23
CA ILE D 365 16.46 12.92 -35.08
C ILE D 365 17.40 13.11 -36.25
N ASP D 366 16.83 13.25 -37.45
CA ASP D 366 17.67 13.52 -38.61
C ASP D 366 18.48 14.78 -38.42
N ILE D 367 17.86 15.83 -37.86
CA ILE D 367 18.61 17.07 -37.61
C ILE D 367 19.71 16.82 -36.60
N VAL D 368 19.38 16.16 -35.49
CA VAL D 368 20.36 15.90 -34.43
C VAL D 368 21.58 15.18 -34.99
N LEU D 369 21.35 14.17 -35.83
CA LEU D 369 22.48 13.38 -36.36
C LEU D 369 23.25 14.16 -37.43
N GLN D 370 22.57 14.72 -38.43
CA GLN D 370 23.28 15.36 -39.53
C GLN D 370 24.04 16.60 -39.07
N GLU D 371 23.53 17.34 -38.09
CA GLU D 371 24.20 18.54 -37.62
C GLU D 371 25.06 18.26 -36.40
N ASN D 372 25.21 16.98 -36.03
CA ASN D 372 25.98 16.51 -34.89
C ASN D 372 25.77 17.43 -33.68
N LEU D 373 24.50 17.53 -33.27
CA LEU D 373 24.14 18.43 -32.19
C LEU D 373 24.67 17.93 -30.85
N ALA D 374 24.92 16.63 -30.71
CA ALA D 374 25.53 16.12 -29.49
C ALA D 374 26.92 16.69 -29.31
N GLU D 375 27.71 16.71 -30.40
CA GLU D 375 29.06 17.25 -30.36
C GLU D 375 29.04 18.76 -30.11
N ASN D 376 28.10 19.46 -30.75
CA ASN D 376 27.95 20.90 -30.54
C ASN D 376 27.55 21.19 -29.10
N ALA D 377 26.63 20.40 -28.54
CA ALA D 377 26.30 20.56 -27.13
C ALA D 377 27.54 20.36 -26.28
N ARG D 378 28.33 19.34 -26.59
CA ARG D 378 29.54 19.07 -25.80
C ARG D 378 30.45 20.28 -25.81
N VAL D 379 30.77 20.79 -27.01
CA VAL D 379 31.77 21.83 -27.12
C VAL D 379 31.24 23.15 -26.58
N VAL D 380 30.06 23.58 -27.04
CA VAL D 380 29.52 24.86 -26.63
C VAL D 380 29.17 24.85 -25.14
N GLY D 381 28.72 23.70 -24.62
CA GLY D 381 28.44 23.58 -23.20
C GLY D 381 29.68 23.70 -22.34
N ASP D 382 30.78 23.02 -22.73
CA ASP D 382 32.03 23.20 -22.00
C ASP D 382 32.42 24.67 -21.98
N TYR D 383 32.29 25.34 -23.12
CA TYR D 383 32.59 26.78 -23.16
C TYR D 383 31.71 27.54 -22.17
N PHE D 384 30.39 27.25 -22.19
CA PHE D 384 29.43 27.90 -21.32
C PHE D 384 29.82 27.73 -19.85
N LEU D 385 30.19 26.49 -19.48
CA LEU D 385 30.53 26.19 -18.09
C LEU D 385 31.78 26.96 -17.66
N GLU D 386 32.76 27.07 -18.58
CA GLU D 386 33.94 27.87 -18.31
C GLU D 386 33.57 29.32 -17.98
N LYS D 387 32.68 29.90 -18.80
CA LYS D 387 32.28 31.29 -18.57
C LYS D 387 31.54 31.45 -17.23
N LEU D 388 30.69 30.47 -16.91
CA LEU D 388 29.97 30.51 -15.65
C LEU D 388 30.94 30.45 -14.46
N LEU D 389 32.03 29.69 -14.60
CA LEU D 389 33.03 29.62 -13.53
C LEU D 389 33.69 30.96 -13.32
N ILE D 390 33.92 31.69 -14.41
CA ILE D 390 34.46 33.05 -14.26
C ILE D 390 33.45 33.91 -13.49
N LEU D 391 32.17 33.79 -13.85
CA LEU D 391 31.12 34.52 -13.12
C LEU D 391 31.14 34.18 -11.64
N LYS D 392 31.28 32.90 -11.29
CA LYS D 392 31.36 32.47 -9.90
C LYS D 392 32.50 33.17 -9.19
N ASP D 393 33.65 33.25 -9.85
CA ASP D 393 34.77 34.00 -9.29
C ASP D 393 34.35 35.45 -9.03
N LYS D 394 33.45 35.97 -9.86
CA LYS D 394 33.12 37.40 -9.77
C LYS D 394 32.15 37.74 -8.62
N HIS D 395 31.11 36.94 -8.40
CA HIS D 395 29.98 37.36 -7.57
C HIS D 395 29.68 36.37 -6.46
N ARG D 396 29.74 36.86 -5.21
CA ARG D 396 29.65 36.02 -4.02
C ARG D 396 28.32 35.30 -3.87
N ALA D 397 27.24 35.79 -4.48
CA ALA D 397 25.97 35.09 -4.36
C ALA D 397 26.00 33.73 -5.04
N ILE D 398 26.92 33.50 -5.96
CA ILE D 398 27.03 32.21 -6.65
C ILE D 398 27.80 31.23 -5.77
N GLY D 399 27.08 30.20 -5.29
CA GLY D 399 27.67 29.17 -4.49
C GLY D 399 28.24 28.05 -5.34
N ASP D 400 27.58 27.73 -6.45
CA ASP D 400 28.04 26.58 -7.23
C ASP D 400 27.66 26.74 -8.69
N VAL D 401 28.51 26.23 -9.57
CA VAL D 401 28.20 26.13 -10.99
C VAL D 401 28.33 24.69 -11.43
N ARG D 402 27.35 24.22 -12.19
CA ARG D 402 27.33 22.83 -12.60
C ARG D 402 26.90 22.75 -14.07
N GLY D 403 27.42 21.78 -14.79
CA GLY D 403 26.97 21.57 -16.15
C GLY D 403 27.59 20.36 -16.79
N LYS D 404 26.85 19.81 -17.75
CA LYS D 404 27.40 18.88 -18.74
C LYS D 404 26.67 19.17 -20.03
N GLY D 405 27.44 19.35 -21.10
CA GLY D 405 26.86 19.78 -22.36
C GLY D 405 26.06 21.04 -22.12
N LEU D 406 24.89 21.10 -22.73
CA LEU D 406 24.03 22.27 -22.63
C LEU D 406 22.96 22.04 -21.56
N MET D 407 23.37 21.45 -20.45
CA MET D 407 22.60 21.39 -19.22
C MET D 407 23.46 22.06 -18.15
N LEU D 408 23.05 23.25 -17.69
CA LEU D 408 23.87 23.96 -16.71
C LEU D 408 22.98 24.60 -15.66
N ALA D 409 23.54 24.79 -14.47
CA ALA D 409 22.87 25.48 -13.37
C ALA D 409 23.84 26.40 -12.64
N VAL D 410 23.32 27.56 -12.21
CA VAL D 410 24.01 28.47 -11.29
C VAL D 410 23.25 28.48 -9.97
N GLU D 411 23.85 27.91 -8.92
CA GLU D 411 23.21 27.85 -7.61
C GLU D 411 23.67 29.01 -6.75
N LEU D 412 22.69 29.80 -6.31
CA LEU D 412 22.85 31.01 -5.51
C LEU D 412 22.66 30.71 -4.03
N VAL D 413 23.56 31.23 -3.20
CA VAL D 413 23.50 30.99 -1.76
C VAL D 413 23.70 32.30 -1.02
N LYS D 414 23.06 32.38 0.15
CA LYS D 414 23.21 33.58 0.98
C LYS D 414 24.61 33.62 1.62
N GLU D 415 25.24 32.48 1.83
CA GLU D 415 26.61 32.52 2.32
C GLU D 415 27.31 31.27 1.85
N ARG D 416 28.45 31.46 1.18
CA ARG D 416 29.17 30.34 0.58
C ARG D 416 29.75 29.43 1.64
N ALA D 417 30.20 30.00 2.77
CA ALA D 417 30.83 29.18 3.81
C ALA D 417 29.86 28.12 4.34
N THR D 418 28.59 28.49 4.52
CA THR D 418 27.58 27.60 5.06
C THR D 418 26.74 26.96 3.97
N LYS D 419 26.77 27.50 2.75
CA LYS D 419 25.95 27.06 1.64
C LYS D 419 24.46 27.23 1.93
N GLU D 420 24.12 28.16 2.83
CA GLU D 420 22.72 28.49 3.12
C GLU D 420 22.03 28.94 1.84
N PRO D 421 21.00 28.23 1.38
CA PRO D 421 20.34 28.62 0.13
C PRO D 421 19.39 29.80 0.34
N PHE D 422 19.14 30.49 -0.77
CA PHE D 422 17.95 31.32 -0.87
C PHE D 422 16.71 30.44 -0.88
N GLY D 423 15.69 30.86 -0.12
CA GLY D 423 14.46 30.13 -0.05
C GLY D 423 13.49 30.57 -1.12
N PRO D 424 12.40 29.82 -1.29
CA PRO D 424 11.38 30.23 -2.26
C PRO D 424 10.83 31.60 -1.95
N ALA D 425 10.87 32.03 -0.68
CA ALA D 425 10.32 33.31 -0.28
C ALA D 425 11.24 34.48 -0.60
N ASP D 426 12.52 34.22 -0.85
CA ASP D 426 13.51 35.27 -1.01
C ASP D 426 13.45 35.91 -2.40
N ALA D 427 13.93 37.15 -2.48
CA ALA D 427 13.76 37.99 -3.66
C ALA D 427 14.94 37.93 -4.63
N TYR D 428 16.16 37.63 -4.14
CA TYR D 428 17.36 37.80 -4.96
C TYR D 428 17.36 36.94 -6.22
N PRO D 429 17.11 35.61 -6.17
CA PRO D 429 17.12 34.83 -7.42
C PRO D 429 16.15 35.37 -8.46
N LEU D 430 14.96 35.78 -8.01
CA LEU D 430 13.96 36.31 -8.92
C LEU D 430 14.42 37.65 -9.49
N ALA D 431 15.15 38.44 -8.70
CA ALA D 431 15.70 39.69 -9.19
C ALA D 431 16.70 39.44 -10.32
N ILE D 432 17.60 38.47 -10.13
CA ILE D 432 18.58 38.16 -11.18
C ILE D 432 17.86 37.69 -12.44
N SER D 433 16.90 36.78 -12.28
CA SER D 433 16.13 36.26 -13.41
C SER D 433 15.41 37.39 -14.16
N GLU D 434 14.72 38.28 -13.41
CA GLU D 434 13.99 39.40 -14.02
C GLU D 434 14.93 40.36 -14.73
N ALA D 435 16.12 40.61 -14.18
CA ALA D 435 17.07 41.48 -14.89
C ALA D 435 17.47 40.86 -16.23
N CYS D 436 17.67 39.53 -16.25
CA CYS D 436 17.98 38.86 -17.51
C CYS D 436 16.82 38.96 -18.50
N VAL D 437 15.61 38.64 -18.03
CA VAL D 437 14.43 38.67 -18.90
C VAL D 437 14.20 40.07 -19.46
N ASN D 438 14.35 41.09 -18.60
CA ASN D 438 14.18 42.48 -19.03
C ASN D 438 15.31 42.96 -19.92
N ASN D 439 16.40 42.20 -20.03
CA ASN D 439 17.48 42.57 -20.94
C ASN D 439 17.66 41.52 -22.04
N GLY D 440 16.59 40.78 -22.35
CA GLY D 440 16.52 39.96 -23.55
C GLY D 440 17.03 38.54 -23.43
N VAL D 441 17.11 37.99 -22.22
CA VAL D 441 17.61 36.63 -22.00
C VAL D 441 16.59 35.90 -21.14
N MET D 442 15.98 34.85 -21.68
CA MET D 442 14.95 34.09 -20.95
C MET D 442 15.61 33.02 -20.08
N ILE D 443 15.87 33.36 -18.82
CA ILE D 443 16.36 32.42 -17.82
C ILE D 443 15.46 32.49 -16.60
N ARG D 444 14.94 31.34 -16.17
CA ARG D 444 14.10 31.23 -14.99
C ARG D 444 14.80 30.43 -13.90
N THR D 445 14.13 30.32 -12.75
CA THR D 445 14.70 29.68 -11.58
C THR D 445 13.94 28.42 -11.21
N ILE D 446 14.65 27.50 -10.58
CA ILE D 446 14.10 26.47 -9.70
C ILE D 446 14.59 26.78 -8.29
N VAL D 447 13.75 27.46 -7.51
CA VAL D 447 14.09 27.97 -6.19
C VAL D 447 15.33 28.84 -6.32
N ASN D 448 16.45 28.40 -5.77
CA ASN D 448 17.64 29.22 -5.74
C ASN D 448 18.60 28.94 -6.89
N LYS D 449 18.19 28.21 -7.91
CA LYS D 449 19.08 27.81 -9.01
C LYS D 449 18.58 28.39 -10.32
N LEU D 450 19.47 29.12 -11.02
CA LEU D 450 19.22 29.54 -12.39
C LEU D 450 19.53 28.39 -13.34
N ILE D 451 18.55 27.98 -14.14
CA ILE D 451 18.66 26.80 -15.01
C ILE D 451 18.89 27.25 -16.45
N ILE D 452 19.87 26.63 -17.11
CA ILE D 452 20.24 26.96 -18.47
C ILE D 452 20.14 25.70 -19.31
N SER D 453 19.23 25.71 -20.28
CA SER D 453 18.99 24.56 -21.15
C SER D 453 18.55 25.03 -22.54
N PRO D 454 19.39 25.74 -23.27
CA PRO D 454 18.98 26.31 -24.58
C PRO D 454 18.85 25.24 -25.65
N PRO D 455 18.38 25.59 -26.85
CA PRO D 455 18.46 24.65 -27.98
C PRO D 455 19.90 24.20 -28.22
N LEU D 456 20.04 22.99 -28.76
CA LEU D 456 21.36 22.40 -28.97
C LEU D 456 22.07 23.01 -30.17
N THR D 457 21.44 23.93 -30.88
CA THR D 457 22.04 24.72 -31.95
C THR D 457 22.73 25.98 -31.43
N PHE D 458 22.75 26.17 -30.11
CA PHE D 458 23.39 27.31 -29.48
C PHE D 458 24.83 27.44 -29.94
N THR D 459 25.28 28.67 -30.10
CA THR D 459 26.65 28.98 -30.51
C THR D 459 27.43 29.62 -29.38
N THR D 460 28.76 29.62 -29.53
CA THR D 460 29.60 30.33 -28.57
C THR D 460 29.26 31.82 -28.53
N GLU D 461 28.82 32.37 -29.67
CA GLU D 461 28.42 33.77 -29.71
C GLU D 461 27.19 33.99 -28.82
N HIS D 462 26.21 33.07 -28.91
CA HIS D 462 25.04 33.11 -28.04
C HIS D 462 25.47 33.04 -26.58
N VAL D 463 26.42 32.14 -26.27
CA VAL D 463 26.92 32.00 -24.91
C VAL D 463 27.41 33.34 -24.40
N ASP D 464 28.23 34.03 -25.20
CA ASP D 464 28.81 35.28 -24.75
C ASP D 464 27.73 36.35 -24.58
N GLU D 465 26.72 36.34 -25.47
CA GLU D 465 25.59 37.25 -25.31
C GLU D 465 24.96 37.06 -23.93
N VAL D 466 24.64 35.80 -23.61
CA VAL D 466 23.94 35.50 -22.36
C VAL D 466 24.83 35.86 -21.17
N ILE D 467 26.12 35.52 -21.25
CA ILE D 467 27.05 35.75 -20.16
C ILE D 467 27.19 37.24 -19.88
N GLU D 468 27.22 38.07 -20.92
CA GLU D 468 27.27 39.52 -20.71
C GLU D 468 26.03 39.98 -19.96
N VAL D 469 24.86 39.49 -20.38
CA VAL D 469 23.62 39.95 -19.74
C VAL D 469 23.57 39.49 -18.28
N LEU D 470 23.96 38.24 -18.02
CA LEU D 470 23.98 37.70 -16.66
C LEU D 470 24.96 38.46 -15.77
N ASP D 471 26.15 38.74 -16.30
CA ASP D 471 27.13 39.53 -15.58
C ASP D 471 26.56 40.85 -15.13
N ARG D 472 25.97 41.59 -16.07
CA ARG D 472 25.36 42.87 -15.71
C ARG D 472 24.22 42.71 -14.70
N ALA D 473 23.44 41.62 -14.81
CA ALA D 473 22.38 41.38 -13.81
C ALA D 473 22.97 41.28 -12.40
N PHE D 474 24.08 40.55 -12.26
CA PHE D 474 24.71 40.42 -10.93
C PHE D 474 25.30 41.75 -10.48
N VAL D 475 25.92 42.50 -11.39
CA VAL D 475 26.49 43.80 -11.04
C VAL D 475 25.41 44.73 -10.53
N ALA D 476 24.24 44.75 -11.20
CA ALA D 476 23.13 45.61 -10.82
C ALA D 476 22.45 45.15 -9.53
N ASN D 477 22.74 43.92 -9.06
CA ASN D 477 22.12 43.36 -7.87
C ASN D 477 23.20 42.79 -6.96
N PRO D 478 24.03 43.66 -6.38
CA PRO D 478 25.15 43.16 -5.55
C PRO D 478 24.63 42.44 -4.32
N TRP D 479 25.42 41.49 -3.83
CA TRP D 479 25.03 40.79 -2.62
C TRP D 479 26.19 40.95 -1.66
#